data_6VW7
#
_entry.id   6VW7
#
_cell.length_a   132.656
_cell.length_b   127.050
_cell.length_c   99.840
_cell.angle_alpha   90.000
_cell.angle_beta   123.500
_cell.angle_gamma   90.000
#
_symmetry.space_group_name_H-M   'C 1 2 1'
#
loop_
_entity.id
_entity.type
_entity.pdbx_description
1 polymer 'NAD-dependent formate dehydrogenase gamma subunit'
2 polymer 'NAD-dependent formate dehydrogenase beta subunit'
3 non-polymer 'FE2/S2 (INORGANIC) CLUSTER'
4 non-polymer 'FLAVIN MONONUCLEOTIDE'
5 non-polymer 'IRON/SULFUR CLUSTER'
6 non-polymer '1,4-DIHYDRONICOTINAMIDE ADENINE DINUCLEOTIDE'
7 water water
#
loop_
_entity_poly.entity_id
_entity_poly.type
_entity_poly.pdbx_seq_one_letter_code
_entity_poly.pdbx_strand_id
1 'polypeptide(L)'
;MPEISPHAPASADATRIAAIVAARQDIPGALLPILHEIQDTQGYIPDAAVPVIARALNLSRAEVHGVITFYHHFRQQPAG
RHVVQVCRAEACQSVGAEALAEHAQRALGCGFHETTADGQVTLEPVYCLGQCACGPAVMVGEQLHGYVDARRFDALVRSL
RESSAEKTTEAAEAQA
;
A,C
2 'polypeptide(L)'
;MITITTIFVPRDSTALALGADDVARAIAREAAARNEHVRIVRNGSRGMFWLEPLVEVQTGAGRVAYGPVSAADVPGLFDA
GLLQGGEHALSQGVTEEIPFLKQQERLTFARVGITDPLSLDDYRAHEGFAGLERALAMQPAEIVQEVTDSGLRGRGGAAF
PTGIKWKTVLGAQSAVKYIVCNADEGDSGTFSDRMVMEDDPFMLIEGMTIAALAVGAEQGYIYCRSEYPHAIAVLESAIG
IANAAGWLGDDIRGSGKRFHLEVRKGAGAYVCGEETALLESLEGRRGVVRAKPPLPALQGLFGKPTVINNVISLATVPVI
LARGAQYYRDYGMGRSRGTLPFQLAGNIKQGGLVEKAFGVTLRELLVDYGGGTRSGRAIRAVQVGGPLGAYLPESRFDVP
LDYEAYAAFGGVVGHGGIVVFDETVDMAKQARYAMEFCAIESCGKCTPCRIGSTRGVEVMDRIIAGEQPVKHVALVRDLC
DTMLNGSLCAMGGMTPYPVLSALNEFPEDFGLASNPAKAA
;
B,D
#
loop_
_chem_comp.id
_chem_comp.type
_chem_comp.name
_chem_comp.formula
FES non-polymer 'FE2/S2 (INORGANIC) CLUSTER' 'Fe2 S2'
FMN non-polymer 'FLAVIN MONONUCLEOTIDE' 'C17 H21 N4 O9 P'
NAI non-polymer '1,4-DIHYDRONICOTINAMIDE ADENINE DINUCLEOTIDE' 'C21 H29 N7 O14 P2'
SF4 non-polymer 'IRON/SULFUR CLUSTER' 'Fe4 S4'
#
# COMPACT_ATOMS: atom_id res chain seq x y z
N ALA A 12 25.21 14.21 25.74
CA ALA A 12 24.46 15.45 25.55
C ALA A 12 25.36 16.51 24.91
N ASP A 13 24.81 17.23 23.94
CA ASP A 13 25.57 18.17 23.11
C ASP A 13 25.44 19.56 23.72
N ALA A 14 26.47 19.97 24.46
CA ALA A 14 26.45 21.26 25.14
C ALA A 14 26.31 22.41 24.15
N THR A 15 26.99 22.34 22.99
CA THR A 15 26.88 23.44 22.03
C THR A 15 25.46 23.55 21.48
N ARG A 16 24.83 22.42 21.15
CA ARG A 16 23.46 22.48 20.67
C ARG A 16 22.52 22.99 21.75
N ILE A 17 22.78 22.66 23.02
CA ILE A 17 21.94 23.17 24.11
C ILE A 17 21.98 24.70 24.16
N ALA A 18 23.18 25.28 23.99
CA ALA A 18 23.29 26.73 24.00
C ALA A 18 22.49 27.36 22.85
N ALA A 19 22.51 26.71 21.68
CA ALA A 19 21.74 27.23 20.55
C ALA A 19 20.24 27.09 20.79
N ILE A 20 19.83 25.94 21.32
CA ILE A 20 18.41 25.73 21.64
C ILE A 20 17.91 26.85 22.55
N VAL A 21 18.70 27.18 23.58
CA VAL A 21 18.34 28.23 24.52
C VAL A 21 18.30 29.58 23.81
N ALA A 22 19.33 29.85 22.98
CA ALA A 22 19.45 31.15 22.33
C ALA A 22 18.31 31.40 21.35
N ALA A 23 17.83 30.35 20.67
CA ALA A 23 16.72 30.53 19.74
C ALA A 23 15.41 30.82 20.47
N ARG A 24 15.31 30.44 21.73
CA ARG A 24 14.04 30.56 22.46
C ARG A 24 14.05 31.65 23.51
N GLN A 25 15.15 32.37 23.66
CA GLN A 25 15.34 33.13 24.89
C GLN A 25 14.40 34.34 24.99
N ASP A 26 13.78 34.76 23.88
CA ASP A 26 12.82 35.86 23.93
C ASP A 26 11.37 35.38 23.82
N ILE A 27 11.11 34.09 23.92
CA ILE A 27 9.73 33.59 23.91
C ILE A 27 9.10 33.86 25.28
N PRO A 28 7.87 34.37 25.33
CA PRO A 28 7.17 34.53 26.62
C PRO A 28 7.06 33.21 27.37
N GLY A 29 7.59 33.17 28.59
CA GLY A 29 7.59 31.94 29.36
C GLY A 29 8.38 30.83 28.68
N ALA A 30 9.61 31.14 28.26
CA ALA A 30 10.39 30.24 27.44
C ALA A 30 10.92 29.00 28.17
N LEU A 31 10.89 28.96 29.51
CA LEU A 31 11.63 27.92 30.21
C LEU A 31 11.14 26.51 29.86
N LEU A 32 9.82 26.26 29.94
CA LEU A 32 9.31 24.92 29.60
C LEU A 32 9.55 24.54 28.14
N PRO A 33 9.28 25.40 27.14
CA PRO A 33 9.68 25.03 25.76
C PRO A 33 11.16 24.73 25.63
N ILE A 34 12.00 25.46 26.36
CA ILE A 34 13.44 25.18 26.32
C ILE A 34 13.73 23.81 26.91
N LEU A 35 13.16 23.52 28.08
CA LEU A 35 13.42 22.24 28.72
C LEU A 35 12.92 21.08 27.86
N HIS A 36 11.75 21.25 27.23
CA HIS A 36 11.24 20.23 26.30
C HIS A 36 12.21 20.01 25.13
N GLU A 37 12.71 21.08 24.52
CA GLU A 37 13.56 20.90 23.35
C GLU A 37 14.90 20.24 23.72
N ILE A 38 15.46 20.61 24.87
CA ILE A 38 16.68 19.94 25.36
C ILE A 38 16.40 18.45 25.59
N GLN A 39 15.35 18.14 26.35
CA GLN A 39 15.02 16.73 26.60
C GLN A 39 14.69 15.99 25.32
N ASP A 40 13.95 16.63 24.40
CA ASP A 40 13.57 15.97 23.15
C ASP A 40 14.79 15.63 22.31
N THR A 41 15.81 16.49 22.30
CA THR A 41 16.95 16.27 21.43
C THR A 41 18.11 15.53 22.12
N GLN A 42 18.31 15.73 23.42
CA GLN A 42 19.43 15.13 24.12
C GLN A 42 19.06 13.94 24.97
N GLY A 43 17.77 13.77 25.29
CA GLY A 43 17.28 12.68 26.10
C GLY A 43 17.02 13.05 27.55
N TYR A 44 17.58 14.15 28.02
CA TYR A 44 17.46 14.57 29.42
C TYR A 44 17.93 16.01 29.50
N ILE A 45 17.79 16.62 30.67
CA ILE A 45 18.32 17.95 30.87
C ILE A 45 19.56 17.84 31.75
N PRO A 46 20.75 18.00 31.21
CA PRO A 46 21.96 17.85 32.02
C PRO A 46 22.08 19.00 33.00
N ASP A 47 22.67 18.71 34.18
CA ASP A 47 22.89 19.74 35.17
C ASP A 47 23.68 20.91 34.59
N ALA A 48 24.61 20.61 33.66
CA ALA A 48 25.44 21.66 33.09
C ALA A 48 24.66 22.60 32.19
N ALA A 49 23.43 22.27 31.81
CA ALA A 49 22.63 23.21 31.03
C ALA A 49 22.01 24.30 31.88
N VAL A 50 21.82 24.04 33.19
CA VAL A 50 21.09 24.99 34.02
C VAL A 50 21.72 26.38 34.02
N PRO A 51 23.05 26.54 34.21
CA PRO A 51 23.61 27.90 34.15
C PRO A 51 23.37 28.58 32.82
N VAL A 52 23.39 27.83 31.72
CA VAL A 52 23.16 28.42 30.41
C VAL A 52 21.73 28.93 30.31
N ILE A 53 20.77 28.11 30.72
CA ILE A 53 19.37 28.53 30.71
C ILE A 53 19.18 29.73 31.62
N ALA A 54 19.70 29.66 32.85
CA ALA A 54 19.51 30.72 33.83
C ALA A 54 19.98 32.06 33.29
N ARG A 55 21.20 32.11 32.76
CA ARG A 55 21.75 33.36 32.24
C ARG A 55 20.89 33.91 31.11
N ALA A 56 20.45 33.06 30.17
CA ALA A 56 19.73 33.58 29.02
C ALA A 56 18.35 34.12 29.39
N LEU A 57 17.69 33.53 30.38
CA LEU A 57 16.36 33.96 30.79
C LEU A 57 16.37 34.92 31.98
N ASN A 58 17.56 35.35 32.41
CA ASN A 58 17.69 36.20 33.59
CA ASN A 58 17.68 36.21 33.59
C ASN A 58 16.94 35.60 34.78
N LEU A 59 17.16 34.30 35.00
CA LEU A 59 16.61 33.57 36.13
C LEU A 59 17.76 33.07 36.99
N SER A 60 17.47 32.73 38.23
CA SER A 60 18.53 32.12 39.04
C SER A 60 18.66 30.65 38.70
N ARG A 61 19.83 30.09 39.00
CA ARG A 61 20.04 28.66 38.78
C ARG A 61 19.09 27.84 39.64
N ALA A 62 18.85 28.27 40.88
CA ALA A 62 17.94 27.52 41.76
C ALA A 62 16.52 27.53 41.20
N GLU A 63 16.10 28.66 40.63
CA GLU A 63 14.78 28.73 40.01
C GLU A 63 14.64 27.70 38.90
N VAL A 64 15.62 27.64 37.99
CA VAL A 64 15.57 26.70 36.89
C VAL A 64 15.57 25.27 37.41
N HIS A 65 16.48 24.95 38.34
CA HIS A 65 16.52 23.61 38.93
CA HIS A 65 16.51 23.60 38.89
C HIS A 65 15.19 23.26 39.58
N GLY A 66 14.55 24.22 40.22
CA GLY A 66 13.27 23.95 40.88
C GLY A 66 12.17 23.60 39.89
N VAL A 67 12.19 24.23 38.71
CA VAL A 67 11.23 23.88 37.68
C VAL A 67 11.49 22.47 37.17
N ILE A 68 12.76 22.15 36.87
CA ILE A 68 13.10 20.81 36.39
C ILE A 68 12.64 19.75 37.40
N THR A 69 12.86 20.02 38.69
CA THR A 69 12.50 19.07 39.74
C THR A 69 10.99 18.97 39.92
N PHE A 70 10.26 20.07 39.71
CA PHE A 70 8.82 20.07 39.97
C PHE A 70 8.07 19.15 38.99
N TYR A 71 8.46 19.17 37.73
CA TYR A 71 7.67 18.54 36.68
C TYR A 71 8.17 17.12 36.42
N HIS A 72 7.31 16.14 36.65
CA HIS A 72 7.73 14.74 36.53
CA HIS A 72 7.68 14.73 36.52
C HIS A 72 8.09 14.34 35.11
N HIS A 73 7.62 15.08 34.10
CA HIS A 73 7.99 14.72 32.74
C HIS A 73 9.49 14.84 32.51
N PHE A 74 10.17 15.77 33.18
CA PHE A 74 11.57 16.09 32.89
C PHE A 74 12.49 15.14 33.63
N ARG A 75 13.50 14.62 32.95
CA ARG A 75 14.50 13.76 33.58
CA ARG A 75 14.49 13.79 33.61
C ARG A 75 15.86 14.44 33.51
N GLN A 76 16.66 14.26 34.57
CA GLN A 76 17.99 14.85 34.66
C GLN A 76 19.10 13.85 34.36
N GLN A 77 18.76 12.61 34.05
CA GLN A 77 19.73 11.60 33.65
C GLN A 77 19.11 10.78 32.53
N PRO A 78 19.92 10.21 31.64
CA PRO A 78 19.35 9.48 30.50
C PRO A 78 18.48 8.31 30.98
N ALA A 79 17.41 8.05 30.23
CA ALA A 79 16.60 6.86 30.45
C ALA A 79 17.20 5.70 29.68
N GLY A 80 16.64 4.51 29.84
CA GLY A 80 17.05 3.38 29.01
C GLY A 80 16.67 3.63 27.57
N ARG A 81 16.90 2.66 26.68
CA ARG A 81 16.59 2.85 25.26
C ARG A 81 15.11 3.19 25.06
N HIS A 82 14.21 2.50 25.79
CA HIS A 82 12.77 2.71 25.65
C HIS A 82 12.16 3.04 27.00
N VAL A 83 11.34 4.09 27.03
CA VAL A 83 10.55 4.44 28.21
C VAL A 83 9.16 3.85 28.01
N VAL A 84 8.82 2.87 28.83
CA VAL A 84 7.53 2.22 28.79
C VAL A 84 6.70 2.81 29.93
N GLN A 85 5.63 3.56 29.59
CA GLN A 85 4.72 4.16 30.56
C GLN A 85 3.49 3.28 30.70
N VAL A 86 3.20 2.87 31.95
CA VAL A 86 2.02 2.07 32.27
C VAL A 86 1.03 2.95 33.02
N CYS A 87 -0.19 3.07 32.49
CA CYS A 87 -1.17 3.91 33.14
C CYS A 87 -1.63 3.29 34.46
N ARG A 88 -1.67 4.12 35.51
CA ARG A 88 -2.04 3.70 36.85
C ARG A 88 -3.33 4.34 37.34
N ALA A 89 -4.01 5.10 36.49
CA ALA A 89 -5.17 5.90 36.91
C ALA A 89 -6.45 5.06 36.86
N GLU A 90 -7.57 5.71 37.22
CA GLU A 90 -8.77 4.99 37.63
C GLU A 90 -9.36 4.11 36.52
N ALA A 91 -9.50 4.64 35.30
CA ALA A 91 -10.19 3.83 34.29
C ALA A 91 -9.38 2.58 33.96
N CYS A 92 -8.07 2.72 33.80
CA CYS A 92 -7.25 1.54 33.60
C CYS A 92 -7.25 0.61 34.82
N GLN A 93 -7.30 1.17 36.03
CA GLN A 93 -7.45 0.35 37.24
C GLN A 93 -8.66 -0.56 37.14
N SER A 94 -9.79 -0.01 36.66
CA SER A 94 -11.04 -0.74 36.62
C SER A 94 -11.00 -1.94 35.68
N VAL A 95 -10.03 -1.98 34.77
CA VAL A 95 -9.90 -3.12 33.86
C VAL A 95 -8.53 -3.79 34.01
N GLY A 96 -7.90 -3.66 35.16
CA GLY A 96 -6.77 -4.47 35.52
C GLY A 96 -5.39 -3.83 35.52
N ALA A 97 -5.30 -2.50 35.60
CA ALA A 97 -3.98 -1.86 35.54
C ALA A 97 -3.08 -2.30 36.70
N GLU A 98 -3.67 -2.63 37.86
CA GLU A 98 -2.84 -2.95 39.02
C GLU A 98 -2.09 -4.26 38.83
N ALA A 99 -2.77 -5.29 38.33
CA ALA A 99 -2.10 -6.55 38.05
C ALA A 99 -1.06 -6.39 36.94
N LEU A 100 -1.38 -5.58 35.93
CA LEU A 100 -0.43 -5.34 34.84
C LEU A 100 0.85 -4.71 35.37
N ALA A 101 0.71 -3.74 36.30
CA ALA A 101 1.89 -3.09 36.89
C ALA A 101 2.71 -4.07 37.70
N GLU A 102 2.06 -4.97 38.43
CA GLU A 102 2.80 -6.00 39.17
C GLU A 102 3.52 -6.93 38.21
N HIS A 103 2.85 -7.34 37.14
CA HIS A 103 3.49 -8.22 36.17
C HIS A 103 4.66 -7.54 35.49
N ALA A 104 4.48 -6.27 35.10
CA ALA A 104 5.55 -5.57 34.38
C ALA A 104 6.83 -5.54 35.20
N GLN A 105 6.72 -5.34 36.50
CA GLN A 105 7.91 -5.29 37.35
C GLN A 105 8.55 -6.68 37.47
N ARG A 106 7.74 -7.74 37.56
CA ARG A 106 8.30 -9.08 37.58
C ARG A 106 8.96 -9.42 36.25
N ALA A 107 8.31 -9.10 35.13
CA ALA A 107 8.85 -9.46 33.83
C ALA A 107 10.11 -8.67 33.51
N LEU A 108 10.16 -7.41 33.93
CA LEU A 108 11.32 -6.57 33.70
C LEU A 108 12.37 -6.63 34.81
N GLY A 109 11.99 -7.08 36.01
CA GLY A 109 12.94 -7.16 37.10
C GLY A 109 13.30 -5.84 37.74
N CYS A 110 12.46 -4.82 37.61
CA CYS A 110 12.73 -3.52 38.21
C CYS A 110 11.41 -2.86 38.57
N GLY A 111 11.47 -1.88 39.47
CA GLY A 111 10.30 -1.14 39.86
C GLY A 111 10.04 0.06 38.96
N PHE A 112 9.01 0.82 39.33
CA PHE A 112 8.72 2.06 38.65
C PHE A 112 9.83 3.07 38.88
N HIS A 113 10.02 3.96 37.91
CA HIS A 113 11.11 4.94 37.90
C HIS A 113 12.48 4.28 37.85
N GLU A 114 12.54 3.00 37.46
CA GLU A 114 13.81 2.29 37.33
C GLU A 114 14.00 1.78 35.90
N THR A 115 15.23 1.37 35.62
CA THR A 115 15.64 0.88 34.31
C THR A 115 16.17 -0.54 34.43
N THR A 116 15.85 -1.37 33.44
CA THR A 116 16.28 -2.76 33.45
C THR A 116 17.79 -2.87 33.49
N ALA A 117 18.28 -4.05 33.90
CA ALA A 117 19.71 -4.25 34.05
C ALA A 117 20.45 -4.17 32.72
N ASP A 118 19.81 -4.60 31.63
CA ASP A 118 20.39 -4.46 30.29
C ASP A 118 20.18 -3.08 29.68
N GLY A 119 19.61 -2.14 30.43
CA GLY A 119 19.42 -0.78 29.96
C GLY A 119 18.45 -0.59 28.82
N GLN A 120 17.63 -1.59 28.49
CA GLN A 120 16.75 -1.48 27.34
C GLN A 120 15.43 -0.79 27.64
N VAL A 121 14.91 -0.94 28.86
CA VAL A 121 13.58 -0.43 29.20
C VAL A 121 13.67 0.37 30.49
N THR A 122 13.09 1.56 30.49
CA THR A 122 12.80 2.32 31.71
C THR A 122 11.29 2.25 31.94
N LEU A 123 10.90 1.77 33.12
CA LEU A 123 9.51 1.61 33.49
C LEU A 123 9.04 2.84 34.27
N GLU A 124 8.00 3.52 33.76
CA GLU A 124 7.46 4.72 34.37
C GLU A 124 5.96 4.62 34.53
N PRO A 125 5.39 5.18 35.61
CA PRO A 125 3.94 5.31 35.68
C PRO A 125 3.50 6.54 34.91
N VAL A 126 2.28 6.49 34.41
CA VAL A 126 1.61 7.65 33.85
C VAL A 126 0.19 7.64 34.39
N TYR A 127 -0.40 8.83 34.53
CA TYR A 127 -1.73 8.99 35.13
C TYR A 127 -2.70 9.47 34.07
N CYS A 128 -3.22 8.51 33.31
CA CYS A 128 -4.16 8.64 32.19
C CYS A 128 -3.48 9.08 30.90
N LEU A 129 -3.69 8.29 29.85
CA LEU A 129 -3.24 8.63 28.50
C LEU A 129 -4.38 9.08 27.60
N GLY A 130 -5.56 9.35 28.18
CA GLY A 130 -6.71 9.63 27.36
C GLY A 130 -7.16 8.45 26.53
N GLN A 131 -6.80 7.24 26.95
CA GLN A 131 -7.19 5.99 26.32
C GLN A 131 -8.15 5.19 27.21
N CYS A 132 -8.94 5.91 28.00
CA CYS A 132 -9.62 5.36 29.17
C CYS A 132 -10.70 4.32 28.85
N ALA A 133 -11.17 4.28 27.61
CA ALA A 133 -12.14 3.28 27.21
C ALA A 133 -11.52 2.03 26.56
N CYS A 134 -10.19 1.97 26.45
CA CYS A 134 -9.56 0.80 25.85
CA CYS A 134 -9.53 0.82 25.84
C CYS A 134 -8.29 0.42 26.61
N GLY A 135 -8.35 0.54 27.94
CA GLY A 135 -7.23 0.16 28.78
C GLY A 135 -7.21 -1.32 29.06
N PRO A 136 -6.24 -1.79 29.87
CA PRO A 136 -5.14 -0.99 30.43
C PRO A 136 -4.23 -0.44 29.32
N ALA A 137 -3.80 0.81 29.49
CA ALA A 137 -3.10 1.53 28.44
C ALA A 137 -1.61 1.59 28.76
N VAL A 138 -0.80 1.52 27.70
CA VAL A 138 0.66 1.63 27.79
C VAL A 138 1.13 2.49 26.63
N MET A 139 2.11 3.34 26.89
CA MET A 139 2.78 4.12 25.85
C MET A 139 4.27 3.81 25.87
N VAL A 140 4.83 3.54 24.69
CA VAL A 140 6.27 3.34 24.52
C VAL A 140 6.75 4.40 23.54
N GLY A 141 7.56 5.33 24.05
CA GLY A 141 7.91 6.50 23.28
C GLY A 141 6.66 7.31 23.07
N GLU A 142 6.14 7.29 21.84
CA GLU A 142 4.85 7.88 21.54
C GLU A 142 3.90 6.86 20.92
N GLN A 143 4.22 5.57 20.99
CA GLN A 143 3.36 4.52 20.46
C GLN A 143 2.44 3.99 21.55
N LEU A 144 1.13 4.05 21.32
CA LEU A 144 0.15 3.61 22.30
C LEU A 144 -0.25 2.16 22.08
N HIS A 145 -0.61 1.50 23.19
CA HIS A 145 -1.12 0.13 23.15
C HIS A 145 -2.29 0.06 24.10
N GLY A 146 -3.40 -0.53 23.65
CA GLY A 146 -4.60 -0.68 24.44
C GLY A 146 -4.85 -2.15 24.75
N TYR A 147 -5.74 -2.37 25.71
CA TYR A 147 -6.17 -3.70 26.15
C TYR A 147 -4.99 -4.54 26.59
N VAL A 148 -4.06 -3.95 27.34
CA VAL A 148 -2.78 -4.61 27.59
C VAL A 148 -2.91 -5.56 28.77
N ASP A 149 -2.68 -6.84 28.53
CA ASP A 149 -2.58 -7.83 29.58
C ASP A 149 -1.14 -8.36 29.63
N ALA A 150 -0.91 -9.36 30.48
CA ALA A 150 0.46 -9.86 30.68
C ALA A 150 1.04 -10.39 29.38
N ARG A 151 0.24 -11.11 28.59
CA ARG A 151 0.75 -11.62 27.31
C ARG A 151 1.13 -10.49 26.39
N ARG A 152 0.22 -9.52 26.16
CA ARG A 152 0.53 -8.45 25.22
C ARG A 152 1.69 -7.60 25.71
N PHE A 153 1.82 -7.41 27.03
CA PHE A 153 2.96 -6.66 27.55
C PHE A 153 4.27 -7.35 27.18
N ASP A 154 4.39 -8.64 27.48
CA ASP A 154 5.62 -9.37 27.15
C ASP A 154 5.89 -9.32 25.65
N ALA A 155 4.84 -9.41 24.83
CA ALA A 155 5.01 -9.34 23.39
C ALA A 155 5.59 -8.00 22.97
N LEU A 156 5.03 -6.90 23.49
CA LEU A 156 5.52 -5.59 23.05
C LEU A 156 6.92 -5.31 23.58
N VAL A 157 7.26 -5.82 24.77
CA VAL A 157 8.62 -5.68 25.27
C VAL A 157 9.60 -6.50 24.43
N ARG A 158 9.16 -7.70 24.02
CA ARG A 158 9.96 -8.52 23.12
C ARG A 158 10.28 -7.77 21.83
N SER A 159 9.27 -7.08 21.27
CA SER A 159 9.47 -6.32 20.03
C SER A 159 10.51 -5.22 20.19
N LEU A 160 10.52 -4.55 21.34
CA LEU A 160 11.51 -3.51 21.59
C LEU A 160 12.93 -4.09 21.52
N ARG A 161 13.18 -5.13 22.31
CA ARG A 161 14.49 -5.78 22.34
C ARG A 161 14.86 -6.43 21.01
N ILE B 2 -9.57 5.27 -13.15
CA ILE B 2 -10.87 5.87 -13.44
C ILE B 2 -11.77 5.72 -12.20
N THR B 3 -11.85 4.50 -11.66
CA THR B 3 -12.71 4.20 -10.52
C THR B 3 -11.88 4.11 -9.24
N ILE B 4 -12.12 5.02 -8.30
CA ILE B 4 -11.38 5.09 -7.04
C ILE B 4 -12.37 5.00 -5.88
N THR B 5 -12.15 4.04 -4.98
CA THR B 5 -12.99 3.87 -3.80
C THR B 5 -12.39 4.60 -2.62
N THR B 6 -13.19 5.42 -1.95
CA THR B 6 -12.74 6.13 -0.76
C THR B 6 -12.96 5.25 0.46
N ILE B 7 -11.89 5.01 1.20
CA ILE B 7 -11.93 4.21 2.43
C ILE B 7 -11.46 5.08 3.58
N PHE B 8 -12.15 4.99 4.70
CA PHE B 8 -11.79 5.76 5.90
C PHE B 8 -11.18 4.83 6.94
N VAL B 9 -10.00 5.19 7.41
CA VAL B 9 -9.36 4.48 8.52
C VAL B 9 -8.98 5.53 9.57
N PRO B 10 -9.57 5.52 10.77
CA PRO B 10 -9.29 6.60 11.73
C PRO B 10 -7.82 6.72 12.10
N ARG B 11 -7.44 7.95 12.45
CA ARG B 11 -6.09 8.25 12.93
C ARG B 11 -6.13 8.79 14.36
N ASP B 12 -7.29 8.79 15.00
CA ASP B 12 -7.37 9.11 16.42
C ASP B 12 -6.44 8.19 17.22
N SER B 13 -5.82 8.74 18.27
CA SER B 13 -4.82 7.98 19.01
C SER B 13 -5.38 6.69 19.63
N THR B 14 -6.67 6.65 19.97
CA THR B 14 -7.28 5.38 20.41
C THR B 14 -7.33 4.36 19.27
N ALA B 15 -7.75 4.80 18.09
CA ALA B 15 -7.71 3.91 16.93
C ALA B 15 -6.27 3.48 16.65
N LEU B 16 -5.32 4.41 16.77
CA LEU B 16 -3.91 4.06 16.57
C LEU B 16 -3.44 3.03 17.60
N ALA B 17 -3.86 3.20 18.86
CA ALA B 17 -3.50 2.25 19.91
C ALA B 17 -4.04 0.86 19.63
N LEU B 18 -5.13 0.78 18.86
CA LEU B 18 -5.74 -0.50 18.54
C LEU B 18 -5.38 -0.99 17.15
N GLY B 19 -4.35 -0.40 16.53
CA GLY B 19 -3.77 -0.95 15.31
C GLY B 19 -4.18 -0.28 14.02
N ALA B 20 -4.69 0.95 14.05
CA ALA B 20 -5.26 1.55 12.84
C ALA B 20 -4.22 1.80 11.75
N ASP B 21 -3.00 2.19 12.11
CA ASP B 21 -1.97 2.39 11.08
C ASP B 21 -1.67 1.09 10.36
N ASP B 22 -1.60 -0.02 11.10
CA ASP B 22 -1.37 -1.32 10.48
C ASP B 22 -2.53 -1.69 9.57
N VAL B 23 -3.77 -1.37 9.98
CA VAL B 23 -4.90 -1.62 9.10
C VAL B 23 -4.77 -0.83 7.80
N ALA B 24 -4.39 0.45 7.92
CA ALA B 24 -4.31 1.31 6.75
C ALA B 24 -3.24 0.80 5.79
N ARG B 25 -2.09 0.38 6.31
CA ARG B 25 -1.05 -0.19 5.46
C ARG B 25 -1.50 -1.52 4.86
N ALA B 26 -2.22 -2.33 5.62
CA ALA B 26 -2.70 -3.60 5.05
C ALA B 26 -3.71 -3.37 3.93
N ILE B 27 -4.58 -2.36 4.07
CA ILE B 27 -5.53 -2.02 3.01
C ILE B 27 -4.80 -1.53 1.76
N ALA B 28 -3.77 -0.70 1.95
CA ALA B 28 -2.99 -0.22 0.83
C ALA B 28 -2.27 -1.37 0.13
N ARG B 29 -1.63 -2.24 0.92
CA ARG B 29 -0.92 -3.38 0.35
C ARG B 29 -1.89 -4.31 -0.38
N GLU B 30 -3.08 -4.56 0.19
CA GLU B 30 -4.04 -5.45 -0.45
C GLU B 30 -4.57 -4.86 -1.76
N ALA B 31 -4.89 -3.56 -1.75
CA ALA B 31 -5.34 -2.90 -2.96
C ALA B 31 -4.30 -3.02 -4.06
N ALA B 32 -3.03 -2.81 -3.72
CA ALA B 32 -1.95 -2.94 -4.69
C ALA B 32 -1.84 -4.38 -5.20
N ALA B 33 -1.99 -5.35 -4.30
CA ALA B 33 -1.89 -6.76 -4.70
C ALA B 33 -3.00 -7.15 -5.66
N ARG B 34 -4.15 -6.47 -5.60
CA ARG B 34 -5.30 -6.76 -6.45
C ARG B 34 -5.47 -5.75 -7.59
N ASN B 35 -4.53 -4.82 -7.76
CA ASN B 35 -4.62 -3.79 -8.80
C ASN B 35 -5.94 -3.03 -8.73
N GLU B 36 -6.30 -2.59 -7.51
CA GLU B 36 -7.48 -1.78 -7.29
C GLU B 36 -7.07 -0.45 -6.67
N HIS B 37 -7.78 0.61 -7.05
CA HIS B 37 -7.43 1.97 -6.67
C HIS B 37 -8.32 2.41 -5.51
N VAL B 38 -7.69 2.78 -4.41
CA VAL B 38 -8.41 3.26 -3.23
C VAL B 38 -7.78 4.58 -2.80
N ARG B 39 -8.58 5.42 -2.15
CA ARG B 39 -8.07 6.60 -1.45
C ARG B 39 -8.37 6.38 0.03
N ILE B 40 -7.30 6.20 0.82
CA ILE B 40 -7.43 5.91 2.23
C ILE B 40 -7.41 7.24 2.97
N VAL B 41 -8.59 7.69 3.40
CA VAL B 41 -8.71 8.93 4.16
C VAL B 41 -8.53 8.61 5.64
N ARG B 42 -7.61 9.32 6.31
CA ARG B 42 -7.40 9.10 7.73
C ARG B 42 -8.27 10.10 8.48
N ASN B 43 -9.47 9.65 8.84
CA ASN B 43 -10.45 10.48 9.53
C ASN B 43 -10.18 10.48 11.04
N GLY B 44 -10.89 11.37 11.74
CA GLY B 44 -10.99 11.24 13.17
C GLY B 44 -11.77 9.97 13.47
N SER B 45 -12.00 9.72 14.76
CA SER B 45 -12.78 8.57 15.16
C SER B 45 -14.22 9.00 15.45
N ARG B 46 -15.16 8.13 15.08
CA ARG B 46 -16.56 8.34 15.43
C ARG B 46 -16.79 8.28 16.93
N GLY B 47 -15.84 7.77 17.70
CA GLY B 47 -15.96 7.68 19.13
C GLY B 47 -16.68 6.46 19.62
N MET B 48 -16.75 5.41 18.80
CA MET B 48 -17.29 4.11 19.21
C MET B 48 -16.10 3.18 19.35
N PHE B 49 -15.45 3.24 20.52
CA PHE B 49 -14.10 2.69 20.65
C PHE B 49 -14.08 1.16 20.68
N TRP B 50 -15.17 0.53 21.09
CA TRP B 50 -15.18 -0.93 21.04
C TRP B 50 -15.23 -1.46 19.61
N LEU B 51 -15.50 -0.61 18.62
CA LEU B 51 -15.48 -0.96 17.20
C LEU B 51 -14.22 -0.45 16.48
N GLU B 52 -13.28 0.15 17.19
CA GLU B 52 -12.06 0.64 16.52
C GLU B 52 -11.00 -0.45 16.42
N PRO B 53 -10.22 -0.51 15.32
CA PRO B 53 -10.29 0.39 14.17
C PRO B 53 -11.57 0.18 13.34
N LEU B 54 -12.28 1.27 13.09
CA LEU B 54 -13.57 1.24 12.41
C LEU B 54 -13.36 1.70 10.98
N VAL B 55 -13.29 0.75 10.05
CA VAL B 55 -13.08 1.07 8.65
C VAL B 55 -14.42 1.43 8.02
N GLU B 56 -14.46 2.53 7.29
CA GLU B 56 -15.66 2.90 6.55
C GLU B 56 -15.38 2.95 5.05
N VAL B 57 -16.39 2.63 4.26
CA VAL B 57 -16.29 2.67 2.80
C VAL B 57 -17.39 3.56 2.28
N GLN B 58 -17.05 4.52 1.42
CA GLN B 58 -18.08 5.30 0.75
C GLN B 58 -18.75 4.46 -0.33
N THR B 59 -20.07 4.27 -0.22
CA THR B 59 -20.87 3.56 -1.21
C THR B 59 -22.01 4.44 -1.68
N GLY B 60 -22.82 3.90 -2.60
CA GLY B 60 -24.01 4.60 -3.05
C GLY B 60 -25.02 4.84 -1.95
N ALA B 61 -25.05 3.97 -0.94
CA ALA B 61 -25.96 4.08 0.20
C ALA B 61 -25.43 4.99 1.30
N GLY B 62 -24.28 5.62 1.11
CA GLY B 62 -23.61 6.34 2.16
C GLY B 62 -22.40 5.55 2.66
N ARG B 63 -21.81 6.05 3.73
CA ARG B 63 -20.68 5.36 4.34
C ARG B 63 -21.17 4.17 5.16
N VAL B 64 -20.58 3.01 4.88
CA VAL B 64 -20.86 1.79 5.63
C VAL B 64 -19.59 1.43 6.40
N ALA B 65 -19.77 0.78 7.55
CA ALA B 65 -18.70 0.61 8.52
C ALA B 65 -18.39 -0.86 8.81
N TYR B 66 -17.12 -1.11 9.14
CA TYR B 66 -16.65 -2.43 9.56
C TYR B 66 -15.77 -2.26 10.79
N GLY B 67 -15.96 -3.11 11.80
CA GLY B 67 -15.19 -2.96 13.01
C GLY B 67 -15.48 -4.00 14.07
N PRO B 68 -14.52 -4.23 14.98
CA PRO B 68 -13.16 -3.66 14.88
C PRO B 68 -12.28 -4.43 13.89
N VAL B 69 -11.43 -3.74 13.13
CA VAL B 69 -10.66 -4.37 12.06
C VAL B 69 -9.22 -4.54 12.52
N SER B 70 -8.67 -5.74 12.33
CA SER B 70 -7.24 -5.97 12.48
C SER B 70 -6.63 -6.18 11.10
N ALA B 71 -5.31 -5.99 11.00
CA ALA B 71 -4.63 -6.12 9.71
C ALA B 71 -4.86 -7.51 9.10
N ALA B 72 -4.90 -8.54 9.94
CA ALA B 72 -5.13 -9.89 9.45
C ALA B 72 -6.51 -10.06 8.83
N ASP B 73 -7.48 -9.19 9.16
CA ASP B 73 -8.81 -9.31 8.59
C ASP B 73 -8.92 -8.74 7.18
N VAL B 74 -7.95 -7.93 6.75
CA VAL B 74 -8.11 -7.12 5.55
C VAL B 74 -8.25 -7.96 4.28
N PRO B 75 -7.44 -9.02 4.06
CA PRO B 75 -7.67 -9.82 2.84
C PRO B 75 -9.08 -10.41 2.76
N GLY B 76 -9.62 -10.88 3.89
CA GLY B 76 -10.98 -11.38 3.88
C GLY B 76 -12.00 -10.29 3.63
N LEU B 77 -11.74 -9.08 4.12
CA LEU B 77 -12.63 -7.96 3.85
C LEU B 77 -12.69 -7.67 2.35
N PHE B 78 -11.53 -7.62 1.69
CA PHE B 78 -11.52 -7.48 0.23
C PHE B 78 -12.29 -8.61 -0.43
N ASP B 79 -12.05 -9.86 0.00
CA ASP B 79 -12.73 -11.01 -0.60
C ASP B 79 -14.26 -10.90 -0.50
N ALA B 80 -14.77 -10.35 0.61
CA ALA B 80 -16.20 -10.21 0.81
C ALA B 80 -16.77 -8.98 0.12
N GLY B 81 -15.96 -8.24 -0.62
CA GLY B 81 -16.45 -7.10 -1.36
C GLY B 81 -16.37 -5.78 -0.63
N LEU B 82 -15.37 -5.59 0.25
CA LEU B 82 -15.18 -4.35 1.00
C LEU B 82 -15.44 -3.10 0.17
N LEU B 83 -14.85 -3.03 -1.03
CA LEU B 83 -14.92 -1.80 -1.81
C LEU B 83 -16.33 -1.49 -2.27
N GLN B 84 -17.24 -2.46 -2.24
CA GLN B 84 -18.64 -2.21 -2.55
C GLN B 84 -19.54 -2.28 -1.31
N GLY B 85 -18.96 -2.31 -0.12
CA GLY B 85 -19.78 -2.45 1.07
C GLY B 85 -20.35 -3.83 1.26
N GLY B 86 -19.70 -4.86 0.71
CA GLY B 86 -20.20 -6.21 0.86
C GLY B 86 -20.26 -6.66 2.32
N GLU B 87 -21.19 -7.56 2.60
CA GLU B 87 -21.41 -8.03 3.96
C GLU B 87 -20.27 -8.93 4.43
N HIS B 88 -19.91 -8.77 5.70
CA HIS B 88 -18.79 -9.44 6.33
C HIS B 88 -19.15 -9.59 7.79
N ALA B 89 -18.48 -10.54 8.46
CA ALA B 89 -18.71 -10.71 9.91
C ALA B 89 -18.61 -9.40 10.67
N LEU B 90 -17.72 -8.51 10.25
CA LEU B 90 -17.45 -7.25 10.94
C LEU B 90 -18.35 -6.10 10.47
N SER B 91 -19.27 -6.35 9.53
CA SER B 91 -20.13 -5.28 9.02
C SER B 91 -20.98 -4.68 10.13
N GLN B 92 -21.12 -3.36 10.12
CA GLN B 92 -21.97 -2.65 11.05
C GLN B 92 -23.09 -1.90 10.34
N GLY B 93 -23.12 -1.91 9.01
CA GLY B 93 -24.13 -1.19 8.26
C GLY B 93 -23.76 0.27 8.06
N VAL B 94 -24.75 1.02 7.59
CA VAL B 94 -24.57 2.45 7.37
C VAL B 94 -24.16 3.10 8.68
N THR B 95 -23.00 3.75 8.69
CA THR B 95 -22.41 4.23 9.94
C THR B 95 -23.36 5.11 10.73
N GLU B 96 -24.01 6.07 10.07
CA GLU B 96 -24.87 7.02 10.76
C GLU B 96 -26.12 6.38 11.32
N GLU B 97 -26.38 5.11 11.00
CA GLU B 97 -27.53 4.39 11.50
C GLU B 97 -27.25 3.55 12.75
N ILE B 98 -25.99 3.46 13.17
CA ILE B 98 -25.68 2.71 14.39
C ILE B 98 -26.34 3.47 15.54
N PRO B 99 -27.23 2.85 16.34
CA PRO B 99 -27.99 3.66 17.32
C PRO B 99 -27.14 4.41 18.30
N PHE B 100 -26.02 3.82 18.77
CA PHE B 100 -25.11 4.52 19.66
C PHE B 100 -24.78 5.91 19.13
N LEU B 101 -24.56 6.01 17.82
CA LEU B 101 -24.18 7.26 17.17
C LEU B 101 -25.40 8.09 16.79
N LYS B 102 -26.43 7.45 16.23
CA LYS B 102 -27.58 8.21 15.74
C LYS B 102 -28.33 8.88 16.89
N GLN B 103 -28.42 8.21 18.05
CA GLN B 103 -29.20 8.74 19.18
C GLN B 103 -28.40 9.73 20.01
N GLN B 104 -27.58 10.53 19.36
CA GLN B 104 -26.81 11.56 20.05
C GLN B 104 -27.27 12.92 19.57
N GLU B 105 -26.85 13.96 20.29
CA GLU B 105 -27.08 15.34 19.88
C GLU B 105 -25.71 15.99 19.72
N ARG B 106 -25.04 15.69 18.60
CA ARG B 106 -23.64 16.06 18.39
C ARG B 106 -23.54 17.49 17.85
N LEU B 107 -23.75 18.46 18.74
CA LEU B 107 -23.60 19.87 18.36
C LEU B 107 -22.12 20.23 18.24
N THR B 108 -21.33 19.87 19.26
CA THR B 108 -19.91 20.16 19.24
C THR B 108 -19.15 19.12 18.43
N PHE B 109 -19.51 17.84 18.56
CA PHE B 109 -18.80 16.76 17.88
C PHE B 109 -19.37 16.46 16.50
N ALA B 110 -20.03 17.45 15.87
CA ALA B 110 -20.74 17.21 14.62
C ALA B 110 -19.83 16.61 13.53
N ARG B 111 -18.57 17.04 13.45
CA ARG B 111 -17.69 16.59 12.36
C ARG B 111 -16.82 15.40 12.76
N VAL B 112 -16.73 15.10 14.05
CA VAL B 112 -15.70 14.20 14.56
C VAL B 112 -15.91 12.80 14.00
N GLY B 113 -14.91 12.29 13.26
CA GLY B 113 -14.99 11.01 12.61
C GLY B 113 -15.53 11.08 11.19
N ILE B 114 -16.15 12.19 10.81
CA ILE B 114 -16.61 12.34 9.43
C ILE B 114 -15.47 12.83 8.54
N THR B 115 -14.71 13.78 9.04
CA THR B 115 -13.74 14.52 8.24
C THR B 115 -12.32 13.99 8.42
N ASP B 116 -11.50 14.28 7.43
CA ASP B 116 -10.05 14.34 7.61
C ASP B 116 -9.76 15.51 8.54
N PRO B 117 -9.18 15.27 9.73
CA PRO B 117 -9.04 16.37 10.71
C PRO B 117 -8.17 17.51 10.22
N LEU B 118 -7.26 17.27 9.28
CA LEU B 118 -6.36 18.35 8.87
C LEU B 118 -6.75 18.96 7.53
N SER B 119 -7.98 18.70 7.05
CA SER B 119 -8.42 19.20 5.74
C SER B 119 -9.35 20.39 5.94
N LEU B 120 -8.90 21.57 5.49
CA LEU B 120 -9.74 22.77 5.55
C LEU B 120 -10.99 22.62 4.68
N ASP B 121 -10.84 21.99 3.51
CA ASP B 121 -11.98 21.78 2.63
C ASP B 121 -13.04 20.92 3.32
N ASP B 122 -12.62 19.83 3.96
CA ASP B 122 -13.55 19.00 4.73
C ASP B 122 -14.23 19.82 5.82
N TYR B 123 -13.43 20.60 6.55
CA TYR B 123 -13.96 21.40 7.64
C TYR B 123 -15.03 22.37 7.14
N ARG B 124 -14.72 23.12 6.09
CA ARG B 124 -15.65 24.13 5.59
C ARG B 124 -16.84 23.53 4.86
N ALA B 125 -16.71 22.30 4.35
CA ALA B 125 -17.85 21.63 3.74
C ALA B 125 -18.86 21.20 4.79
N HIS B 126 -18.50 21.26 6.07
CA HIS B 126 -19.37 20.86 7.17
C HIS B 126 -19.49 21.99 8.17
N GLU B 127 -19.81 23.18 7.67
CA GLU B 127 -20.11 24.39 8.45
C GLU B 127 -18.88 25.00 9.10
N GLY B 128 -17.69 24.44 8.87
CA GLY B 128 -16.51 25.00 9.48
C GLY B 128 -16.33 26.45 9.08
N PHE B 129 -16.00 27.29 10.07
CA PHE B 129 -15.73 28.72 9.94
C PHE B 129 -16.99 29.53 9.65
N ALA B 130 -18.17 28.91 9.60
CA ALA B 130 -19.39 29.71 9.49
C ALA B 130 -19.60 30.56 10.75
N GLY B 131 -19.20 30.06 11.92
CA GLY B 131 -19.31 30.86 13.14
C GLY B 131 -18.37 32.06 13.13
N LEU B 132 -17.13 31.84 12.66
CA LEU B 132 -16.17 32.93 12.56
C LEU B 132 -16.64 33.99 11.56
N GLU B 133 -17.21 33.54 10.43
CA GLU B 133 -17.66 34.50 9.42
C GLU B 133 -18.77 35.39 9.98
N ARG B 134 -19.70 34.81 10.73
CA ARG B 134 -20.69 35.65 11.41
C ARG B 134 -20.04 36.55 12.45
N ALA B 135 -19.13 36.01 13.26
CA ALA B 135 -18.50 36.81 14.30
C ALA B 135 -17.72 37.99 13.73
N LEU B 136 -17.12 37.82 12.54
CA LEU B 136 -16.40 38.92 11.90
C LEU B 136 -17.32 40.07 11.54
N ALA B 137 -18.63 39.84 11.49
CA ALA B 137 -19.60 40.87 11.15
C ALA B 137 -20.33 41.43 12.36
N MET B 138 -19.88 41.11 13.57
CA MET B 138 -20.52 41.60 14.79
C MET B 138 -19.55 42.46 15.59
N GLN B 139 -20.11 43.34 16.40
CA GLN B 139 -19.25 44.04 17.32
C GLN B 139 -18.86 43.09 18.47
N PRO B 140 -17.69 43.32 19.08
CA PRO B 140 -17.25 42.42 20.18
C PRO B 140 -18.29 42.18 21.27
N ALA B 141 -18.93 43.24 21.78
CA ALA B 141 -19.91 43.04 22.83
C ALA B 141 -21.06 42.17 22.37
N GLU B 142 -21.38 42.19 21.07
CA GLU B 142 -22.46 41.34 20.54
C GLU B 142 -22.06 39.87 20.56
N ILE B 143 -20.79 39.57 20.27
CA ILE B 143 -20.32 38.19 20.35
C ILE B 143 -20.40 37.70 21.79
N VAL B 144 -19.95 38.53 22.74
CA VAL B 144 -20.07 38.19 24.15
C VAL B 144 -21.53 37.95 24.53
N GLN B 145 -22.42 38.82 24.05
CA GLN B 145 -23.82 38.67 24.39
C GLN B 145 -24.40 37.38 23.82
N GLU B 146 -23.98 37.02 22.60
CA GLU B 146 -24.46 35.79 21.97
C GLU B 146 -24.03 34.57 22.77
N VAL B 147 -22.77 34.53 23.21
CA VAL B 147 -22.31 33.41 24.03
C VAL B 147 -23.02 33.40 25.38
N THR B 148 -23.27 34.59 25.93
CA THR B 148 -24.08 34.68 27.15
C THR B 148 -25.48 34.12 26.95
N ASP B 149 -26.18 34.60 25.91
CA ASP B 149 -27.56 34.18 25.66
C ASP B 149 -27.67 32.67 25.45
N SER B 150 -26.60 32.04 24.98
CA SER B 150 -26.60 30.63 24.68
C SER B 150 -26.74 29.75 25.92
N GLY B 151 -26.43 30.28 27.10
CA GLY B 151 -26.43 29.47 28.31
C GLY B 151 -25.21 28.59 28.49
N LEU B 152 -24.20 28.72 27.61
CA LEU B 152 -22.99 27.93 27.74
C LEU B 152 -22.34 28.17 29.10
N ARG B 153 -21.93 27.10 29.75
CA ARG B 153 -21.21 27.15 31.01
C ARG B 153 -19.91 26.38 30.84
N GLY B 154 -18.93 26.66 31.72
CA GLY B 154 -17.59 26.11 31.59
C GLY B 154 -17.58 24.59 31.58
N ARG B 155 -17.11 23.98 30.49
CA ARG B 155 -17.19 22.52 30.42
C ARG B 155 -16.03 21.83 31.11
N GLY B 156 -15.08 22.60 31.65
CA GLY B 156 -14.03 22.04 32.50
C GLY B 156 -14.55 21.49 33.83
N GLY B 157 -15.77 21.80 34.20
CA GLY B 157 -16.37 21.22 35.39
C GLY B 157 -16.97 22.21 36.36
N ALA B 158 -16.30 23.35 36.56
CA ALA B 158 -16.83 24.36 37.46
C ALA B 158 -18.09 25.01 36.92
N ALA B 159 -18.33 24.91 35.62
CA ALA B 159 -19.60 25.29 35.00
C ALA B 159 -19.94 26.76 35.24
N PHE B 160 -18.92 27.61 35.23
CA PHE B 160 -19.19 29.04 35.31
C PHE B 160 -19.71 29.56 33.97
N PRO B 161 -20.67 30.47 33.96
CA PRO B 161 -21.21 30.99 32.69
C PRO B 161 -20.14 31.62 31.81
N THR B 162 -19.97 31.09 30.60
CA THR B 162 -18.83 31.47 29.77
C THR B 162 -18.92 32.95 29.34
N GLY B 163 -20.11 33.39 28.92
CA GLY B 163 -20.22 34.76 28.42
C GLY B 163 -19.93 35.81 29.48
N ILE B 164 -20.33 35.56 30.72
CA ILE B 164 -20.00 36.48 31.80
C ILE B 164 -18.49 36.58 31.95
N LYS B 165 -17.80 35.44 31.87
CA LYS B 165 -16.34 35.43 31.91
C LYS B 165 -15.76 36.31 30.79
N TRP B 166 -16.25 36.14 29.55
CA TRP B 166 -15.75 36.95 28.45
C TRP B 166 -16.08 38.42 28.63
N LYS B 167 -17.28 38.71 29.15
CA LYS B 167 -17.67 40.10 29.41
C LYS B 167 -16.65 40.79 30.31
N THR B 168 -16.21 40.10 31.36
CA THR B 168 -15.18 40.68 32.23
C THR B 168 -13.90 40.99 31.46
N VAL B 169 -13.45 40.06 30.59
CA VAL B 169 -12.21 40.31 29.85
C VAL B 169 -12.39 41.46 28.86
N LEU B 170 -13.53 41.47 28.15
CA LEU B 170 -13.80 42.56 27.22
C LEU B 170 -13.81 43.91 27.93
N GLY B 171 -14.49 43.99 29.08
CA GLY B 171 -14.58 45.27 29.77
C GLY B 171 -13.29 45.74 30.40
N ALA B 172 -12.33 44.84 30.60
CA ALA B 172 -11.07 45.24 31.21
C ALA B 172 -10.27 46.13 30.28
N GLN B 173 -9.52 47.05 30.87
CA GLN B 173 -8.70 48.01 30.13
C GLN B 173 -7.28 47.48 30.01
N SER B 174 -6.88 47.12 28.80
CA SER B 174 -5.54 46.60 28.57
C SER B 174 -5.29 46.49 27.08
N ALA B 175 -4.11 46.95 26.66
CA ALA B 175 -3.73 46.83 25.26
C ALA B 175 -3.58 45.36 24.85
N VAL B 176 -3.03 44.54 25.73
CA VAL B 176 -2.75 43.14 25.47
C VAL B 176 -3.76 42.31 26.26
N LYS B 177 -4.47 41.43 25.56
CA LYS B 177 -5.36 40.46 26.18
C LYS B 177 -5.04 39.10 25.56
N TYR B 178 -5.34 38.04 26.28
CA TYR B 178 -5.00 36.70 25.85
C TYR B 178 -6.20 35.77 25.85
N ILE B 179 -6.18 34.79 24.95
CA ILE B 179 -7.04 33.61 25.04
C ILE B 179 -6.15 32.44 25.43
N VAL B 180 -6.52 31.76 26.51
CA VAL B 180 -5.78 30.59 26.96
C VAL B 180 -6.73 29.40 26.94
N CYS B 181 -6.38 28.38 26.17
CA CYS B 181 -7.15 27.15 26.15
C CYS B 181 -6.52 26.16 27.12
N ASN B 182 -7.32 25.71 28.10
CA ASN B 182 -6.92 24.68 29.07
C ASN B 182 -7.14 23.32 28.42
N ALA B 183 -6.07 22.74 27.91
N ALA B 183 -6.08 22.77 27.87
CA ALA B 183 -6.10 21.41 27.33
CA ALA B 183 -6.08 21.42 27.30
C ALA B 183 -5.31 20.43 28.19
C ALA B 183 -5.31 20.46 28.18
N ASP B 184 -5.26 20.68 29.50
N ASP B 184 -5.18 20.78 29.47
CA ASP B 184 -4.49 19.79 30.33
CA ASP B 184 -4.55 19.84 30.41
C ASP B 184 -5.17 18.43 30.56
C ASP B 184 -5.58 18.85 30.93
N GLU B 185 -6.44 18.28 30.18
N GLU B 185 -6.11 18.05 30.02
CA GLU B 185 -7.29 17.11 30.43
CA GLU B 185 -7.15 17.08 30.35
C GLU B 185 -6.65 15.99 31.25
C GLU B 185 -6.59 15.96 31.23
N GLY B 186 -6.26 16.27 32.49
CA GLY B 186 -5.59 15.29 33.33
C GLY B 186 -6.47 14.26 34.00
N ASP B 187 -7.79 14.36 33.87
CA ASP B 187 -8.68 13.44 34.60
C ASP B 187 -8.76 12.09 33.91
N SER B 188 -8.51 11.03 34.68
CA SER B 188 -8.89 9.69 34.24
C SER B 188 -10.37 9.71 33.81
N GLY B 189 -10.67 8.91 32.79
CA GLY B 189 -12.00 8.83 32.23
C GLY B 189 -12.36 9.94 31.25
N THR B 190 -11.43 10.83 30.91
CA THR B 190 -11.77 11.90 29.97
C THR B 190 -10.88 11.82 28.73
N PHE B 191 -11.50 12.07 27.58
CA PHE B 191 -10.80 12.14 26.30
C PHE B 191 -11.56 13.01 25.31
N SER B 192 -12.60 13.74 25.73
CA SER B 192 -13.30 14.62 24.79
C SER B 192 -12.39 15.74 24.30
N ASP B 193 -11.58 16.34 25.18
CA ASP B 193 -10.64 17.36 24.72
C ASP B 193 -9.64 16.76 23.74
N ARG B 194 -9.08 15.60 24.09
CA ARG B 194 -8.13 14.90 23.25
C ARG B 194 -8.71 14.69 21.85
N MET B 195 -9.97 14.27 21.79
CA MET B 195 -10.61 13.99 20.51
C MET B 195 -10.80 15.26 19.70
N VAL B 196 -11.18 16.38 20.34
CA VAL B 196 -11.29 17.62 19.58
C VAL B 196 -9.95 18.00 18.98
N MET B 197 -8.88 17.89 19.77
CA MET B 197 -7.58 18.36 19.32
C MET B 197 -7.02 17.47 18.21
N GLU B 198 -7.26 16.15 18.29
CA GLU B 198 -6.77 15.22 17.27
C GLU B 198 -7.71 15.08 16.08
N ASP B 199 -9.03 15.16 16.31
CA ASP B 199 -10.03 14.82 15.29
C ASP B 199 -10.75 16.01 14.68
N ASP B 200 -10.73 17.18 15.33
CA ASP B 200 -11.36 18.34 14.69
C ASP B 200 -10.63 19.60 15.18
N PRO B 201 -9.31 19.68 14.97
CA PRO B 201 -8.54 20.80 15.53
C PRO B 201 -9.00 22.17 15.07
N PHE B 202 -9.47 22.30 13.83
CA PHE B 202 -9.91 23.60 13.33
C PHE B 202 -11.07 24.17 14.16
N MET B 203 -11.90 23.30 14.74
CA MET B 203 -13.00 23.79 15.58
C MET B 203 -12.47 24.51 16.82
N LEU B 204 -11.44 23.94 17.46
CA LEU B 204 -10.81 24.63 18.57
C LEU B 204 -10.18 25.94 18.11
N ILE B 205 -9.49 25.91 16.97
CA ILE B 205 -8.87 27.13 16.43
C ILE B 205 -9.93 28.17 16.13
N GLU B 206 -11.04 27.76 15.51
CA GLU B 206 -12.11 28.70 15.24
C GLU B 206 -12.69 29.27 16.55
N GLY B 207 -12.90 28.42 17.54
CA GLY B 207 -13.53 28.88 18.78
C GLY B 207 -12.66 29.91 19.49
N MET B 208 -11.35 29.65 19.55
CA MET B 208 -10.42 30.61 20.14
C MET B 208 -10.35 31.90 19.35
N THR B 209 -10.48 31.84 18.02
CA THR B 209 -10.48 33.05 17.21
C THR B 209 -11.73 33.89 17.45
N ILE B 210 -12.89 33.23 17.55
CA ILE B 210 -14.10 33.96 17.93
C ILE B 210 -13.95 34.58 19.31
N ALA B 211 -13.37 33.85 20.27
CA ALA B 211 -13.14 34.43 21.59
C ALA B 211 -12.25 35.65 21.49
N ALA B 212 -11.20 35.57 20.66
CA ALA B 212 -10.29 36.70 20.49
C ALA B 212 -11.04 37.91 19.95
N LEU B 213 -11.91 37.69 18.96
CA LEU B 213 -12.73 38.78 18.43
C LEU B 213 -13.67 39.34 19.51
N ALA B 214 -14.18 38.48 20.38
CA ALA B 214 -15.17 38.94 21.35
C ALA B 214 -14.55 39.84 22.40
N VAL B 215 -13.30 39.59 22.80
CA VAL B 215 -12.73 40.29 23.94
C VAL B 215 -11.58 41.22 23.57
N GLY B 216 -11.09 41.17 22.33
CA GLY B 216 -9.98 42.00 21.89
C GLY B 216 -8.59 41.44 22.17
N ALA B 217 -8.42 40.12 22.05
CA ALA B 217 -7.13 39.46 22.21
C ALA B 217 -6.53 39.17 20.85
N GLU B 218 -5.20 39.27 20.75
CA GLU B 218 -4.52 38.95 19.50
C GLU B 218 -3.57 37.77 19.60
N GLN B 219 -3.47 37.14 20.77
CA GLN B 219 -2.56 36.03 20.99
C GLN B 219 -3.26 34.96 21.81
N GLY B 220 -3.11 33.71 21.39
CA GLY B 220 -3.68 32.59 22.11
C GLY B 220 -2.65 31.52 22.40
N TYR B 221 -2.90 30.77 23.45
CA TYR B 221 -2.04 29.66 23.84
C TYR B 221 -2.91 28.45 24.14
N ILE B 222 -2.54 27.30 23.59
CA ILE B 222 -3.17 26.05 23.97
C ILE B 222 -2.19 25.29 24.85
N TYR B 223 -2.56 25.08 26.11
CA TYR B 223 -1.70 24.37 27.06
C TYR B 223 -2.17 22.92 27.09
N CYS B 224 -1.41 22.04 26.43
CA CYS B 224 -1.79 20.65 26.26
C CYS B 224 -0.87 19.75 27.09
N ARG B 225 -1.45 18.81 27.83
CA ARG B 225 -0.65 17.93 28.69
C ARG B 225 0.37 17.13 27.87
N SER B 226 1.53 16.86 28.48
CA SER B 226 2.59 16.12 27.78
C SER B 226 2.20 14.68 27.49
N GLU B 227 1.19 14.15 28.19
CA GLU B 227 0.69 12.80 27.95
C GLU B 227 -0.04 12.67 26.62
N TYR B 228 -0.32 13.77 25.93
CA TYR B 228 -1.04 13.79 24.65
C TYR B 228 -0.12 14.18 23.49
N PRO B 229 0.91 13.41 23.16
CA PRO B 229 1.77 13.81 22.04
C PRO B 229 1.03 13.91 20.71
N HIS B 230 0.02 13.07 20.48
CA HIS B 230 -0.71 13.14 19.22
C HIS B 230 -1.49 14.43 19.09
N ALA B 231 -2.21 14.84 20.14
CA ALA B 231 -2.94 16.10 20.09
C ALA B 231 -2.00 17.28 19.78
N ILE B 232 -0.85 17.32 20.44
CA ILE B 232 0.07 18.41 20.22
C ILE B 232 0.54 18.45 18.76
N ALA B 233 0.88 17.30 18.21
CA ALA B 233 1.39 17.29 16.82
C ALA B 233 0.29 17.69 15.83
N VAL B 234 -0.93 17.21 16.05
CA VAL B 234 -2.03 17.56 15.14
C VAL B 234 -2.40 19.03 15.25
N LEU B 235 -2.44 19.58 16.48
CA LEU B 235 -2.77 21.00 16.60
C LEU B 235 -1.72 21.86 15.90
N GLU B 236 -0.45 21.50 16.07
CA GLU B 236 0.59 22.31 15.43
C GLU B 236 0.46 22.26 13.91
N SER B 237 0.18 21.09 13.34
CA SER B 237 -0.02 21.04 11.89
C SER B 237 -1.23 21.88 11.49
N ALA B 238 -2.34 21.77 12.24
CA ALA B 238 -3.55 22.52 11.91
C ALA B 238 -3.34 24.03 12.00
N ILE B 239 -2.60 24.49 13.03
CA ILE B 239 -2.32 25.92 13.11
C ILE B 239 -1.53 26.38 11.89
N GLY B 240 -0.53 25.60 11.49
CA GLY B 240 0.20 25.94 10.26
C GLY B 240 -0.71 26.02 9.05
N ILE B 241 -1.58 25.03 8.90
CA ILE B 241 -2.49 24.99 7.75
C ILE B 241 -3.47 26.17 7.77
N ALA B 242 -4.05 26.45 8.95
CA ALA B 242 -4.99 27.56 9.05
C ALA B 242 -4.29 28.89 8.76
N ASN B 243 -3.08 29.05 9.28
CA ASN B 243 -2.34 30.27 9.00
C ASN B 243 -2.06 30.43 7.50
N ALA B 244 -1.65 29.35 6.85
CA ALA B 244 -1.28 29.47 5.44
C ALA B 244 -2.47 29.88 4.58
N ALA B 245 -3.70 29.54 5.01
CA ALA B 245 -4.93 29.81 4.29
C ALA B 245 -5.64 31.08 4.75
N GLY B 246 -5.04 31.87 5.64
CA GLY B 246 -5.61 33.15 6.05
C GLY B 246 -6.64 33.09 7.17
N TRP B 247 -6.77 31.95 7.85
CA TRP B 247 -7.70 31.81 8.99
C TRP B 247 -7.06 32.24 10.30
N LEU B 248 -5.75 32.42 10.30
CA LEU B 248 -5.00 32.95 11.42
C LEU B 248 -4.01 33.94 10.84
N GLY B 249 -3.38 34.71 11.71
CA GLY B 249 -2.36 35.66 11.32
C GLY B 249 -2.79 37.10 11.49
N ASP B 250 -2.13 37.98 10.72
CA ASP B 250 -2.32 39.43 10.84
C ASP B 250 -3.41 40.01 9.97
N ASP B 251 -4.09 39.23 9.14
CA ASP B 251 -5.14 39.80 8.29
C ASP B 251 -6.14 38.69 7.98
N ILE B 252 -6.80 38.19 9.03
CA ILE B 252 -7.63 37.01 8.91
C ILE B 252 -8.74 37.22 7.88
N ARG B 253 -8.67 36.45 6.78
CA ARG B 253 -9.64 36.53 5.68
C ARG B 253 -9.83 37.95 5.16
N GLY B 254 -8.76 38.75 5.19
CA GLY B 254 -8.85 40.11 4.71
C GLY B 254 -9.63 41.05 5.60
N SER B 255 -10.03 40.63 6.80
CA SER B 255 -10.77 41.49 7.73
C SER B 255 -9.90 42.54 8.41
N GLY B 256 -8.58 42.36 8.42
CA GLY B 256 -7.72 43.18 9.24
C GLY B 256 -7.63 42.76 10.69
N LYS B 257 -8.39 41.75 11.10
CA LYS B 257 -8.25 41.21 12.45
C LYS B 257 -7.05 40.29 12.55
N ARG B 258 -6.45 40.28 13.73
CA ARG B 258 -5.19 39.61 13.97
C ARG B 258 -5.35 38.60 15.11
N PHE B 259 -4.86 37.38 14.90
CA PHE B 259 -4.86 36.38 15.97
C PHE B 259 -3.79 35.35 15.66
N HIS B 260 -2.87 35.17 16.60
CA HIS B 260 -1.81 34.19 16.54
C HIS B 260 -2.03 33.16 17.63
N LEU B 261 -1.70 31.91 17.34
CA LEU B 261 -2.00 30.82 18.24
C LEU B 261 -0.80 29.92 18.33
N GLU B 262 -0.47 29.45 19.53
CA GLU B 262 0.59 28.46 19.59
C GLU B 262 0.28 27.45 20.69
N VAL B 263 0.87 26.28 20.54
CA VAL B 263 0.66 25.17 21.47
C VAL B 263 1.82 25.13 22.44
N ARG B 264 1.52 24.95 23.72
CA ARG B 264 2.51 24.76 24.76
C ARG B 264 2.30 23.39 25.38
N LYS B 265 3.39 22.66 25.53
CA LYS B 265 3.35 21.31 26.08
C LYS B 265 3.54 21.38 27.58
N GLY B 266 2.63 20.73 28.33
CA GLY B 266 2.76 20.61 29.78
C GLY B 266 3.88 19.64 30.13
N ALA B 267 3.99 19.30 31.42
CA ALA B 267 5.16 18.53 31.82
C ALA B 267 4.84 17.57 32.97
N GLY B 268 3.66 16.94 32.93
CA GLY B 268 3.37 15.83 33.81
C GLY B 268 2.75 16.18 35.15
N ALA B 269 2.23 17.40 35.32
CA ALA B 269 1.64 17.82 36.61
C ALA B 269 0.12 17.91 36.44
N TYR B 270 -0.60 17.01 37.09
CA TYR B 270 -2.07 17.09 37.10
C TYR B 270 -2.56 18.47 37.53
N VAL B 271 -1.92 19.06 38.54
CA VAL B 271 -2.42 20.33 39.07
C VAL B 271 -2.32 21.47 38.07
N CYS B 272 -1.56 21.32 36.97
CA CYS B 272 -1.58 22.37 35.96
C CYS B 272 -2.89 22.43 35.16
N GLY B 273 -3.86 21.56 35.44
CA GLY B 273 -5.22 21.82 35.00
C GLY B 273 -5.93 22.90 35.82
N GLU B 274 -5.43 23.22 37.01
CA GLU B 274 -5.97 24.35 37.77
C GLU B 274 -5.53 25.65 37.09
N GLU B 275 -6.48 26.58 36.84
CA GLU B 275 -6.23 27.63 35.86
C GLU B 275 -5.05 28.53 36.24
N THR B 276 -4.84 28.82 37.53
CA THR B 276 -3.69 29.66 37.86
C THR B 276 -2.38 28.89 37.89
N ALA B 277 -2.39 27.61 38.24
CA ALA B 277 -1.16 26.83 38.11
C ALA B 277 -0.78 26.67 36.65
N LEU B 278 -1.79 26.54 35.78
CA LEU B 278 -1.58 26.57 34.34
C LEU B 278 -0.88 27.86 33.91
N LEU B 279 -1.36 29.00 34.39
CA LEU B 279 -0.72 30.26 34.01
C LEU B 279 0.73 30.32 34.48
N GLU B 280 1.00 29.90 35.72
CA GLU B 280 2.38 29.84 36.20
C GLU B 280 3.26 29.02 35.26
N SER B 281 2.75 27.87 34.82
CA SER B 281 3.50 26.99 33.92
C SER B 281 3.75 27.67 32.57
N LEU B 282 2.71 28.29 32.00
CA LEU B 282 2.88 29.05 30.76
C LEU B 282 3.95 30.11 30.90
N GLU B 283 4.05 30.72 32.08
CA GLU B 283 5.06 31.74 32.34
C GLU B 283 6.40 31.14 32.74
N GLY B 284 6.51 29.83 32.73
CA GLY B 284 7.79 29.16 32.92
C GLY B 284 8.13 28.82 34.35
N ARG B 285 7.16 28.81 35.25
CA ARG B 285 7.44 28.58 36.66
C ARG B 285 6.80 27.28 37.13
N ARG B 286 7.15 26.86 38.34
CA ARG B 286 6.50 25.70 38.92
C ARG B 286 4.98 25.91 38.94
N GLY B 287 4.24 24.81 38.74
CA GLY B 287 2.79 24.90 38.64
C GLY B 287 2.11 25.02 39.99
N VAL B 288 2.39 26.11 40.71
CA VAL B 288 1.85 26.33 42.05
C VAL B 288 0.62 27.23 41.94
N VAL B 289 -0.50 26.78 42.51
CA VAL B 289 -1.74 27.55 42.44
C VAL B 289 -1.52 28.97 42.99
N ARG B 290 -2.10 29.96 42.30
CA ARG B 290 -2.06 31.35 42.78
C ARG B 290 -3.25 31.60 43.71
N ALA B 291 -3.06 32.51 44.68
CA ALA B 291 -4.21 33.00 45.44
C ALA B 291 -5.20 33.65 44.49
N LYS B 292 -6.47 33.34 44.65
CA LYS B 292 -7.42 33.84 43.65
C LYS B 292 -8.40 34.88 44.18
N PRO B 293 -7.96 35.91 44.91
CA PRO B 293 -8.68 37.18 44.89
C PRO B 293 -8.55 37.90 43.55
N PRO B 294 -7.40 37.85 42.88
CA PRO B 294 -7.38 38.38 41.48
C PRO B 294 -7.85 37.34 40.48
N LEU B 295 -8.93 37.67 39.78
CA LEU B 295 -9.42 36.78 38.74
C LEU B 295 -8.48 36.82 37.55
N PRO B 296 -8.19 35.67 36.93
CA PRO B 296 -7.41 35.69 35.69
C PRO B 296 -8.08 36.48 34.59
N ALA B 297 -9.42 36.53 34.56
CA ALA B 297 -10.10 37.35 33.57
C ALA B 297 -9.70 38.82 33.67
N LEU B 298 -9.26 39.27 34.85
CA LEU B 298 -8.73 40.62 35.00
C LEU B 298 -7.22 40.68 34.98
N GLN B 299 -6.55 39.75 35.68
CA GLN B 299 -5.09 39.71 35.73
C GLN B 299 -4.68 38.24 35.64
N GLY B 300 -4.38 37.80 34.42
CA GLY B 300 -4.07 36.41 34.19
C GLY B 300 -2.67 36.20 33.64
N LEU B 301 -2.57 35.81 32.38
CA LEU B 301 -1.26 35.55 31.79
C LEU B 301 -0.44 36.84 31.71
N PHE B 302 0.74 36.84 32.34
CA PHE B 302 1.58 38.03 32.45
C PHE B 302 0.79 39.21 33.02
N GLY B 303 -0.14 38.90 33.92
CA GLY B 303 -0.97 39.94 34.52
C GLY B 303 -1.96 40.60 33.59
N LYS B 304 -2.19 40.07 32.39
CA LYS B 304 -3.10 40.69 31.45
C LYS B 304 -4.47 40.04 31.50
N PRO B 305 -5.52 40.76 31.10
CA PRO B 305 -6.85 40.15 31.06
C PRO B 305 -6.82 38.93 30.14
N THR B 306 -7.29 37.80 30.66
CA THR B 306 -7.10 36.51 30.01
C THR B 306 -8.40 35.73 30.06
N VAL B 307 -8.89 35.32 28.90
CA VAL B 307 -9.91 34.29 28.81
C VAL B 307 -9.23 32.96 29.04
N ILE B 308 -9.66 32.22 30.05
CA ILE B 308 -9.23 30.84 30.21
C ILE B 308 -10.45 29.97 30.06
N ASN B 309 -10.44 29.06 29.08
CA ASN B 309 -11.55 28.14 28.91
C ASN B 309 -11.03 26.75 28.55
N ASN B 310 -11.82 25.76 28.95
CA ASN B 310 -11.61 24.37 28.58
C ASN B 310 -11.77 24.17 27.05
N VAL B 311 -11.12 23.13 26.52
CA VAL B 311 -11.20 22.82 25.08
C VAL B 311 -12.65 22.74 24.62
N ILE B 312 -13.47 21.98 25.35
CA ILE B 312 -14.85 21.79 24.92
C ILE B 312 -15.63 23.10 24.96
N SER B 313 -15.43 23.91 26.01
CA SER B 313 -16.07 25.23 26.04
C SER B 313 -15.76 26.02 24.77
N LEU B 314 -14.46 26.15 24.44
CA LEU B 314 -14.08 26.92 23.25
C LEU B 314 -14.57 26.24 21.98
N ALA B 315 -14.50 24.92 21.91
CA ALA B 315 -14.93 24.23 20.70
C ALA B 315 -16.45 24.30 20.47
N THR B 316 -17.25 24.70 21.47
CA THR B 316 -18.68 24.86 21.31
C THR B 316 -19.06 26.25 20.81
N VAL B 317 -18.14 27.21 20.95
CA VAL B 317 -18.41 28.57 20.49
C VAL B 317 -18.77 28.65 19.02
N PRO B 318 -18.08 27.94 18.10
CA PRO B 318 -18.45 28.08 16.67
C PRO B 318 -19.90 27.71 16.37
N VAL B 319 -20.42 26.59 16.91
CA VAL B 319 -21.81 26.26 16.61
C VAL B 319 -22.78 27.26 17.25
N ILE B 320 -22.43 27.81 18.41
CA ILE B 320 -23.26 28.86 19.02
C ILE B 320 -23.33 30.07 18.08
N LEU B 321 -22.19 30.47 17.52
CA LEU B 321 -22.22 31.57 16.56
C LEU B 321 -22.90 31.16 15.26
N ALA B 322 -22.62 29.95 14.77
CA ALA B 322 -23.14 29.58 13.45
C ALA B 322 -24.64 29.31 13.48
N ARG B 323 -25.14 28.73 14.56
CA ARG B 323 -26.55 28.42 14.60
C ARG B 323 -27.35 29.34 15.53
N GLY B 324 -26.68 30.15 16.33
CA GLY B 324 -27.39 31.10 17.16
C GLY B 324 -27.57 30.63 18.59
N ALA B 325 -27.65 31.61 19.51
CA ALA B 325 -27.78 31.31 20.93
C ALA B 325 -29.05 30.53 21.24
N GLN B 326 -30.18 30.93 20.63
CA GLN B 326 -31.46 30.32 20.99
C GLN B 326 -31.49 28.86 20.57
N TYR B 327 -30.89 28.55 19.43
CA TYR B 327 -30.77 27.16 19.01
C TYR B 327 -30.00 26.34 20.04
N TYR B 328 -28.89 26.89 20.55
CA TYR B 328 -28.09 26.16 21.52
C TYR B 328 -28.81 26.09 22.86
N ARG B 329 -29.36 27.22 23.30
CA ARG B 329 -30.04 27.29 24.60
C ARG B 329 -31.25 26.36 24.70
N ASP B 330 -31.85 25.97 23.58
CA ASP B 330 -33.04 25.15 23.68
CA ASP B 330 -33.04 25.12 23.60
C ASP B 330 -32.75 23.74 24.18
N TYR B 331 -31.53 23.25 24.01
CA TYR B 331 -31.11 21.96 24.52
C TYR B 331 -30.84 22.04 26.02
N GLY B 332 -31.13 20.94 26.71
CA GLY B 332 -30.75 20.78 28.10
C GLY B 332 -31.93 20.91 29.05
N MET B 333 -31.61 21.23 30.31
CA MET B 333 -32.64 21.37 31.34
C MET B 333 -32.14 22.34 32.39
N GLY B 334 -33.08 22.91 33.13
CA GLY B 334 -32.73 23.83 34.22
C GLY B 334 -31.79 24.90 33.71
N ARG B 335 -30.67 25.06 34.42
CA ARG B 335 -29.61 25.95 34.00
C ARG B 335 -28.49 25.23 33.25
N SER B 336 -28.65 23.94 32.97
CA SER B 336 -27.64 23.17 32.26
C SER B 336 -28.04 23.14 30.79
N ARG B 337 -27.69 24.22 30.08
CA ARG B 337 -28.16 24.40 28.72
C ARG B 337 -27.12 23.83 27.77
N GLY B 338 -27.59 23.34 26.63
CA GLY B 338 -26.70 22.80 25.61
C GLY B 338 -26.54 21.30 25.73
N THR B 339 -25.42 20.82 25.19
CA THR B 339 -25.07 19.40 25.27
C THR B 339 -23.69 19.26 25.90
N LEU B 340 -23.38 18.05 26.36
CA LEU B 340 -22.04 17.73 26.85
C LEU B 340 -21.55 16.46 26.16
N PRO B 341 -20.29 16.43 25.69
CA PRO B 341 -19.72 15.16 25.24
C PRO B 341 -19.41 14.28 26.44
N PHE B 342 -20.34 13.38 26.80
CA PHE B 342 -20.05 12.42 27.85
C PHE B 342 -19.06 11.38 27.36
N GLN B 343 -18.21 10.89 28.27
CA GLN B 343 -17.17 9.93 27.93
C GLN B 343 -17.35 8.68 28.80
N LEU B 344 -17.71 7.57 28.16
CA LEU B 344 -17.91 6.30 28.83
C LEU B 344 -16.59 5.54 28.86
N ALA B 345 -16.11 5.22 30.06
CA ALA B 345 -14.75 4.74 30.23
C ALA B 345 -14.69 3.66 31.30
N GLY B 346 -13.53 3.01 31.38
CA GLY B 346 -13.27 2.02 32.41
C GLY B 346 -13.78 0.65 32.03
N ASN B 347 -14.44 -0.02 32.97
CA ASN B 347 -14.95 -1.39 32.75
C ASN B 347 -16.32 -1.29 32.09
N ILE B 348 -16.28 -0.96 30.80
CA ILE B 348 -17.47 -0.63 30.03
C ILE B 348 -17.42 -1.43 28.73
N LYS B 349 -18.55 -2.05 28.37
CA LYS B 349 -18.56 -2.90 27.18
C LYS B 349 -18.46 -2.07 25.91
N GLN B 350 -19.18 -0.93 25.84
CA GLN B 350 -19.21 -0.06 24.66
C GLN B 350 -18.83 1.36 25.10
N GLY B 351 -17.53 1.58 25.23
CA GLY B 351 -17.03 2.88 25.65
C GLY B 351 -16.76 3.82 24.50
N GLY B 352 -16.74 5.10 24.83
CA GLY B 352 -16.45 6.13 23.87
C GLY B 352 -17.24 7.40 24.17
N LEU B 353 -17.61 8.08 23.10
CA LEU B 353 -18.02 9.48 23.17
C LEU B 353 -19.52 9.56 22.89
N VAL B 354 -20.29 10.05 23.86
CA VAL B 354 -21.73 10.18 23.73
C VAL B 354 -22.10 11.62 24.04
N GLU B 355 -22.35 12.43 23.02
CA GLU B 355 -22.78 13.81 23.22
C GLU B 355 -24.30 13.86 23.33
N LYS B 356 -24.78 14.35 24.47
CA LYS B 356 -26.21 14.42 24.71
C LYS B 356 -26.55 15.70 25.46
N ALA B 357 -27.76 16.19 25.22
CA ALA B 357 -28.32 17.26 26.03
C ALA B 357 -28.31 16.88 27.51
N PHE B 358 -28.01 17.88 28.34
CA PHE B 358 -28.14 17.68 29.77
C PHE B 358 -29.54 17.18 30.12
N GLY B 359 -29.60 16.31 31.10
CA GLY B 359 -30.85 15.72 31.54
C GLY B 359 -30.90 14.22 31.35
N VAL B 360 -30.07 13.68 30.47
CA VAL B 360 -29.91 12.24 30.38
C VAL B 360 -29.41 11.72 31.72
N THR B 361 -29.84 10.53 32.11
CA THR B 361 -29.42 9.95 33.39
C THR B 361 -28.21 9.05 33.18
N LEU B 362 -27.46 8.82 34.27
CA LEU B 362 -26.33 7.91 34.19
C LEU B 362 -26.77 6.51 33.76
N ARG B 363 -27.91 6.03 34.30
CA ARG B 363 -28.39 4.70 33.93
C ARG B 363 -28.61 4.59 32.42
N GLU B 364 -29.18 5.63 31.80
CA GLU B 364 -29.40 5.62 30.36
CA GLU B 364 -29.39 5.61 30.35
C GLU B 364 -28.07 5.47 29.62
N LEU B 365 -27.05 6.23 30.03
CA LEU B 365 -25.73 6.15 29.41
C LEU B 365 -25.07 4.79 29.66
N LEU B 366 -25.18 4.26 30.88
CA LEU B 366 -24.53 2.99 31.22
C LEU B 366 -25.14 1.82 30.47
N VAL B 367 -26.47 1.80 30.36
CA VAL B 367 -27.19 0.64 29.86
C VAL B 367 -27.48 0.81 28.39
N ASP B 368 -28.14 1.91 28.02
CA ASP B 368 -28.59 2.09 26.65
C ASP B 368 -27.43 2.32 25.69
N TYR B 369 -26.36 2.99 26.13
CA TYR B 369 -25.18 3.23 25.30
C TYR B 369 -24.03 2.31 25.67
N GLY B 370 -23.69 2.24 26.97
CA GLY B 370 -22.53 1.48 27.40
C GLY B 370 -22.67 -0.03 27.30
N GLY B 371 -23.89 -0.54 27.38
CA GLY B 371 -24.10 -1.99 27.37
C GLY B 371 -23.55 -2.72 28.57
N GLY B 372 -23.43 -2.05 29.73
CA GLY B 372 -22.93 -2.72 30.91
C GLY B 372 -21.42 -2.82 30.92
N THR B 373 -20.91 -3.65 31.82
CA THR B 373 -19.46 -3.75 32.02
C THR B 373 -18.80 -4.55 30.91
N ARG B 374 -17.49 -4.33 30.75
CA ARG B 374 -16.69 -5.18 29.87
C ARG B 374 -16.61 -6.59 30.40
N SER B 375 -16.47 -6.76 31.72
CA SER B 375 -16.34 -8.09 32.29
C SER B 375 -17.64 -8.88 32.22
N GLY B 376 -18.79 -8.21 32.16
CA GLY B 376 -20.07 -8.86 32.31
C GLY B 376 -20.60 -8.90 33.72
N ARG B 377 -19.78 -8.54 34.70
CA ARG B 377 -20.26 -8.50 36.07
C ARG B 377 -21.10 -7.26 36.29
N ALA B 378 -21.79 -7.22 37.43
CA ALA B 378 -22.59 -6.06 37.78
C ALA B 378 -21.71 -4.84 38.00
N ILE B 379 -22.22 -3.68 37.58
CA ILE B 379 -21.64 -2.41 37.98
C ILE B 379 -21.76 -2.27 39.49
N ARG B 380 -20.69 -1.82 40.14
CA ARG B 380 -20.75 -1.60 41.58
C ARG B 380 -20.63 -0.15 41.97
N ALA B 381 -19.78 0.61 41.28
CA ALA B 381 -19.51 2.00 41.59
C ALA B 381 -19.07 2.69 40.31
N VAL B 382 -19.51 3.94 40.12
CA VAL B 382 -19.16 4.71 38.95
C VAL B 382 -18.61 6.04 39.43
N GLN B 383 -17.38 6.35 39.05
CA GLN B 383 -16.82 7.66 39.37
C GLN B 383 -17.13 8.59 38.19
N VAL B 384 -17.88 9.64 38.48
CA VAL B 384 -18.25 10.66 37.52
C VAL B 384 -17.46 11.92 37.86
N GLY B 385 -16.96 12.61 36.83
CA GLY B 385 -16.28 13.87 37.01
C GLY B 385 -14.80 13.78 37.27
N GLY B 386 -14.20 12.60 37.18
CA GLY B 386 -12.77 12.47 37.30
C GLY B 386 -12.32 11.95 38.65
N PRO B 387 -11.01 11.90 38.87
CA PRO B 387 -10.48 11.42 40.15
C PRO B 387 -10.96 12.20 41.35
N LEU B 388 -11.38 13.44 41.18
CA LEU B 388 -11.90 14.22 42.29
C LEU B 388 -13.41 14.14 42.40
N GLY B 389 -14.07 13.31 41.57
CA GLY B 389 -15.50 13.14 41.68
C GLY B 389 -15.87 12.08 42.70
N ALA B 390 -17.13 12.10 43.12
CA ALA B 390 -17.62 11.05 44.00
C ALA B 390 -17.87 9.78 43.21
N TYR B 391 -17.74 8.64 43.90
CA TYR B 391 -18.23 7.38 43.38
C TYR B 391 -19.75 7.34 43.53
N LEU B 392 -20.44 6.97 42.45
CA LEU B 392 -21.90 6.90 42.54
C LEU B 392 -22.33 5.45 42.68
N PRO B 393 -23.19 5.14 43.65
CA PRO B 393 -23.79 3.80 43.69
C PRO B 393 -25.01 3.76 42.77
N GLU B 394 -25.52 2.54 42.59
CA GLU B 394 -26.69 2.35 41.72
C GLU B 394 -27.86 3.22 42.14
N SER B 395 -28.03 3.48 43.44
CA SER B 395 -29.15 4.30 43.87
C SER B 395 -29.10 5.73 43.31
N ARG B 396 -27.96 6.18 42.78
CA ARG B 396 -27.89 7.51 42.18
C ARG B 396 -27.96 7.51 40.65
N PHE B 397 -28.13 6.34 40.01
CA PHE B 397 -28.00 6.29 38.56
C PHE B 397 -29.15 6.99 37.85
N ASP B 398 -30.21 7.36 38.56
CA ASP B 398 -31.34 8.00 37.91
C ASP B 398 -31.37 9.50 38.11
N VAL B 399 -30.40 10.06 38.83
CA VAL B 399 -30.31 11.51 38.87
C VAL B 399 -29.99 12.04 37.47
N PRO B 400 -30.73 13.04 36.96
CA PRO B 400 -30.39 13.63 35.66
C PRO B 400 -29.00 14.26 35.71
N LEU B 401 -28.24 14.05 34.64
CA LEU B 401 -26.92 14.65 34.50
C LEU B 401 -27.12 16.12 34.20
N ASP B 402 -27.00 16.93 35.24
CA ASP B 402 -27.30 18.35 35.28
C ASP B 402 -26.44 18.89 36.41
N TYR B 403 -25.80 20.04 36.20
CA TYR B 403 -24.85 20.53 37.19
C TYR B 403 -25.50 20.67 38.57
N GLU B 404 -26.70 21.23 38.62
CA GLU B 404 -27.34 21.50 39.91
C GLU B 404 -27.85 20.23 40.57
N ALA B 405 -28.41 19.30 39.79
CA ALA B 405 -28.95 18.08 40.39
C ALA B 405 -27.84 17.18 40.92
N TYR B 406 -26.68 17.14 40.25
CA TYR B 406 -25.57 16.37 40.80
C TYR B 406 -24.99 17.05 42.04
N ALA B 407 -24.81 18.36 41.98
CA ALA B 407 -24.27 19.09 43.13
C ALA B 407 -25.10 18.85 44.37
N ALA B 408 -26.42 18.76 44.21
CA ALA B 408 -27.32 18.66 45.36
C ALA B 408 -26.99 17.44 46.22
N PHE B 409 -26.61 16.31 45.62
CA PHE B 409 -26.32 15.14 46.43
C PHE B 409 -24.83 14.88 46.61
N GLY B 410 -23.98 15.78 46.17
CA GLY B 410 -22.55 15.55 46.25
C GLY B 410 -21.94 14.90 45.03
N GLY B 411 -22.71 14.73 43.95
CA GLY B 411 -22.12 14.32 42.68
C GLY B 411 -21.41 15.45 41.95
N VAL B 412 -20.54 15.08 41.02
CA VAL B 412 -19.74 16.00 40.22
C VAL B 412 -19.90 15.58 38.76
N VAL B 413 -20.55 16.41 37.95
CA VAL B 413 -20.56 16.14 36.51
C VAL B 413 -19.17 16.33 35.94
N GLY B 414 -18.49 17.39 36.37
CA GLY B 414 -17.15 17.68 35.90
C GLY B 414 -17.16 17.81 34.39
N HIS B 415 -16.13 17.25 33.77
CA HIS B 415 -15.96 17.21 32.32
C HIS B 415 -16.86 16.18 31.65
N GLY B 416 -17.69 15.46 32.42
CA GLY B 416 -18.54 14.45 31.83
C GLY B 416 -17.90 13.09 31.63
N GLY B 417 -16.75 12.83 32.23
CA GLY B 417 -16.18 11.50 32.16
C GLY B 417 -16.81 10.57 33.18
N ILE B 418 -16.88 9.29 32.80
CA ILE B 418 -17.66 8.27 33.50
C ILE B 418 -16.81 7.00 33.53
N VAL B 419 -16.35 6.63 34.71
CA VAL B 419 -15.48 5.46 34.90
C VAL B 419 -16.25 4.39 35.67
N VAL B 420 -16.45 3.22 35.04
CA VAL B 420 -17.31 2.17 35.57
C VAL B 420 -16.44 1.13 36.29
N PHE B 421 -16.81 0.79 37.52
CA PHE B 421 -16.19 -0.33 38.23
C PHE B 421 -17.21 -1.43 38.45
N ASP B 422 -16.78 -2.67 38.22
CA ASP B 422 -17.69 -3.77 38.44
C ASP B 422 -17.54 -4.26 39.89
N GLU B 423 -18.22 -5.37 40.21
CA GLU B 423 -18.32 -5.84 41.60
C GLU B 423 -16.98 -6.25 42.20
N THR B 424 -15.95 -6.46 41.38
CA THR B 424 -14.67 -6.86 41.94
C THR B 424 -13.92 -5.70 42.59
N VAL B 425 -14.39 -4.46 42.40
CA VAL B 425 -13.63 -3.30 42.86
C VAL B 425 -13.48 -3.35 44.37
N ASP B 426 -12.30 -2.97 44.86
CA ASP B 426 -12.07 -2.84 46.29
C ASP B 426 -12.12 -1.35 46.63
N MET B 427 -13.17 -0.92 47.32
CA MET B 427 -13.33 0.52 47.53
C MET B 427 -12.33 1.08 48.53
N ALA B 428 -11.79 0.23 49.41
CA ALA B 428 -10.73 0.69 50.31
C ALA B 428 -9.45 0.97 49.53
N LYS B 429 -9.12 0.12 48.56
CA LYS B 429 -8.00 0.40 47.69
C LYS B 429 -8.25 1.64 46.83
N GLN B 430 -9.50 1.88 46.43
CA GLN B 430 -9.81 3.10 45.69
C GLN B 430 -9.57 4.34 46.54
N ALA B 431 -10.01 4.27 47.81
CA ALA B 431 -9.78 5.38 48.74
C ALA B 431 -8.29 5.61 48.95
N ARG B 432 -7.52 4.53 49.14
CA ARG B 432 -6.08 4.65 49.26
C ARG B 432 -5.48 5.32 48.02
N TYR B 433 -5.95 4.93 46.83
CA TYR B 433 -5.40 5.53 45.61
C TYR B 433 -5.69 7.02 45.53
N ALA B 434 -6.91 7.43 45.93
CA ALA B 434 -7.25 8.85 45.88
C ALA B 434 -6.26 9.65 46.71
N MET B 435 -5.91 9.13 47.90
CA MET B 435 -4.92 9.77 48.75
C MET B 435 -3.54 9.71 48.11
N GLU B 436 -3.16 8.56 47.56
CA GLU B 436 -1.85 8.46 46.91
C GLU B 436 -1.74 9.45 45.75
N PHE B 437 -2.80 9.55 44.95
CA PHE B 437 -2.77 10.44 43.79
C PHE B 437 -2.62 11.89 44.23
N CYS B 438 -3.31 12.27 45.30
CA CYS B 438 -3.18 13.63 45.82
C CYS B 438 -1.78 13.89 46.32
N ALA B 439 -1.18 12.90 46.99
CA ALA B 439 0.19 13.05 47.46
C ALA B 439 1.17 13.20 46.30
N ILE B 440 0.93 12.47 45.21
CA ILE B 440 1.78 12.56 44.03
C ILE B 440 1.63 13.92 43.36
N GLU B 441 0.39 14.41 43.22
CA GLU B 441 0.17 15.59 42.38
C GLU B 441 0.15 16.90 43.16
N SER B 442 0.23 16.88 44.48
CA SER B 442 0.11 18.12 45.24
C SER B 442 1.17 19.12 44.79
N CYS B 443 0.73 20.35 44.50
CA CYS B 443 1.68 21.41 44.18
C CYS B 443 2.49 21.83 45.41
N GLY B 444 2.04 21.47 46.61
CA GLY B 444 2.82 21.66 47.82
C GLY B 444 2.49 22.87 48.66
N LYS B 445 1.58 23.73 48.19
CA LYS B 445 1.30 24.97 48.88
C LYS B 445 0.55 24.75 50.21
N CYS B 446 -0.24 23.68 50.32
CA CYS B 446 -1.14 23.45 51.44
C CYS B 446 -0.73 22.19 52.18
N THR B 447 -0.67 22.28 53.51
CA THR B 447 -0.21 21.14 54.31
C THR B 447 -1.15 19.93 54.24
N PRO B 448 -2.46 20.08 54.40
CA PRO B 448 -3.31 18.88 54.32
C PRO B 448 -3.18 18.18 52.97
N CYS B 449 -3.04 18.95 51.89
CA CYS B 449 -2.89 18.33 50.57
C CYS B 449 -1.52 17.68 50.40
N ARG B 450 -0.46 18.36 50.83
CA ARG B 450 0.90 17.90 50.56
C ARG B 450 1.31 16.74 51.48
N ILE B 451 0.98 16.83 52.77
CA ILE B 451 1.43 15.86 53.76
C ILE B 451 0.26 15.07 54.34
N GLY B 452 -0.89 15.70 54.51
CA GLY B 452 -2.05 14.98 55.00
C GLY B 452 -2.44 13.84 54.09
N SER B 453 -2.26 14.02 52.77
CA SER B 453 -2.58 12.96 51.82
C SER B 453 -1.75 11.71 52.09
N THR B 454 -0.44 11.88 52.35
CA THR B 454 0.41 10.72 52.60
C THR B 454 0.04 10.03 53.90
N ARG B 455 -0.37 10.79 54.92
CA ARG B 455 -0.84 10.14 56.15
C ARG B 455 -2.13 9.35 55.89
N GLY B 456 -2.99 9.87 55.00
CA GLY B 456 -4.16 9.12 54.60
C GLY B 456 -3.83 7.79 53.92
N VAL B 457 -2.77 7.78 53.12
CA VAL B 457 -2.29 6.53 52.53
C VAL B 457 -1.89 5.55 53.63
N GLU B 458 -1.10 6.02 54.59
CA GLU B 458 -0.62 5.13 55.66
C GLU B 458 -1.79 4.53 56.43
N VAL B 459 -2.76 5.36 56.79
CA VAL B 459 -3.91 4.87 57.55
C VAL B 459 -4.73 3.87 56.72
N MET B 460 -4.96 4.21 55.44
CA MET B 460 -5.66 3.27 54.56
C MET B 460 -4.93 1.93 54.49
N ASP B 461 -3.59 1.95 54.45
CA ASP B 461 -2.83 0.72 54.49
C ASP B 461 -3.15 -0.11 55.73
N ARG B 462 -3.24 0.56 56.89
CA ARG B 462 -3.63 -0.14 58.11
C ARG B 462 -5.03 -0.74 57.97
N ILE B 463 -5.96 0.00 57.37
CA ILE B 463 -7.32 -0.50 57.17
C ILE B 463 -7.31 -1.69 56.22
N ILE B 464 -6.56 -1.59 55.13
CA ILE B 464 -6.54 -2.68 54.15
C ILE B 464 -5.91 -3.93 54.76
N ALA B 465 -4.91 -3.76 55.63
CA ALA B 465 -4.33 -4.90 56.34
C ALA B 465 -5.22 -5.39 57.47
N GLY B 466 -6.38 -4.76 57.69
CA GLY B 466 -7.31 -5.22 58.70
C GLY B 466 -7.00 -4.77 60.12
N GLU B 467 -6.16 -3.75 60.29
CA GLU B 467 -5.77 -3.29 61.62
C GLU B 467 -6.72 -2.19 62.10
N GLN B 468 -7.45 -2.47 63.19
CA GLN B 468 -8.30 -1.52 63.89
C GLN B 468 -9.14 -0.68 62.95
N PRO B 469 -10.08 -1.28 62.23
CA PRO B 469 -10.79 -0.52 61.18
C PRO B 469 -11.57 0.67 61.71
N VAL B 470 -12.23 0.52 62.86
CA VAL B 470 -13.09 1.59 63.36
C VAL B 470 -12.24 2.82 63.70
N LYS B 471 -11.17 2.63 64.48
CA LYS B 471 -10.29 3.74 64.83
C LYS B 471 -9.75 4.45 63.59
N HIS B 472 -9.31 3.69 62.61
CA HIS B 472 -8.58 4.30 61.49
C HIS B 472 -9.52 4.94 60.48
N VAL B 473 -10.75 4.41 60.34
CA VAL B 473 -11.73 5.11 59.50
C VAL B 473 -12.04 6.47 60.08
N ALA B 474 -12.15 6.56 61.41
CA ALA B 474 -12.37 7.85 62.06
C ALA B 474 -11.22 8.81 61.77
N LEU B 475 -9.98 8.31 61.80
CA LEU B 475 -8.85 9.18 61.45
C LEU B 475 -8.95 9.66 60.01
N VAL B 476 -9.37 8.78 59.10
CA VAL B 476 -9.50 9.19 57.70
C VAL B 476 -10.56 10.27 57.55
N ARG B 477 -11.70 10.05 58.23
CA ARG B 477 -12.81 11.05 58.21
C ARG B 477 -12.26 12.40 58.67
N ASP B 478 -11.52 12.40 59.79
CA ASP B 478 -10.89 13.62 60.32
C ASP B 478 -9.97 14.25 59.29
N LEU B 479 -9.13 13.45 58.66
CA LEU B 479 -8.22 14.01 57.67
C LEU B 479 -8.99 14.63 56.52
N CYS B 480 -10.10 13.99 56.12
CA CYS B 480 -10.90 14.53 55.03
C CYS B 480 -11.47 15.89 55.39
N ASP B 481 -11.97 16.06 56.61
CA ASP B 481 -12.48 17.36 57.02
C ASP B 481 -11.37 18.41 56.95
N THR B 482 -10.16 18.04 57.35
CA THR B 482 -9.03 18.96 57.27
C THR B 482 -8.75 19.37 55.82
N MET B 483 -8.89 18.44 54.88
CA MET B 483 -8.66 18.77 53.49
C MET B 483 -9.81 19.60 52.94
N LEU B 484 -11.05 19.30 53.35
CA LEU B 484 -12.18 20.09 52.86
C LEU B 484 -12.05 21.55 53.26
N ASN B 485 -11.46 21.82 54.41
CA ASN B 485 -11.44 23.16 54.98
C ASN B 485 -10.08 23.85 54.85
N GLY B 486 -9.04 23.11 54.45
CA GLY B 486 -7.71 23.69 54.46
C GLY B 486 -6.96 23.55 53.16
N SER B 487 -7.69 23.47 52.05
CA SER B 487 -7.10 23.31 50.72
C SER B 487 -7.39 24.56 49.90
N LEU B 488 -6.36 25.10 49.24
CA LEU B 488 -6.54 26.31 48.45
C LEU B 488 -7.08 26.04 47.04
N CYS B 489 -7.10 24.79 46.58
CA CYS B 489 -7.76 24.46 45.32
C CYS B 489 -8.38 23.06 45.44
N ALA B 490 -9.04 22.64 44.37
CA ALA B 490 -9.85 21.42 44.42
C ALA B 490 -9.03 20.14 44.46
N MET B 491 -7.73 20.18 44.15
CA MET B 491 -6.91 18.98 44.32
C MET B 491 -7.01 18.46 45.75
N GLY B 492 -6.59 19.27 46.72
CA GLY B 492 -6.77 18.89 48.10
C GLY B 492 -8.24 18.95 48.53
N GLY B 493 -8.97 19.92 48.01
CA GLY B 493 -10.30 20.19 48.52
C GLY B 493 -11.32 19.14 48.13
N MET B 494 -11.10 18.45 47.01
CA MET B 494 -12.04 17.44 46.53
C MET B 494 -11.50 16.02 46.60
N THR B 495 -10.27 15.85 47.05
CA THR B 495 -9.78 14.51 47.34
C THR B 495 -10.71 13.76 48.31
N PRO B 496 -11.33 14.44 49.29
CA PRO B 496 -12.29 13.74 50.15
C PRO B 496 -13.51 13.19 49.39
N TYR B 497 -13.79 13.66 48.17
CA TYR B 497 -15.02 13.23 47.52
C TYR B 497 -15.00 11.73 47.19
N PRO B 498 -14.00 11.20 46.47
CA PRO B 498 -13.97 9.74 46.30
C PRO B 498 -13.75 9.01 47.61
N VAL B 499 -13.02 9.59 48.56
CA VAL B 499 -12.76 8.88 49.82
C VAL B 499 -14.04 8.75 50.62
N LEU B 500 -14.77 9.86 50.81
CA LEU B 500 -15.96 9.82 51.66
C LEU B 500 -17.12 9.07 50.99
N SER B 501 -17.22 9.13 49.67
CA SER B 501 -18.30 8.39 49.01
C SER B 501 -18.03 6.90 49.05
N ALA B 502 -16.78 6.50 48.83
CA ALA B 502 -16.42 5.09 49.00
C ALA B 502 -16.73 4.61 50.41
N LEU B 503 -16.27 5.37 51.40
CA LEU B 503 -16.48 4.97 52.79
C LEU B 503 -17.96 4.95 53.16
N ASN B 504 -18.72 5.95 52.71
CA ASN B 504 -20.13 6.03 53.06
C ASN B 504 -20.95 4.95 52.34
N GLU B 505 -20.63 4.67 51.08
CA GLU B 505 -21.45 3.77 50.29
C GLU B 505 -21.01 2.32 50.38
N PHE B 506 -19.76 2.06 50.76
CA PHE B 506 -19.21 0.71 50.78
C PHE B 506 -18.40 0.47 52.05
N PRO B 507 -19.01 0.66 53.23
CA PRO B 507 -18.25 0.51 54.46
C PRO B 507 -17.72 -0.89 54.67
N GLU B 508 -18.37 -1.90 54.08
CA GLU B 508 -17.93 -3.27 54.22
C GLU B 508 -16.53 -3.48 53.63
N ASP B 509 -16.16 -2.69 52.64
CA ASP B 509 -14.82 -2.81 52.08
C ASP B 509 -13.75 -2.31 53.04
N PHE B 510 -14.15 -1.54 54.05
CA PHE B 510 -13.21 -0.98 55.02
C PHE B 510 -13.20 -1.78 56.32
N GLY B 511 -13.84 -2.95 56.34
CA GLY B 511 -13.88 -3.78 57.52
C GLY B 511 -14.99 -3.45 58.51
N LEU B 512 -15.86 -2.50 58.20
CA LEU B 512 -16.93 -2.08 59.10
C LEU B 512 -18.22 -2.84 58.81
N ALA B 513 -19.19 -2.68 59.71
CA ALA B 513 -20.49 -3.37 59.64
C ALA B 513 -21.24 -3.11 58.33
N ASP C 13 -11.34 -36.19 -8.74
CA ASP C 13 -10.25 -36.72 -9.56
C ASP C 13 -10.82 -37.32 -10.84
N ALA C 14 -11.17 -38.62 -10.82
CA ALA C 14 -11.70 -39.27 -12.02
C ALA C 14 -13.00 -38.64 -12.46
N THR C 15 -13.90 -38.34 -11.49
CA THR C 15 -15.16 -37.68 -11.85
C THR C 15 -14.90 -36.27 -12.38
N ARG C 16 -13.99 -35.54 -11.75
CA ARG C 16 -13.68 -34.19 -12.24
C ARG C 16 -13.08 -34.22 -13.64
N ILE C 17 -12.25 -35.23 -13.93
CA ILE C 17 -11.72 -35.35 -15.29
C ILE C 17 -12.86 -35.53 -16.29
N ALA C 18 -13.86 -36.35 -15.92
CA ALA C 18 -15.00 -36.54 -16.82
C ALA C 18 -15.77 -35.24 -17.03
N ALA C 19 -15.90 -34.41 -15.97
CA ALA C 19 -16.56 -33.11 -16.10
C ALA C 19 -15.76 -32.15 -16.97
N ILE C 20 -14.43 -32.13 -16.79
CA ILE C 20 -13.56 -31.31 -17.63
C ILE C 20 -13.78 -31.65 -19.10
N VAL C 21 -13.85 -32.95 -19.40
CA VAL C 21 -14.08 -33.41 -20.77
C VAL C 21 -15.47 -33.00 -21.23
N ALA C 22 -16.48 -33.19 -20.38
CA ALA C 22 -17.87 -32.94 -20.77
C ALA C 22 -18.11 -31.47 -21.09
N ALA C 23 -17.44 -30.58 -20.37
CA ALA C 23 -17.65 -29.16 -20.64
C ALA C 23 -17.02 -28.73 -21.96
N ARG C 24 -15.96 -29.43 -22.40
CA ARG C 24 -15.18 -29.00 -23.55
C ARG C 24 -15.38 -29.84 -24.79
N GLN C 25 -16.19 -30.91 -24.70
CA GLN C 25 -16.10 -31.94 -25.73
C GLN C 25 -16.64 -31.50 -27.08
N ASP C 26 -17.40 -30.40 -27.16
CA ASP C 26 -17.90 -29.92 -28.44
C ASP C 26 -17.14 -28.70 -28.95
N ILE C 27 -16.01 -28.37 -28.34
CA ILE C 27 -15.16 -27.27 -28.78
C ILE C 27 -14.36 -27.71 -30.01
N PRO C 28 -14.22 -26.86 -31.03
CA PRO C 28 -13.36 -27.19 -32.18
C PRO C 28 -11.93 -27.47 -31.74
N GLY C 29 -11.45 -28.68 -32.05
CA GLY C 29 -10.11 -29.08 -31.66
C GLY C 29 -9.92 -29.08 -30.16
N ALA C 30 -10.83 -29.77 -29.45
CA ALA C 30 -10.93 -29.70 -28.00
C ALA C 30 -9.80 -30.43 -27.26
N LEU C 31 -9.02 -31.27 -27.94
CA LEU C 31 -8.11 -32.16 -27.22
C LEU C 31 -7.09 -31.39 -26.38
N LEU C 32 -6.36 -30.45 -27.00
CA LEU C 32 -5.35 -29.73 -26.22
C LEU C 32 -5.96 -28.92 -25.10
N PRO C 33 -7.04 -28.15 -25.30
CA PRO C 33 -7.67 -27.49 -24.14
C PRO C 33 -8.06 -28.47 -23.03
N ILE C 34 -8.51 -29.67 -23.39
CA ILE C 34 -8.88 -30.69 -22.40
C ILE C 34 -7.64 -31.18 -21.65
N LEU C 35 -6.57 -31.49 -22.39
CA LEU C 35 -5.35 -32.00 -21.76
C LEU C 35 -4.75 -30.96 -20.82
N HIS C 36 -4.76 -29.69 -21.24
CA HIS C 36 -4.31 -28.60 -20.39
C HIS C 36 -5.11 -28.54 -19.09
N GLU C 37 -6.42 -28.61 -19.19
CA GLU C 37 -7.24 -28.47 -17.99
C GLU C 37 -7.05 -29.65 -17.04
N ILE C 38 -6.93 -30.86 -17.59
CA ILE C 38 -6.62 -32.02 -16.76
C ILE C 38 -5.26 -31.83 -16.08
N GLN C 39 -4.22 -31.51 -16.85
CA GLN C 39 -2.92 -31.31 -16.23
C GLN C 39 -2.94 -30.14 -15.23
N ASP C 40 -3.63 -29.05 -15.56
CA ASP C 40 -3.68 -27.89 -14.67
C ASP C 40 -4.36 -28.24 -13.34
N THR C 41 -5.38 -29.09 -13.37
CA THR C 41 -6.10 -29.41 -12.15
C THR C 41 -5.58 -30.67 -11.45
N GLN C 42 -5.08 -31.64 -12.21
CA GLN C 42 -4.67 -32.90 -11.58
C GLN C 42 -3.16 -33.03 -11.44
N GLY C 43 -2.38 -32.23 -12.16
CA GLY C 43 -0.94 -32.28 -12.13
C GLY C 43 -0.30 -33.07 -13.25
N TYR C 44 -1.08 -33.90 -13.93
CA TYR C 44 -0.58 -34.75 -15.01
C TYR C 44 -1.81 -35.32 -15.70
N ILE C 45 -1.58 -36.08 -16.77
CA ILE C 45 -2.69 -36.74 -17.45
C ILE C 45 -2.62 -38.23 -17.11
N PRO C 46 -3.56 -38.75 -16.32
CA PRO C 46 -3.54 -40.17 -15.96
C PRO C 46 -3.89 -41.05 -17.15
N ASP C 47 -3.31 -42.25 -17.17
CA ASP C 47 -3.62 -43.21 -18.22
C ASP C 47 -5.12 -43.50 -18.28
N ALA C 48 -5.77 -43.54 -17.11
CA ALA C 48 -7.20 -43.86 -17.04
C ALA C 48 -8.06 -42.75 -17.64
N ALA C 49 -7.51 -41.57 -17.89
CA ALA C 49 -8.27 -40.52 -18.56
C ALA C 49 -8.33 -40.74 -20.07
N VAL C 50 -7.34 -41.43 -20.64
CA VAL C 50 -7.29 -41.55 -22.11
C VAL C 50 -8.53 -42.20 -22.69
N PRO C 51 -9.05 -43.33 -22.17
CA PRO C 51 -10.29 -43.86 -22.75
C PRO C 51 -11.46 -42.88 -22.65
N VAL C 52 -11.53 -42.12 -21.56
CA VAL C 52 -12.63 -41.17 -21.37
C VAL C 52 -12.56 -40.06 -22.41
N ILE C 53 -11.36 -39.51 -22.62
CA ILE C 53 -11.17 -38.47 -23.61
C ILE C 53 -11.47 -39.00 -25.01
N ALA C 54 -10.91 -40.17 -25.32
CA ALA C 54 -11.07 -40.75 -26.66
C ALA C 54 -12.54 -40.93 -27.01
N ARG C 55 -13.31 -41.55 -26.10
CA ARG C 55 -14.72 -41.78 -26.39
C ARG C 55 -15.45 -40.47 -26.65
N ALA C 56 -15.22 -39.47 -25.80
CA ALA C 56 -15.98 -38.22 -25.93
C ALA C 56 -15.62 -37.46 -27.19
N LEU C 57 -14.37 -37.50 -27.64
CA LEU C 57 -13.95 -36.79 -28.84
C LEU C 57 -14.00 -37.65 -30.09
N ASN C 58 -14.48 -38.89 -29.99
CA ASN C 58 -14.48 -39.83 -31.12
CA ASN C 58 -14.50 -39.81 -31.13
C ASN C 58 -13.09 -39.97 -31.71
N LEU C 59 -12.12 -40.21 -30.83
CA LEU C 59 -10.74 -40.47 -31.21
C LEU C 59 -10.35 -41.84 -30.70
N SER C 60 -9.27 -42.39 -31.25
CA SER C 60 -8.74 -43.65 -30.72
C SER C 60 -7.87 -43.40 -29.50
N ARG C 61 -7.69 -44.45 -28.70
CA ARG C 61 -6.83 -44.35 -27.52
C ARG C 61 -5.38 -44.09 -27.94
N ALA C 62 -4.92 -44.77 -29.01
CA ALA C 62 -3.56 -44.58 -29.47
C ALA C 62 -3.35 -43.15 -29.97
N GLU C 63 -4.36 -42.56 -30.60
CA GLU C 63 -4.27 -41.18 -31.06
C GLU C 63 -4.05 -40.23 -29.88
N VAL C 64 -4.89 -40.34 -28.85
CA VAL C 64 -4.75 -39.45 -27.69
C VAL C 64 -3.42 -39.66 -26.99
N HIS C 65 -3.03 -40.92 -26.78
CA HIS C 65 -1.71 -41.18 -26.21
C HIS C 65 -0.60 -40.55 -27.07
N GLY C 66 -0.73 -40.63 -28.40
CA GLY C 66 0.31 -40.06 -29.26
C GLY C 66 0.39 -38.54 -29.16
N VAL C 67 -0.75 -37.88 -28.98
CA VAL C 67 -0.71 -36.45 -28.75
C VAL C 67 -0.05 -36.14 -27.41
N ILE C 68 -0.42 -36.87 -26.37
CA ILE C 68 0.17 -36.63 -25.05
C ILE C 68 1.70 -36.79 -25.08
N THR C 69 2.19 -37.86 -25.73
CA THR C 69 3.63 -38.09 -25.79
C THR C 69 4.34 -37.08 -26.68
N PHE C 70 3.68 -36.57 -27.71
CA PHE C 70 4.33 -35.65 -28.64
C PHE C 70 4.70 -34.34 -27.96
N TYR C 71 3.84 -33.82 -27.08
CA TYR C 71 3.99 -32.48 -26.56
C TYR C 71 4.69 -32.53 -25.21
N HIS C 72 5.91 -31.97 -25.17
CA HIS C 72 6.74 -32.05 -23.97
CA HIS C 72 6.74 -32.06 -23.97
C HIS C 72 6.09 -31.40 -22.76
N HIS C 73 5.20 -30.44 -22.98
CA HIS C 73 4.55 -29.79 -21.83
C HIS C 73 3.75 -30.78 -20.98
N PHE C 74 3.22 -31.83 -21.59
CA PHE C 74 2.30 -32.73 -20.91
C PHE C 74 3.05 -33.82 -20.15
N ARG C 75 2.54 -34.13 -18.96
CA ARG C 75 3.08 -35.16 -18.09
CA ARG C 75 3.07 -35.16 -18.09
C ARG C 75 2.09 -36.30 -17.96
N GLN C 76 2.60 -37.52 -17.87
CA GLN C 76 1.75 -38.69 -17.65
C GLN C 76 1.93 -39.28 -16.26
N GLN C 77 2.81 -38.71 -15.44
CA GLN C 77 3.02 -39.10 -14.06
C GLN C 77 3.23 -37.82 -13.27
N PRO C 78 2.90 -37.83 -11.97
CA PRO C 78 3.05 -36.59 -11.20
C PRO C 78 4.50 -36.10 -11.16
N ALA C 79 4.68 -34.78 -11.19
CA ALA C 79 5.98 -34.18 -10.98
C ALA C 79 6.22 -33.98 -9.49
N GLY C 80 7.33 -33.35 -9.15
CA GLY C 80 7.59 -32.96 -7.79
C GLY C 80 6.65 -31.85 -7.35
N ARG C 81 6.82 -31.41 -6.10
CA ARG C 81 6.02 -30.29 -5.61
C ARG C 81 6.21 -29.06 -6.50
N HIS C 82 7.44 -28.80 -6.91
CA HIS C 82 7.74 -27.64 -7.75
C HIS C 82 8.48 -28.10 -9.00
N VAL C 83 8.03 -27.58 -10.16
CA VAL C 83 8.69 -27.80 -11.42
C VAL C 83 9.54 -26.57 -11.69
N VAL C 84 10.87 -26.75 -11.67
CA VAL C 84 11.82 -25.68 -11.94
C VAL C 84 12.32 -25.84 -13.37
N GLN C 85 11.93 -24.89 -14.22
CA GLN C 85 12.32 -24.85 -15.62
C GLN C 85 13.50 -23.89 -15.78
N VAL C 86 14.60 -24.40 -16.32
CA VAL C 86 15.82 -23.62 -16.57
C VAL C 86 15.92 -23.44 -18.07
N CYS C 87 16.00 -22.19 -18.52
CA CYS C 87 16.14 -21.96 -19.95
C CYS C 87 17.50 -22.41 -20.44
N ARG C 88 17.50 -23.13 -21.57
CA ARG C 88 18.71 -23.69 -22.17
C ARG C 88 19.01 -23.06 -23.54
N ALA C 89 18.23 -22.07 -23.96
CA ALA C 89 18.29 -21.56 -25.32
C ALA C 89 19.37 -20.47 -25.46
N GLU C 90 19.49 -19.93 -26.68
CA GLU C 90 20.73 -19.25 -27.06
C GLU C 90 21.00 -18.00 -26.23
N ALA C 91 19.98 -17.16 -26.01
CA ALA C 91 20.22 -15.89 -25.31
C ALA C 91 20.68 -16.14 -23.88
N CYS C 92 20.00 -17.06 -23.16
CA CYS C 92 20.46 -17.42 -21.83
C CYS C 92 21.81 -18.13 -21.85
N GLN C 93 22.10 -18.93 -22.88
CA GLN C 93 23.44 -19.49 -23.02
C GLN C 93 24.52 -18.40 -23.04
N SER C 94 24.27 -17.34 -23.79
CA SER C 94 25.24 -16.25 -23.98
C SER C 94 25.56 -15.55 -22.66
N VAL C 95 24.73 -15.71 -21.63
CA VAL C 95 25.02 -15.13 -20.32
C VAL C 95 25.14 -16.21 -19.24
N GLY C 96 25.46 -17.44 -19.62
CA GLY C 96 25.86 -18.45 -18.67
C GLY C 96 24.86 -19.55 -18.32
N ALA C 97 23.82 -19.77 -19.14
CA ALA C 97 22.84 -20.80 -18.80
C ALA C 97 23.46 -22.20 -18.69
N GLU C 98 24.53 -22.48 -19.46
CA GLU C 98 25.07 -23.85 -19.38
C GLU C 98 25.73 -24.12 -18.05
N ALA C 99 26.49 -23.15 -17.51
CA ALA C 99 27.03 -23.31 -16.17
C ALA C 99 25.91 -23.38 -15.12
N LEU C 100 24.85 -22.60 -15.31
CA LEU C 100 23.72 -22.66 -14.38
C LEU C 100 23.08 -24.04 -14.37
N ALA C 101 22.91 -24.64 -15.55
CA ALA C 101 22.32 -25.97 -15.65
C ALA C 101 23.21 -27.03 -15.00
N GLU C 102 24.54 -26.88 -15.13
CA GLU C 102 25.43 -27.82 -14.45
C GLU C 102 25.35 -27.67 -12.94
N HIS C 103 25.31 -26.43 -12.44
CA HIS C 103 25.19 -26.22 -11.00
C HIS C 103 23.87 -26.78 -10.49
N ALA C 104 22.77 -26.50 -11.19
CA ALA C 104 21.47 -26.97 -10.72
C ALA C 104 21.44 -28.48 -10.58
N GLN C 105 22.09 -29.18 -11.51
CA GLN C 105 22.12 -30.64 -11.43
C GLN C 105 22.98 -31.12 -10.27
N ARG C 106 24.09 -30.44 -10.00
CA ARG C 106 24.87 -30.80 -8.82
C ARG C 106 24.09 -30.48 -7.55
N ALA C 107 23.51 -29.28 -7.48
CA ALA C 107 22.86 -28.81 -6.26
C ALA C 107 21.61 -29.62 -5.94
N LEU C 108 20.87 -30.04 -6.96
CA LEU C 108 19.67 -30.82 -6.72
C LEU C 108 19.94 -32.31 -6.64
N GLY C 109 21.07 -32.78 -7.16
CA GLY C 109 21.36 -34.20 -7.15
C GLY C 109 20.57 -35.00 -8.17
N CYS C 110 20.09 -34.36 -9.24
CA CYS C 110 19.34 -35.05 -10.27
C CYS C 110 19.57 -34.36 -11.61
N GLY C 111 19.28 -35.08 -12.68
CA GLY C 111 19.41 -34.55 -14.01
C GLY C 111 18.15 -33.82 -14.46
N PHE C 112 18.19 -33.36 -15.71
CA PHE C 112 16.99 -32.79 -16.32
C PHE C 112 15.95 -33.88 -16.52
N HIS C 113 14.67 -33.48 -16.45
CA HIS C 113 13.52 -34.37 -16.53
C HIS C 113 13.45 -35.35 -15.34
N GLU C 114 14.19 -35.08 -14.27
CA GLU C 114 14.16 -35.93 -13.08
C GLU C 114 13.68 -35.12 -11.89
N THR C 115 13.32 -35.85 -10.83
CA THR C 115 12.82 -35.27 -9.59
C THR C 115 13.75 -35.63 -8.43
N THR C 116 13.98 -34.66 -7.53
CA THR C 116 14.86 -34.87 -6.39
C THR C 116 14.34 -36.01 -5.50
N ALA C 117 15.24 -36.54 -4.68
CA ALA C 117 14.90 -37.67 -3.83
C ALA C 117 13.86 -37.30 -2.77
N ASP C 118 13.85 -36.05 -2.31
CA ASP C 118 12.83 -35.61 -1.38
C ASP C 118 11.52 -35.24 -2.07
N GLY C 119 11.43 -35.46 -3.38
CA GLY C 119 10.24 -35.17 -4.15
C GLY C 119 9.89 -33.70 -4.24
N GLN C 120 10.79 -32.80 -3.85
CA GLN C 120 10.41 -31.40 -3.79
C GLN C 120 10.55 -30.67 -5.12
N VAL C 121 11.51 -31.05 -5.96
CA VAL C 121 11.80 -30.31 -7.19
C VAL C 121 11.91 -31.28 -8.34
N THR C 122 11.24 -30.95 -9.45
CA THR C 122 11.46 -31.59 -10.74
C THR C 122 12.18 -30.58 -11.62
N LEU C 123 13.35 -30.98 -12.14
CA LEU C 123 14.19 -30.10 -12.95
C LEU C 123 13.90 -30.34 -14.42
N GLU C 124 13.47 -29.29 -15.14
CA GLU C 124 13.13 -29.37 -16.55
C GLU C 124 13.83 -28.30 -17.37
N PRO C 125 14.22 -28.62 -18.61
CA PRO C 125 14.69 -27.58 -19.52
C PRO C 125 13.50 -26.87 -20.12
N VAL C 126 13.71 -25.61 -20.49
CA VAL C 126 12.75 -24.88 -21.29
C VAL C 126 13.56 -24.15 -22.35
N TYR C 127 12.96 -23.94 -23.53
CA TYR C 127 13.68 -23.33 -24.65
C TYR C 127 13.06 -21.96 -24.90
N CYS C 128 13.55 -20.99 -24.13
CA CYS C 128 13.18 -19.56 -24.12
C CYS C 128 11.86 -19.25 -23.40
N LEU C 129 11.93 -18.33 -22.43
CA LEU C 129 10.77 -17.83 -21.69
C LEU C 129 10.38 -16.42 -22.11
N GLY C 130 10.95 -15.94 -23.22
CA GLY C 130 10.72 -14.57 -23.62
C GLY C 130 11.29 -13.57 -22.65
N GLN C 131 12.27 -13.98 -21.85
CA GLN C 131 12.99 -13.13 -20.91
C GLN C 131 14.45 -12.93 -21.36
N CYS C 132 14.66 -12.91 -22.67
CA CYS C 132 15.98 -13.15 -23.26
C CYS C 132 17.01 -12.04 -22.96
N ALA C 133 16.55 -10.86 -22.54
CA ALA C 133 17.42 -9.77 -22.18
C ALA C 133 17.75 -9.74 -20.69
N CYS C 134 17.16 -10.61 -19.87
CA CYS C 134 17.43 -10.62 -18.44
CA CYS C 134 17.48 -10.61 -18.44
C CYS C 134 17.73 -12.02 -17.92
N GLY C 135 18.38 -12.84 -18.74
CA GLY C 135 18.70 -14.19 -18.36
C GLY C 135 19.97 -14.22 -17.56
N PRO C 136 20.40 -15.44 -17.19
CA PRO C 136 19.71 -16.72 -17.42
C PRO C 136 18.37 -16.76 -16.69
N ALA C 137 17.36 -17.29 -17.35
CA ALA C 137 15.99 -17.20 -16.89
C ALA C 137 15.53 -18.54 -16.34
N VAL C 138 14.72 -18.49 -15.29
CA VAL C 138 14.14 -19.67 -14.66
C VAL C 138 12.69 -19.36 -14.40
N MET C 139 11.81 -20.34 -14.62
CA MET C 139 10.41 -20.20 -14.24
C MET C 139 10.03 -21.36 -13.32
N VAL C 140 9.34 -21.03 -12.23
CA VAL C 140 8.78 -22.02 -11.32
C VAL C 140 7.28 -21.83 -11.30
N GLY C 141 6.55 -22.79 -11.86
CA GLY C 141 5.13 -22.61 -12.05
C GLY C 141 4.92 -21.49 -13.04
N GLU C 142 4.47 -20.34 -12.54
CA GLU C 142 4.40 -19.15 -13.36
C GLU C 142 5.22 -18.03 -12.75
N GLN C 143 6.08 -18.33 -11.79
CA GLN C 143 6.93 -17.33 -11.18
C GLN C 143 8.25 -17.27 -11.96
N LEU C 144 8.55 -16.13 -12.53
CA LEU C 144 9.77 -15.98 -13.33
C LEU C 144 10.91 -15.43 -12.48
N HIS C 145 12.13 -15.78 -12.86
CA HIS C 145 13.36 -15.31 -12.21
C HIS C 145 14.36 -14.93 -13.28
N GLY C 146 14.98 -13.76 -13.14
CA GLY C 146 15.96 -13.29 -14.09
C GLY C 146 17.35 -13.26 -13.46
N TYR C 147 18.36 -13.13 -14.33
CA TYR C 147 19.75 -12.97 -13.91
C TYR C 147 20.20 -14.09 -12.98
N VAL C 148 19.80 -15.33 -13.26
CA VAL C 148 19.97 -16.39 -12.28
C VAL C 148 21.39 -16.94 -12.35
N ASP C 149 22.11 -16.85 -11.25
CA ASP C 149 23.39 -17.52 -11.10
C ASP C 149 23.25 -18.59 -10.04
N ALA C 150 24.38 -19.23 -9.71
CA ALA C 150 24.35 -20.34 -8.76
C ALA C 150 23.81 -19.89 -7.40
N ARG C 151 24.22 -18.71 -6.94
CA ARG C 151 23.72 -18.22 -5.66
C ARG C 151 22.22 -18.00 -5.71
N ARG C 152 21.74 -17.28 -6.72
CA ARG C 152 20.31 -17.00 -6.81
CA ARG C 152 20.32 -17.00 -6.83
C ARG C 152 19.51 -18.27 -7.03
N PHE C 153 20.07 -19.24 -7.77
CA PHE C 153 19.36 -20.51 -7.94
C PHE C 153 19.17 -21.19 -6.59
N ASP C 154 20.24 -21.32 -5.81
CA ASP C 154 20.14 -21.95 -4.49
C ASP C 154 19.15 -21.21 -3.61
N ALA C 155 19.14 -19.87 -3.68
CA ALA C 155 18.18 -19.09 -2.89
C ALA C 155 16.74 -19.43 -3.28
N LEU C 156 16.45 -19.47 -4.58
CA LEU C 156 15.05 -19.71 -4.94
C LEU C 156 14.61 -21.14 -4.62
N VAL C 157 15.51 -22.11 -4.76
CA VAL C 157 15.16 -23.48 -4.38
C VAL C 157 14.97 -23.60 -2.88
N ARG C 158 15.84 -22.95 -2.10
CA ARG C 158 15.64 -22.92 -0.65
C ARG C 158 14.29 -22.31 -0.32
N SER C 159 13.95 -21.20 -0.98
CA SER C 159 12.67 -20.55 -0.74
C SER C 159 11.49 -21.48 -1.07
N LEU C 160 11.64 -22.28 -2.13
CA LEU C 160 10.63 -23.29 -2.43
C LEU C 160 10.46 -24.27 -1.27
N ARG C 161 11.58 -24.78 -0.74
CA ARG C 161 11.51 -25.80 0.30
C ARG C 161 10.92 -25.26 1.59
N GLU C 162 11.04 -23.95 1.84
CA GLU C 162 10.34 -23.30 2.95
C GLU C 162 8.91 -22.92 2.59
N SER C 163 8.22 -23.76 1.82
CA SER C 163 6.95 -23.41 1.17
C SER C 163 7.12 -22.26 0.18
N MET D 1 -7.46 20.79 -0.32
CA MET D 1 -7.64 20.22 -1.65
C MET D 1 -7.10 18.79 -1.70
N ILE D 2 -7.74 17.94 -2.50
CA ILE D 2 -7.33 16.54 -2.62
C ILE D 2 -6.20 16.44 -3.64
N THR D 3 -5.07 15.87 -3.21
CA THR D 3 -3.92 15.63 -4.06
C THR D 3 -3.72 14.13 -4.19
N ILE D 4 -3.78 13.63 -5.42
CA ILE D 4 -3.51 12.22 -5.72
C ILE D 4 -2.43 12.21 -6.79
N THR D 5 -1.32 11.52 -6.52
CA THR D 5 -0.22 11.40 -7.47
C THR D 5 -0.34 10.09 -8.24
N THR D 6 -0.25 10.16 -9.56
CA THR D 6 -0.27 8.97 -10.39
C THR D 6 1.14 8.43 -10.52
N ILE D 7 1.30 7.16 -10.16
CA ILE D 7 2.57 6.44 -10.24
C ILE D 7 2.38 5.22 -11.13
N PHE D 8 3.34 4.97 -12.02
CA PHE D 8 3.27 3.81 -12.91
C PHE D 8 4.28 2.76 -12.49
N VAL D 9 3.82 1.53 -12.31
CA VAL D 9 4.70 0.39 -12.05
C VAL D 9 4.35 -0.71 -13.05
N PRO D 10 5.27 -1.08 -13.95
CA PRO D 10 4.96 -2.06 -14.99
C PRO D 10 4.50 -3.40 -14.44
N ARG D 11 3.69 -4.08 -15.25
CA ARG D 11 3.20 -5.43 -14.98
C ARG D 11 3.64 -6.41 -16.07
N ASP D 12 4.47 -5.98 -17.02
CA ASP D 12 5.07 -6.90 -17.98
C ASP D 12 5.81 -8.00 -17.24
N SER D 13 5.76 -9.23 -17.77
CA SER D 13 6.28 -10.36 -16.98
C SER D 13 7.77 -10.20 -16.70
N THR D 14 8.50 -9.51 -17.58
CA THR D 14 9.89 -9.22 -17.29
C THR D 14 10.02 -8.29 -16.09
N ALA D 15 9.20 -7.23 -16.06
CA ALA D 15 9.14 -6.39 -14.86
C ALA D 15 8.75 -7.20 -13.63
N LEU D 16 7.75 -8.10 -13.77
CA LEU D 16 7.36 -8.93 -12.63
C LEU D 16 8.50 -9.83 -12.17
N ALA D 17 9.23 -10.39 -13.13
CA ALA D 17 10.36 -11.26 -12.80
C ALA D 17 11.42 -10.51 -12.00
N LEU D 18 11.53 -9.22 -12.22
CA LEU D 18 12.53 -8.41 -11.55
C LEU D 18 11.95 -7.68 -10.34
N GLY D 19 10.76 -8.06 -9.90
CA GLY D 19 10.22 -7.60 -8.61
C GLY D 19 9.17 -6.52 -8.67
N ALA D 20 8.52 -6.28 -9.81
CA ALA D 20 7.65 -5.13 -9.95
C ALA D 20 6.44 -5.19 -9.00
N ASP D 21 5.89 -6.38 -8.76
CA ASP D 21 4.75 -6.48 -7.82
C ASP D 21 5.15 -6.06 -6.42
N ASP D 22 6.33 -6.48 -5.97
CA ASP D 22 6.82 -6.07 -4.66
C ASP D 22 7.05 -4.57 -4.60
N VAL D 23 7.52 -3.98 -5.69
CA VAL D 23 7.71 -2.53 -5.74
C VAL D 23 6.36 -1.83 -5.60
N ALA D 24 5.35 -2.31 -6.33
CA ALA D 24 4.05 -1.65 -6.28
C ALA D 24 3.46 -1.74 -4.87
N ARG D 25 3.61 -2.90 -4.22
CA ARG D 25 3.13 -3.03 -2.84
C ARG D 25 3.91 -2.14 -1.87
N ALA D 26 5.22 -2.02 -2.07
CA ALA D 26 6.00 -1.15 -1.19
C ALA D 26 5.61 0.31 -1.37
N ILE D 27 5.39 0.72 -2.62
CA ILE D 27 4.96 2.10 -2.87
C ILE D 27 3.61 2.34 -2.18
N ALA D 28 2.68 1.39 -2.28
CA ALA D 28 1.39 1.54 -1.62
C ALA D 28 1.55 1.63 -0.11
N ARG D 29 2.38 0.76 0.46
CA ARG D 29 2.59 0.75 1.90
C ARG D 29 3.22 2.05 2.38
N GLU D 30 4.18 2.57 1.61
CA GLU D 30 4.88 3.79 1.98
C GLU D 30 3.96 5.01 1.91
N ALA D 31 3.13 5.09 0.88
CA ALA D 31 2.15 6.18 0.79
C ALA D 31 1.19 6.14 1.98
N ALA D 32 0.74 4.93 2.36
CA ALA D 32 -0.13 4.82 3.52
C ALA D 32 0.60 5.24 4.79
N ALA D 33 1.88 4.86 4.90
CA ALA D 33 2.64 5.20 6.10
C ALA D 33 2.80 6.72 6.22
N ARG D 34 2.78 7.43 5.10
CA ARG D 34 2.98 8.87 5.10
C ARG D 34 1.68 9.65 4.92
N ASN D 35 0.54 8.97 4.89
CA ASN D 35 -0.77 9.61 4.67
C ASN D 35 -0.76 10.43 3.38
N GLU D 36 -0.27 9.82 2.30
CA GLU D 36 -0.27 10.43 0.98
C GLU D 36 -1.04 9.56 0.01
N HIS D 37 -1.76 10.22 -0.90
CA HIS D 37 -2.68 9.54 -1.80
C HIS D 37 -1.99 9.32 -3.14
N VAL D 38 -1.93 8.07 -3.58
CA VAL D 38 -1.38 7.73 -4.87
C VAL D 38 -2.36 6.84 -5.60
N ARG D 39 -2.30 6.91 -6.93
CA ARG D 39 -2.98 5.98 -7.83
C ARG D 39 -1.88 5.23 -8.58
N ILE D 40 -1.73 3.95 -8.26
CA ILE D 40 -0.68 3.11 -8.84
C ILE D 40 -1.25 2.45 -10.09
N VAL D 41 -0.82 2.94 -11.26
CA VAL D 41 -1.22 2.36 -12.53
C VAL D 41 -0.23 1.27 -12.92
N ARG D 42 -0.75 0.08 -13.22
CA ARG D 42 0.12 -1.01 -13.65
C ARG D 42 0.15 -0.97 -15.17
N ASN D 43 1.16 -0.27 -15.70
CA ASN D 43 1.32 -0.13 -17.14
C ASN D 43 2.07 -1.33 -17.70
N GLY D 44 2.13 -1.40 -19.03
CA GLY D 44 3.08 -2.25 -19.69
C GLY D 44 4.49 -1.76 -19.44
N SER D 45 5.45 -2.43 -20.06
CA SER D 45 6.83 -2.01 -19.93
C SER D 45 7.25 -1.19 -21.14
N ARG D 46 8.04 -0.14 -20.90
CA ARG D 46 8.64 0.65 -21.97
C ARG D 46 9.65 -0.14 -22.78
N GLY D 47 10.12 -1.28 -22.28
CA GLY D 47 11.06 -2.10 -23.01
C GLY D 47 12.51 -1.77 -22.81
N MET D 48 12.86 -1.10 -21.71
CA MET D 48 14.26 -0.84 -21.34
C MET D 48 14.54 -1.74 -20.15
N PHE D 49 14.87 -3.00 -20.43
CA PHE D 49 14.78 -4.00 -19.39
C PHE D 49 15.88 -3.86 -18.35
N TRP D 50 17.03 -3.27 -18.72
CA TRP D 50 18.05 -2.99 -17.73
C TRP D 50 17.59 -1.93 -16.71
N LEU D 51 16.50 -1.22 -16.98
CA LEU D 51 15.94 -0.27 -16.03
C LEU D 51 14.68 -0.77 -15.32
N GLU D 52 14.29 -2.03 -15.56
CA GLU D 52 13.08 -2.54 -14.89
C GLU D 52 13.43 -3.13 -13.52
N PRO D 53 12.56 -2.95 -12.51
CA PRO D 53 11.29 -2.21 -12.59
C PRO D 53 11.47 -0.70 -12.74
N LEU D 54 10.79 -0.13 -13.75
CA LEU D 54 10.90 1.29 -14.08
C LEU D 54 9.65 2.00 -13.54
N VAL D 55 9.83 2.66 -12.40
CA VAL D 55 8.74 3.42 -11.78
C VAL D 55 8.68 4.80 -12.43
N GLU D 56 7.48 5.21 -12.85
CA GLU D 56 7.28 6.55 -13.37
C GLU D 56 6.26 7.32 -12.54
N VAL D 57 6.46 8.64 -12.46
CA VAL D 57 5.60 9.52 -11.70
C VAL D 57 5.08 10.59 -12.65
N GLN D 58 3.77 10.78 -12.67
CA GLN D 58 3.21 11.89 -13.45
C GLN D 58 3.52 13.21 -12.75
N THR D 59 4.23 14.10 -13.45
CA THR D 59 4.52 15.44 -12.95
C THR D 59 4.06 16.45 -14.00
N GLY D 60 4.20 17.73 -13.67
CA GLY D 60 3.85 18.76 -14.63
C GLY D 60 4.68 18.70 -15.91
N ALA D 61 5.92 18.24 -15.81
CA ALA D 61 6.77 18.17 -16.99
C ALA D 61 6.53 16.92 -17.82
N GLY D 62 5.59 16.07 -17.40
CA GLY D 62 5.37 14.76 -17.96
C GLY D 62 5.81 13.67 -17.00
N ARG D 63 5.79 12.44 -17.50
CA ARG D 63 6.19 11.30 -16.67
C ARG D 63 7.70 11.28 -16.50
N VAL D 64 8.15 11.17 -15.25
CA VAL D 64 9.57 11.07 -14.95
C VAL D 64 9.82 9.66 -14.42
N ALA D 65 11.01 9.13 -14.70
CA ALA D 65 11.26 7.72 -14.48
C ALA D 65 12.39 7.50 -13.48
N TYR D 66 12.29 6.39 -12.77
CA TYR D 66 13.29 5.88 -11.84
C TYR D 66 13.48 4.40 -12.12
N GLY D 67 14.71 3.93 -12.11
CA GLY D 67 14.95 2.53 -12.39
C GLY D 67 16.42 2.13 -12.36
N PRO D 68 16.70 0.85 -12.12
CA PRO D 68 15.71 -0.16 -11.74
C PRO D 68 15.39 -0.05 -10.25
N VAL D 69 14.14 -0.24 -9.89
CA VAL D 69 13.69 0.01 -8.52
C VAL D 69 13.50 -1.33 -7.83
N SER D 70 14.07 -1.45 -6.65
CA SER D 70 13.77 -2.57 -5.78
C SER D 70 12.92 -2.10 -4.61
N ALA D 71 12.21 -3.05 -3.99
CA ALA D 71 11.31 -2.70 -2.90
C ALA D 71 12.05 -1.97 -1.79
N ALA D 72 13.30 -2.37 -1.52
CA ALA D 72 14.12 -1.71 -0.51
C ALA D 72 14.44 -0.26 -0.87
N ASP D 73 14.37 0.14 -2.15
CA ASP D 73 14.66 1.51 -2.53
C ASP D 73 13.51 2.45 -2.26
N VAL D 74 12.29 1.92 -2.06
CA VAL D 74 11.09 2.77 -2.06
C VAL D 74 11.10 3.80 -0.94
N PRO D 75 11.43 3.48 0.31
CA PRO D 75 11.45 4.54 1.34
C PRO D 75 12.41 5.67 1.00
N GLY D 76 13.60 5.34 0.47
CA GLY D 76 14.53 6.38 0.06
C GLY D 76 14.01 7.20 -1.10
N LEU D 77 13.26 6.56 -2.01
CA LEU D 77 12.64 7.30 -3.12
C LEU D 77 11.66 8.35 -2.60
N PHE D 78 10.79 7.95 -1.66
CA PHE D 78 9.87 8.91 -1.06
C PHE D 78 10.61 10.03 -0.36
N ASP D 79 11.67 9.69 0.40
CA ASP D 79 12.47 10.72 1.06
C ASP D 79 13.03 11.71 0.04
N ALA D 80 13.41 11.23 -1.14
CA ALA D 80 13.99 12.11 -2.14
C ALA D 80 12.94 12.91 -2.89
N GLY D 81 11.66 12.71 -2.58
CA GLY D 81 10.63 13.47 -3.24
C GLY D 81 10.06 12.80 -4.47
N LEU D 82 10.00 11.46 -4.47
CA LEU D 82 9.43 10.69 -5.57
C LEU D 82 8.12 11.29 -6.10
N LEU D 83 7.21 11.67 -5.19
CA LEU D 83 5.89 12.12 -5.64
C LEU D 83 5.96 13.44 -6.41
N GLN D 84 7.05 14.19 -6.28
CA GLN D 84 7.23 15.41 -7.06
C GLN D 84 8.31 15.25 -8.12
N GLY D 85 8.75 14.02 -8.38
CA GLY D 85 9.83 13.83 -9.33
C GLY D 85 11.19 14.27 -8.82
N GLY D 86 11.39 14.26 -7.50
CA GLY D 86 12.67 14.67 -6.95
C GLY D 86 13.81 13.80 -7.46
N GLU D 87 14.99 14.39 -7.51
CA GLU D 87 16.15 13.70 -8.05
C GLU D 87 16.66 12.67 -7.04
N HIS D 88 17.10 11.54 -7.57
CA HIS D 88 17.51 10.38 -6.79
C HIS D 88 18.56 9.63 -7.59
N ALA D 89 19.36 8.80 -6.91
CA ALA D 89 20.34 7.97 -7.60
C ALA D 89 19.73 7.23 -8.78
N LEU D 90 18.47 6.83 -8.69
CA LEU D 90 17.81 6.07 -9.73
C LEU D 90 17.12 6.94 -10.77
N SER D 91 17.19 8.27 -10.65
CA SER D 91 16.48 9.12 -11.59
C SER D 91 17.01 8.93 -12.99
N GLN D 92 16.08 8.86 -13.94
CA GLN D 92 16.39 8.77 -15.36
C GLN D 92 15.86 9.98 -16.11
N GLY D 93 15.15 10.88 -15.43
CA GLY D 93 14.58 12.07 -16.06
C GLY D 93 13.25 11.77 -16.72
N VAL D 94 12.77 12.74 -17.50
CA VAL D 94 11.54 12.57 -18.27
C VAL D 94 11.67 11.33 -19.14
N THR D 95 10.71 10.40 -19.00
CA THR D 95 10.83 9.10 -19.66
C THR D 95 11.01 9.24 -21.18
N GLU D 96 10.17 10.05 -21.83
CA GLU D 96 10.21 10.16 -23.28
C GLU D 96 11.47 10.84 -23.79
N GLU D 97 12.31 11.36 -22.90
CA GLU D 97 13.56 11.99 -23.32
C GLU D 97 14.74 11.04 -23.24
N ILE D 98 14.55 9.84 -22.69
CA ILE D 98 15.63 8.85 -22.64
C ILE D 98 16.01 8.50 -24.07
N PRO D 99 17.26 8.70 -24.50
CA PRO D 99 17.58 8.53 -25.93
C PRO D 99 17.27 7.15 -26.48
N PHE D 100 17.54 6.08 -25.71
CA PHE D 100 17.17 4.73 -26.13
C PHE D 100 15.73 4.66 -26.61
N LEU D 101 14.83 5.34 -25.91
CA LEU D 101 13.40 5.38 -26.22
C LEU D 101 13.04 6.47 -27.22
N LYS D 102 13.58 7.67 -27.02
CA LYS D 102 13.21 8.80 -27.87
C LYS D 102 13.63 8.59 -29.33
N GLN D 103 14.78 7.94 -29.55
CA GLN D 103 15.31 7.78 -30.91
C GLN D 103 14.77 6.54 -31.61
N GLN D 104 13.51 6.17 -31.36
CA GLN D 104 12.85 5.02 -31.96
C GLN D 104 11.74 5.50 -32.87
N GLU D 105 11.24 4.60 -33.70
CA GLU D 105 10.07 4.87 -34.53
C GLU D 105 8.98 3.88 -34.12
N ARG D 106 8.34 4.15 -32.98
CA ARG D 106 7.42 3.21 -32.36
C ARG D 106 6.02 3.36 -32.98
N LEU D 107 5.89 2.84 -34.20
CA LEU D 107 4.60 2.83 -34.87
C LEU D 107 3.69 1.74 -34.28
N THR D 108 4.22 0.53 -34.14
CA THR D 108 3.45 -0.57 -33.57
C THR D 108 3.45 -0.50 -32.05
N PHE D 109 4.59 -0.17 -31.45
CA PHE D 109 4.73 -0.13 -29.99
C PHE D 109 4.39 1.24 -29.41
N ALA D 110 3.57 2.03 -30.12
CA ALA D 110 3.31 3.42 -29.72
C ALA D 110 2.75 3.51 -28.30
N ARG D 111 1.92 2.54 -27.90
CA ARG D 111 1.29 2.60 -26.58
C ARG D 111 2.02 1.81 -25.51
N VAL D 112 2.94 0.93 -25.89
CA VAL D 112 3.46 -0.08 -24.98
C VAL D 112 4.28 0.60 -23.89
N GLY D 113 3.87 0.39 -22.62
CA GLY D 113 4.50 1.05 -21.50
C GLY D 113 3.87 2.37 -21.09
N ILE D 114 3.06 2.97 -21.96
CA ILE D 114 2.35 4.19 -21.61
C ILE D 114 1.03 3.87 -20.91
N THR D 115 0.30 2.90 -21.42
CA THR D 115 -1.07 2.62 -21.02
C THR D 115 -1.14 1.50 -20.00
N ASP D 116 -2.24 1.50 -19.23
CA ASP D 116 -2.73 0.31 -18.57
C ASP D 116 -3.16 -0.66 -19.66
N PRO D 117 -2.55 -1.83 -19.76
CA PRO D 117 -2.85 -2.72 -20.90
C PRO D 117 -4.29 -3.16 -20.98
N LEU D 118 -5.02 -3.20 -19.85
CA LEU D 118 -6.37 -3.72 -19.85
C LEU D 118 -7.43 -2.62 -19.77
N SER D 119 -7.04 -1.38 -20.03
CA SER D 119 -7.95 -0.24 -19.96
C SER D 119 -8.38 0.15 -21.37
N LEU D 120 -9.66 -0.03 -21.68
CA LEU D 120 -10.20 0.45 -22.95
C LEU D 120 -10.10 1.96 -23.08
N ASP D 121 -10.31 2.68 -21.97
CA ASP D 121 -10.23 4.13 -22.02
C ASP D 121 -8.83 4.59 -22.39
N ASP D 122 -7.80 3.99 -21.77
CA ASP D 122 -6.42 4.27 -22.15
C ASP D 122 -6.18 3.95 -23.62
N TYR D 123 -6.66 2.79 -24.07
CA TYR D 123 -6.45 2.37 -25.44
C TYR D 123 -7.03 3.38 -26.42
N ARG D 124 -8.30 3.74 -26.22
CA ARG D 124 -8.96 4.69 -27.10
C ARG D 124 -8.45 6.11 -26.92
N ALA D 125 -7.86 6.43 -25.77
CA ALA D 125 -7.26 7.75 -25.61
C ALA D 125 -5.98 7.90 -26.41
N HIS D 126 -5.41 6.81 -26.94
CA HIS D 126 -4.17 6.83 -27.72
C HIS D 126 -4.36 6.13 -29.06
N GLU D 127 -5.39 6.54 -29.79
CA GLU D 127 -5.74 6.10 -31.14
C GLU D 127 -6.32 4.70 -31.21
N GLY D 128 -6.49 4.00 -30.09
CA GLY D 128 -7.02 2.67 -30.14
C GLY D 128 -8.40 2.61 -30.77
N PHE D 129 -8.59 1.64 -31.67
CA PHE D 129 -9.82 1.34 -32.41
C PHE D 129 -10.15 2.40 -33.46
N ALA D 130 -9.33 3.44 -33.62
CA ALA D 130 -9.54 4.35 -34.75
C ALA D 130 -9.34 3.63 -36.07
N GLY D 131 -8.41 2.67 -36.13
CA GLY D 131 -8.28 1.88 -37.34
C GLY D 131 -9.49 1.00 -37.61
N LEU D 132 -10.03 0.37 -36.58
CA LEU D 132 -11.20 -0.48 -36.76
C LEU D 132 -12.40 0.34 -37.19
N GLU D 133 -12.56 1.54 -36.65
CA GLU D 133 -13.71 2.36 -37.02
C GLU D 133 -13.65 2.73 -38.50
N ARG D 134 -12.45 3.07 -38.97
CA ARG D 134 -12.30 3.35 -40.40
C ARG D 134 -12.57 2.10 -41.23
N ALA D 135 -12.03 0.95 -40.80
CA ALA D 135 -12.24 -0.30 -41.53
C ALA D 135 -13.71 -0.73 -41.54
N LEU D 136 -14.46 -0.41 -40.47
CA LEU D 136 -15.87 -0.80 -40.45
C LEU D 136 -16.69 -0.09 -41.53
N ALA D 137 -16.19 1.01 -42.08
CA ALA D 137 -16.90 1.74 -43.12
C ALA D 137 -16.36 1.45 -44.52
N MET D 138 -15.50 0.44 -44.66
CA MET D 138 -14.92 0.09 -45.95
C MET D 138 -15.42 -1.28 -46.38
N GLN D 139 -15.28 -1.53 -47.67
CA GLN D 139 -15.50 -2.86 -48.19
C GLN D 139 -14.31 -3.75 -47.85
N PRO D 140 -14.52 -5.07 -47.76
CA PRO D 140 -13.40 -5.97 -47.48
C PRO D 140 -12.22 -5.77 -48.42
N ALA D 141 -12.48 -5.70 -49.73
CA ALA D 141 -11.41 -5.54 -50.70
C ALA D 141 -10.62 -4.24 -50.50
N GLU D 142 -11.27 -3.20 -49.98
CA GLU D 142 -10.58 -1.94 -49.73
C GLU D 142 -9.57 -2.10 -48.60
N ILE D 143 -9.94 -2.84 -47.55
CA ILE D 143 -9.02 -3.08 -46.45
C ILE D 143 -7.83 -3.90 -46.93
N VAL D 144 -8.09 -4.94 -47.74
CA VAL D 144 -7.00 -5.72 -48.31
C VAL D 144 -6.08 -4.83 -49.13
N GLN D 145 -6.66 -3.91 -49.91
CA GLN D 145 -5.83 -3.02 -50.71
C GLN D 145 -5.02 -2.07 -49.84
N GLU D 146 -5.62 -1.58 -48.74
CA GLU D 146 -4.89 -0.69 -47.85
C GLU D 146 -3.68 -1.39 -47.24
N VAL D 147 -3.86 -2.62 -46.76
CA VAL D 147 -2.73 -3.35 -46.20
C VAL D 147 -1.69 -3.64 -47.27
N THR D 148 -2.13 -3.93 -48.50
CA THR D 148 -1.20 -4.10 -49.62
C THR D 148 -0.41 -2.83 -49.87
N ASP D 149 -1.11 -1.69 -50.00
CA ASP D 149 -0.44 -0.42 -50.31
C ASP D 149 0.60 -0.06 -49.25
N SER D 150 0.41 -0.54 -48.02
CA SER D 150 1.30 -0.23 -46.91
C SER D 150 2.68 -0.86 -47.06
N GLY D 151 2.83 -1.91 -47.87
CA GLY D 151 4.09 -2.60 -47.95
C GLY D 151 4.39 -3.55 -46.80
N LEU D 152 3.43 -3.76 -45.90
CA LEU D 152 3.64 -4.66 -44.77
C LEU D 152 4.01 -6.06 -45.28
N ARG D 153 5.01 -6.65 -44.63
CA ARG D 153 5.44 -8.01 -44.92
C ARG D 153 5.42 -8.82 -43.62
N GLY D 154 5.37 -10.14 -43.79
CA GLY D 154 5.22 -11.03 -42.65
C GLY D 154 6.33 -10.89 -41.61
N ARG D 155 5.97 -10.48 -40.40
CA ARG D 155 6.98 -10.23 -39.39
C ARG D 155 7.39 -11.49 -38.64
N GLY D 156 6.76 -12.64 -38.94
CA GLY D 156 7.26 -13.91 -38.43
C GLY D 156 8.63 -14.29 -38.98
N GLY D 157 9.07 -13.64 -40.05
CA GLY D 157 10.41 -13.88 -40.57
C GLY D 157 10.49 -14.17 -42.05
N ALA D 158 9.50 -14.90 -42.59
CA ALA D 158 9.48 -15.19 -44.02
C ALA D 158 9.15 -13.95 -44.86
N ALA D 159 8.57 -12.90 -44.27
CA ALA D 159 8.41 -11.60 -44.91
C ALA D 159 7.57 -11.65 -46.19
N PHE D 160 6.54 -12.48 -46.19
CA PHE D 160 5.62 -12.49 -47.33
C PHE D 160 4.70 -11.27 -47.26
N PRO D 161 4.40 -10.65 -48.40
CA PRO D 161 3.52 -9.47 -48.40
C PRO D 161 2.16 -9.80 -47.80
N THR D 162 1.81 -9.10 -46.72
CA THR D 162 0.63 -9.47 -45.94
C THR D 162 -0.66 -9.26 -46.73
N GLY D 163 -0.76 -8.15 -47.47
CA GLY D 163 -1.98 -7.87 -48.19
C GLY D 163 -2.28 -8.91 -49.25
N ILE D 164 -1.24 -9.39 -49.94
CA ILE D 164 -1.40 -10.45 -50.92
C ILE D 164 -1.93 -11.72 -50.26
N LYS D 165 -1.44 -12.03 -49.06
CA LYS D 165 -1.96 -13.16 -48.30
C LYS D 165 -3.46 -12.98 -48.04
N TRP D 166 -3.85 -11.80 -47.55
CA TRP D 166 -5.25 -11.54 -47.27
C TRP D 166 -6.09 -11.60 -48.54
N LYS D 167 -5.54 -11.10 -49.66
CA LYS D 167 -6.26 -11.13 -50.92
C LYS D 167 -6.61 -12.56 -51.32
N THR D 168 -5.67 -13.49 -51.12
CA THR D 168 -5.95 -14.90 -51.38
C THR D 168 -7.11 -15.41 -50.53
N VAL D 169 -7.12 -15.06 -49.24
CA VAL D 169 -8.17 -15.54 -48.34
C VAL D 169 -9.52 -14.91 -48.68
N LEU D 170 -9.54 -13.60 -48.88
CA LEU D 170 -10.77 -12.92 -49.27
C LEU D 170 -11.32 -13.49 -50.57
N GLY D 171 -10.45 -13.72 -51.54
CA GLY D 171 -10.88 -14.22 -52.84
C GLY D 171 -11.37 -15.65 -52.81
N ALA D 172 -11.04 -16.41 -51.76
CA ALA D 172 -11.52 -17.78 -51.69
C ALA D 172 -13.03 -17.77 -51.43
N GLN D 173 -13.72 -18.76 -51.99
CA GLN D 173 -15.16 -18.88 -51.82
C GLN D 173 -15.44 -19.91 -50.73
N SER D 174 -15.98 -19.45 -49.61
CA SER D 174 -16.27 -20.33 -48.49
C SER D 174 -17.09 -19.54 -47.49
N ALA D 175 -18.14 -20.17 -46.95
CA ALA D 175 -18.94 -19.50 -45.93
C ALA D 175 -18.13 -19.20 -44.69
N VAL D 176 -17.26 -20.12 -44.28
CA VAL D 176 -16.46 -20.01 -43.06
C VAL D 176 -15.02 -19.70 -43.44
N LYS D 177 -14.49 -18.63 -42.85
CA LYS D 177 -13.07 -18.28 -42.95
C LYS D 177 -12.55 -17.98 -41.56
N TYR D 178 -11.24 -18.12 -41.38
CA TYR D 178 -10.64 -17.98 -40.06
C TYR D 178 -9.47 -16.99 -40.07
N ILE D 179 -9.29 -16.32 -38.93
CA ILE D 179 -8.08 -15.58 -38.63
C ILE D 179 -7.33 -16.36 -37.55
N VAL D 180 -6.08 -16.71 -37.83
CA VAL D 180 -5.25 -17.40 -36.87
C VAL D 180 -4.03 -16.53 -36.60
N CYS D 181 -3.85 -16.15 -35.33
CA CYS D 181 -2.67 -15.41 -34.92
C CYS D 181 -1.62 -16.40 -34.45
N ASN D 182 -0.46 -16.37 -35.07
CA ASN D 182 0.66 -17.20 -34.65
C ASN D 182 1.38 -16.47 -33.53
N ALA D 183 1.07 -16.86 -32.28
N ALA D 183 1.06 -16.85 -32.29
CA ALA D 183 1.76 -16.34 -31.10
CA ALA D 183 1.73 -16.34 -31.10
C ALA D 183 2.64 -17.41 -30.46
C ALA D 183 2.62 -17.38 -30.44
N ASP D 184 3.21 -18.30 -31.25
N ASP D 184 3.06 -18.38 -31.21
CA ASP D 184 4.06 -19.34 -30.68
CA ASP D 184 4.01 -19.37 -30.69
C ASP D 184 5.47 -18.84 -30.31
C ASP D 184 5.45 -18.90 -30.83
N GLU D 185 5.85 -17.64 -30.77
N GLU D 185 5.74 -17.71 -30.30
CA GLU D 185 7.15 -17.00 -30.55
CA GLU D 185 7.06 -17.07 -30.40
C GLU D 185 8.22 -17.90 -29.94
C GLU D 185 8.17 -17.97 -29.87
N GLY D 186 8.56 -18.99 -30.64
CA GLY D 186 9.48 -19.99 -30.07
C GLY D 186 10.97 -19.66 -30.14
N ASP D 187 11.34 -18.58 -30.81
CA ASP D 187 12.76 -18.28 -31.02
C ASP D 187 13.39 -17.66 -29.77
N SER D 188 14.52 -18.22 -29.34
CA SER D 188 15.38 -17.51 -28.42
C SER D 188 15.65 -16.11 -28.94
N GLY D 189 15.79 -15.16 -28.01
CA GLY D 189 16.04 -13.80 -28.40
C GLY D 189 14.82 -13.00 -28.82
N THR D 190 13.59 -13.56 -28.71
CA THR D 190 12.42 -12.80 -29.10
C THR D 190 11.44 -12.63 -27.94
N PHE D 191 10.85 -11.43 -27.86
CA PHE D 191 9.83 -11.13 -26.87
C PHE D 191 8.90 -10.02 -27.36
N SER D 192 8.97 -9.62 -28.64
CA SER D 192 8.07 -8.57 -29.12
C SER D 192 6.61 -9.04 -29.14
N ASP D 193 6.35 -10.28 -29.58
CA ASP D 193 4.98 -10.81 -29.50
C ASP D 193 4.50 -10.87 -28.06
N ARG D 194 5.36 -11.39 -27.17
CA ARG D 194 5.03 -11.47 -25.74
C ARG D 194 4.63 -10.11 -25.20
N MET D 195 5.38 -9.07 -25.57
CA MET D 195 5.10 -7.73 -25.09
C MET D 195 3.79 -7.18 -25.65
N VAL D 196 3.48 -7.46 -26.92
CA VAL D 196 2.18 -7.02 -27.44
C VAL D 196 1.05 -7.68 -26.67
N MET D 197 1.15 -8.98 -26.41
CA MET D 197 0.06 -9.69 -25.77
C MET D 197 -0.11 -9.27 -24.32
N GLU D 198 1.00 -8.98 -23.63
CA GLU D 198 0.90 -8.57 -22.23
C GLU D 198 0.67 -7.08 -22.07
N ASP D 199 1.24 -6.25 -22.93
CA ASP D 199 1.28 -4.81 -22.71
C ASP D 199 0.33 -4.00 -23.59
N ASP D 200 -0.18 -4.56 -24.67
CA ASP D 200 -1.15 -3.82 -25.46
C ASP D 200 -2.08 -4.80 -26.15
N PRO D 201 -2.75 -5.67 -25.38
CA PRO D 201 -3.52 -6.75 -26.02
C PRO D 201 -4.61 -6.25 -26.95
N PHE D 202 -5.21 -5.08 -26.68
CA PHE D 202 -6.28 -4.59 -27.56
C PHE D 202 -5.75 -4.34 -28.97
N MET D 203 -4.47 -4.00 -29.11
CA MET D 203 -3.93 -3.78 -30.45
C MET D 203 -3.92 -5.07 -31.28
N LEU D 204 -3.53 -6.19 -30.67
CA LEU D 204 -3.66 -7.47 -31.35
C LEU D 204 -5.13 -7.79 -31.64
N ILE D 205 -6.01 -7.55 -30.67
CA ILE D 205 -7.43 -7.81 -30.89
C ILE D 205 -7.95 -6.95 -32.03
N GLU D 206 -7.60 -5.66 -32.04
CA GLU D 206 -8.05 -4.79 -33.12
C GLU D 206 -7.51 -5.26 -34.46
N GLY D 207 -6.23 -5.64 -34.49
CA GLY D 207 -5.64 -6.03 -35.75
C GLY D 207 -6.30 -7.25 -36.35
N MET D 208 -6.59 -8.24 -35.51
CA MET D 208 -7.28 -9.44 -35.97
C MET D 208 -8.69 -9.14 -36.45
N THR D 209 -9.36 -8.17 -35.81
CA THR D 209 -10.70 -7.81 -36.23
C THR D 209 -10.67 -7.15 -37.61
N ILE D 210 -9.71 -6.26 -37.85
CA ILE D 210 -9.57 -5.67 -39.18
C ILE D 210 -9.29 -6.75 -40.21
N ALA D 211 -8.43 -7.71 -39.85
CA ALA D 211 -8.16 -8.83 -40.75
C ALA D 211 -9.43 -9.62 -41.03
N ALA D 212 -10.25 -9.84 -40.00
CA ALA D 212 -11.52 -10.54 -40.18
C ALA D 212 -12.46 -9.79 -41.10
N LEU D 213 -12.57 -8.47 -40.91
CA LEU D 213 -13.38 -7.65 -41.80
C LEU D 213 -12.83 -7.67 -43.23
N ALA D 214 -11.51 -7.80 -43.37
CA ALA D 214 -10.89 -7.75 -44.69
C ALA D 214 -11.20 -8.98 -45.53
N VAL D 215 -11.29 -10.16 -44.91
CA VAL D 215 -11.39 -11.41 -45.66
C VAL D 215 -12.73 -12.10 -45.51
N GLY D 216 -13.58 -11.65 -44.59
CA GLY D 216 -14.87 -12.29 -44.36
C GLY D 216 -14.79 -13.43 -43.36
N ALA D 217 -13.95 -13.30 -42.34
CA ALA D 217 -13.86 -14.28 -41.27
C ALA D 217 -14.66 -13.80 -40.07
N GLU D 218 -15.33 -14.73 -39.41
CA GLU D 218 -16.09 -14.40 -38.21
C GLU D 218 -15.54 -15.07 -36.97
N GLN D 219 -14.44 -15.83 -37.09
CA GLN D 219 -13.85 -16.54 -35.96
C GLN D 219 -12.33 -16.41 -36.02
N GLY D 220 -11.74 -16.14 -34.87
CA GLY D 220 -10.30 -16.03 -34.77
C GLY D 220 -9.76 -16.86 -33.61
N TYR D 221 -8.50 -17.25 -33.73
CA TYR D 221 -7.77 -18.01 -32.74
C TYR D 221 -6.39 -17.42 -32.56
N ILE D 222 -5.98 -17.22 -31.31
CA ILE D 222 -4.61 -16.87 -30.98
C ILE D 222 -3.95 -18.11 -30.40
N TYR D 223 -2.94 -18.63 -31.08
CA TYR D 223 -2.24 -19.83 -30.59
C TYR D 223 -1.01 -19.35 -29.86
N CYS D 224 -1.05 -19.39 -28.53
CA CYS D 224 0.03 -18.84 -27.71
C CYS D 224 0.81 -19.96 -27.02
N ARG D 225 2.15 -19.87 -27.08
CA ARG D 225 3.01 -20.91 -26.52
C ARG D 225 2.76 -21.04 -25.02
N SER D 226 2.89 -22.28 -24.52
CA SER D 226 2.67 -22.58 -23.10
C SER D 226 3.70 -21.92 -22.20
N GLU D 227 4.85 -21.54 -22.75
CA GLU D 227 5.89 -20.83 -22.02
C GLU D 227 5.48 -19.40 -21.66
N TYR D 228 4.38 -18.90 -22.20
CA TYR D 228 3.93 -17.54 -21.95
C TYR D 228 2.63 -17.49 -21.14
N PRO D 229 2.62 -17.97 -19.89
CA PRO D 229 1.36 -17.95 -19.12
C PRO D 229 0.80 -16.55 -18.89
N HIS D 230 1.66 -15.53 -18.74
CA HIS D 230 1.18 -14.17 -18.53
C HIS D 230 0.44 -13.64 -19.74
N ALA D 231 1.01 -13.85 -20.93
CA ALA D 231 0.35 -13.42 -22.16
C ALA D 231 -1.02 -14.03 -22.29
N ILE D 232 -1.15 -15.33 -21.99
CA ILE D 232 -2.44 -16.00 -22.15
C ILE D 232 -3.48 -15.37 -21.21
N ALA D 233 -3.09 -15.14 -19.96
CA ALA D 233 -4.04 -14.60 -18.99
C ALA D 233 -4.44 -13.16 -19.35
N VAL D 234 -3.49 -12.36 -19.83
CA VAL D 234 -3.83 -10.99 -20.21
C VAL D 234 -4.75 -10.97 -21.43
N LEU D 235 -4.46 -11.81 -22.43
CA LEU D 235 -5.30 -11.85 -23.62
C LEU D 235 -6.73 -12.25 -23.28
N GLU D 236 -6.88 -13.24 -22.41
CA GLU D 236 -8.22 -13.68 -22.06
C GLU D 236 -8.99 -12.58 -21.34
N SER D 237 -8.32 -11.83 -20.45
CA SER D 237 -9.01 -10.70 -19.82
C SER D 237 -9.38 -9.65 -20.85
N ALA D 238 -8.46 -9.34 -21.78
CA ALA D 238 -8.71 -8.33 -22.79
C ALA D 238 -9.85 -8.73 -23.72
N ILE D 239 -9.91 -10.00 -24.10
CA ILE D 239 -10.99 -10.45 -24.97
C ILE D 239 -12.33 -10.29 -24.25
N GLY D 240 -12.39 -10.64 -22.96
CA GLY D 240 -13.62 -10.44 -22.20
C GLY D 240 -14.03 -8.98 -22.15
N ILE D 241 -13.07 -8.10 -21.83
CA ILE D 241 -13.35 -6.67 -21.76
C ILE D 241 -13.83 -6.15 -23.11
N ALA D 242 -13.18 -6.57 -24.20
CA ALA D 242 -13.58 -6.11 -25.53
C ALA D 242 -14.97 -6.58 -25.89
N ASN D 243 -15.30 -7.83 -25.55
CA ASN D 243 -16.64 -8.33 -25.81
C ASN D 243 -17.69 -7.51 -25.06
N ALA D 244 -17.41 -7.19 -23.80
CA ALA D 244 -18.38 -6.48 -22.98
C ALA D 244 -18.68 -5.09 -23.52
N ALA D 245 -17.71 -4.48 -24.20
CA ALA D 245 -17.87 -3.12 -24.71
C ALA D 245 -18.28 -3.08 -26.18
N GLY D 246 -18.51 -4.22 -26.82
CA GLY D 246 -18.98 -4.24 -28.19
C GLY D 246 -17.91 -4.12 -29.25
N TRP D 247 -16.63 -4.31 -28.91
CA TRP D 247 -15.57 -4.30 -29.90
C TRP D 247 -15.30 -5.68 -30.49
N LEU D 248 -15.84 -6.72 -29.86
CA LEU D 248 -15.78 -8.09 -30.35
C LEU D 248 -17.15 -8.73 -30.16
N GLY D 249 -17.34 -9.86 -30.81
CA GLY D 249 -18.57 -10.60 -30.63
C GLY D 249 -19.52 -10.37 -31.78
N ASP D 250 -20.80 -10.47 -31.49
CA ASP D 250 -21.81 -10.27 -32.52
C ASP D 250 -22.06 -8.77 -32.63
N ASP D 251 -22.44 -8.33 -33.82
CA ASP D 251 -22.86 -6.95 -34.07
C ASP D 251 -21.89 -5.93 -33.47
N ILE D 252 -20.63 -6.01 -33.90
CA ILE D 252 -19.55 -5.20 -33.34
C ILE D 252 -19.88 -3.71 -33.51
N ARG D 253 -20.07 -3.02 -32.39
CA ARG D 253 -20.44 -1.58 -32.39
C ARG D 253 -21.65 -1.31 -33.28
N GLY D 254 -22.60 -2.24 -33.28
CA GLY D 254 -23.84 -2.03 -34.01
C GLY D 254 -23.72 -2.11 -35.52
N SER D 255 -22.56 -2.51 -36.04
CA SER D 255 -22.36 -2.66 -37.48
C SER D 255 -23.07 -3.88 -38.05
N GLY D 256 -23.48 -4.84 -37.23
CA GLY D 256 -23.92 -6.11 -37.74
C GLY D 256 -22.79 -7.02 -38.16
N LYS D 257 -21.55 -6.56 -38.07
CA LYS D 257 -20.40 -7.39 -38.37
C LYS D 257 -20.05 -8.21 -37.13
N ARG D 258 -19.60 -9.44 -37.35
CA ARG D 258 -19.39 -10.38 -36.26
C ARG D 258 -17.96 -10.91 -36.28
N PHE D 259 -17.32 -10.95 -35.10
CA PHE D 259 -16.01 -11.57 -34.97
C PHE D 259 -15.82 -12.06 -33.55
N HIS D 260 -15.58 -13.37 -33.41
CA HIS D 260 -15.29 -13.98 -32.12
C HIS D 260 -13.85 -14.45 -32.09
N LEU D 261 -13.23 -14.28 -30.94
CA LEU D 261 -11.80 -14.47 -30.74
C LEU D 261 -11.56 -15.27 -29.48
N GLU D 262 -10.64 -16.23 -29.54
CA GLU D 262 -10.28 -16.97 -28.35
C GLU D 262 -8.81 -17.36 -28.39
N VAL D 263 -8.28 -17.64 -27.20
CA VAL D 263 -6.87 -17.99 -27.03
C VAL D 263 -6.76 -19.50 -26.86
N ARG D 264 -5.80 -20.11 -27.56
CA ARG D 264 -5.45 -21.51 -27.40
C ARG D 264 -4.00 -21.60 -26.93
N LYS D 265 -3.75 -22.44 -25.93
CA LYS D 265 -2.43 -22.61 -25.35
C LYS D 265 -1.69 -23.76 -26.01
N GLY D 266 -0.45 -23.50 -26.43
CA GLY D 266 0.41 -24.53 -26.98
C GLY D 266 0.88 -25.48 -25.90
N ALA D 267 1.81 -26.36 -26.27
CA ALA D 267 2.22 -27.41 -25.34
C ALA D 267 3.70 -27.78 -25.52
N GLY D 268 4.55 -26.78 -25.75
CA GLY D 268 5.98 -26.98 -25.64
C GLY D 268 6.70 -27.43 -26.89
N ALA D 269 6.09 -27.33 -28.08
CA ALA D 269 6.72 -27.79 -29.33
C ALA D 269 7.11 -26.58 -30.16
N TYR D 270 8.44 -26.37 -30.29
CA TYR D 270 8.94 -25.30 -31.15
C TYR D 270 8.36 -25.38 -32.56
N VAL D 271 8.16 -26.59 -33.10
CA VAL D 271 7.72 -26.70 -34.48
CA VAL D 271 7.70 -26.76 -34.47
C VAL D 271 6.28 -26.26 -34.65
N CYS D 272 5.53 -26.07 -33.55
CA CYS D 272 4.19 -25.56 -33.73
C CYS D 272 4.15 -24.07 -34.07
N GLY D 273 5.30 -23.39 -34.12
CA GLY D 273 5.37 -22.11 -34.80
C GLY D 273 5.33 -22.21 -36.31
N GLU D 274 5.60 -23.39 -36.87
CA GLU D 274 5.42 -23.60 -38.31
C GLU D 274 3.92 -23.62 -38.60
N GLU D 275 3.48 -22.87 -39.61
CA GLU D 275 2.06 -22.53 -39.68
C GLU D 275 1.17 -23.77 -39.85
N THR D 276 1.62 -24.80 -40.58
CA THR D 276 0.73 -25.95 -40.73
C THR D 276 0.77 -26.87 -39.51
N ALA D 277 1.92 -26.98 -38.83
CA ALA D 277 1.92 -27.73 -37.58
C ALA D 277 1.09 -27.00 -36.53
N LEU D 278 1.10 -25.67 -36.56
CA LEU D 278 0.21 -24.90 -35.69
C LEU D 278 -1.24 -25.29 -35.90
N LEU D 279 -1.67 -25.37 -37.17
CA LEU D 279 -3.06 -25.75 -37.47
C LEU D 279 -3.36 -27.16 -36.96
N GLU D 280 -2.43 -28.09 -37.18
CA GLU D 280 -2.60 -29.44 -36.63
C GLU D 280 -2.83 -29.40 -35.13
N SER D 281 -2.06 -28.57 -34.43
CA SER D 281 -2.18 -28.45 -32.98
C SER D 281 -3.55 -27.87 -32.59
N LEU D 282 -3.96 -26.79 -33.27
CA LEU D 282 -5.28 -26.20 -33.03
C LEU D 282 -6.41 -27.21 -33.21
N GLU D 283 -6.25 -28.14 -34.16
CA GLU D 283 -7.23 -29.18 -34.43
C GLU D 283 -7.06 -30.39 -33.52
N GLY D 284 -6.12 -30.33 -32.59
CA GLY D 284 -6.01 -31.33 -31.55
C GLY D 284 -5.11 -32.50 -31.84
N ARG D 285 -4.24 -32.39 -32.84
CA ARG D 285 -3.37 -33.49 -33.26
C ARG D 285 -1.91 -33.15 -33.01
N ARG D 286 -1.06 -34.16 -33.18
CA ARG D 286 0.37 -33.95 -33.09
C ARG D 286 0.81 -32.85 -34.05
N GLY D 287 1.82 -32.08 -33.64
CA GLY D 287 2.25 -30.95 -34.44
C GLY D 287 3.18 -31.36 -35.57
N VAL D 288 2.68 -32.19 -36.49
CA VAL D 288 3.45 -32.66 -37.64
C VAL D 288 3.13 -31.76 -38.81
N VAL D 289 4.20 -31.22 -39.44
CA VAL D 289 4.04 -30.29 -40.56
C VAL D 289 3.25 -30.95 -41.67
N ARG D 290 2.37 -30.17 -42.29
CA ARG D 290 1.58 -30.65 -43.42
C ARG D 290 2.36 -30.43 -44.69
N ALA D 291 2.14 -31.31 -45.66
CA ALA D 291 2.63 -31.07 -47.01
C ALA D 291 1.99 -29.80 -47.56
N LYS D 292 2.77 -28.98 -48.25
CA LYS D 292 2.18 -27.74 -48.70
C LYS D 292 2.02 -27.62 -50.22
N PRO D 293 1.36 -28.56 -50.89
CA PRO D 293 0.66 -28.20 -52.12
C PRO D 293 -0.53 -27.30 -51.83
N PRO D 294 -1.31 -27.55 -50.72
CA PRO D 294 -2.35 -26.56 -50.35
C PRO D 294 -1.84 -25.45 -49.44
N LEU D 295 -2.07 -24.21 -49.85
CA LEU D 295 -1.76 -23.08 -48.99
C LEU D 295 -2.79 -23.00 -47.87
N PRO D 296 -2.36 -22.68 -46.64
CA PRO D 296 -3.35 -22.45 -45.56
C PRO D 296 -4.33 -21.36 -45.92
N ALA D 297 -3.91 -20.33 -46.66
CA ALA D 297 -4.81 -19.30 -47.14
C ALA D 297 -5.95 -19.86 -47.99
N LEU D 298 -5.78 -21.03 -48.60
CA LEU D 298 -6.85 -21.70 -49.32
C LEU D 298 -7.49 -22.84 -48.55
N GLN D 299 -6.68 -23.68 -47.87
CA GLN D 299 -7.17 -24.84 -47.11
C GLN D 299 -6.31 -24.87 -45.84
N GLY D 300 -6.82 -24.27 -44.76
CA GLY D 300 -6.04 -24.17 -43.54
C GLY D 300 -6.71 -24.84 -42.37
N LEU D 301 -7.16 -24.04 -41.40
CA LEU D 301 -7.81 -24.59 -40.21
C LEU D 301 -9.12 -25.26 -40.60
N PHE D 302 -9.25 -26.55 -40.25
CA PHE D 302 -10.40 -27.36 -40.65
C PHE D 302 -10.63 -27.28 -42.17
N GLY D 303 -9.54 -27.18 -42.92
CA GLY D 303 -9.62 -27.09 -44.37
C GLY D 303 -10.24 -25.82 -44.90
N LYS D 304 -10.44 -24.80 -44.07
CA LYS D 304 -11.08 -23.58 -44.52
C LYS D 304 -10.04 -22.51 -44.82
N PRO D 305 -10.36 -21.57 -45.71
CA PRO D 305 -9.42 -20.49 -46.02
C PRO D 305 -9.10 -19.70 -44.74
N THR D 306 -7.81 -19.55 -44.49
CA THR D 306 -7.36 -19.09 -43.18
C THR D 306 -6.24 -18.08 -43.34
N VAL D 307 -6.43 -16.90 -42.74
CA VAL D 307 -5.33 -15.96 -42.52
C VAL D 307 -4.50 -16.47 -41.37
N ILE D 308 -3.20 -16.68 -41.60
CA ILE D 308 -2.24 -16.94 -40.54
C ILE D 308 -1.22 -15.81 -40.57
N ASN D 309 -1.11 -15.07 -39.47
CA ASN D 309 -0.12 -14.03 -39.35
C ASN D 309 0.48 -14.03 -37.97
N ASN D 310 1.73 -13.59 -37.90
CA ASN D 310 2.45 -13.35 -36.66
C ASN D 310 1.80 -12.20 -35.87
N VAL D 311 2.02 -12.22 -34.55
CA VAL D 311 1.46 -11.20 -33.66
C VAL D 311 1.82 -9.79 -34.13
N ILE D 312 3.09 -9.56 -34.44
CA ILE D 312 3.50 -8.21 -34.84
C ILE D 312 2.86 -7.83 -36.17
N SER D 313 2.77 -8.77 -37.11
CA SER D 313 2.07 -8.49 -38.37
C SER D 313 0.67 -7.96 -38.09
N LEU D 314 -0.12 -8.72 -37.31
CA LEU D 314 -1.49 -8.32 -37.00
C LEU D 314 -1.52 -7.07 -36.15
N ALA D 315 -0.59 -6.94 -35.20
CA ALA D 315 -0.55 -5.77 -34.33
C ALA D 315 -0.18 -4.49 -35.06
N THR D 316 0.37 -4.57 -36.27
CA THR D 316 0.69 -3.40 -37.07
C THR D 316 -0.49 -2.94 -37.93
N VAL D 317 -1.47 -3.81 -38.13
CA VAL D 317 -2.61 -3.46 -38.97
C VAL D 317 -3.34 -2.21 -38.47
N PRO D 318 -3.63 -2.05 -37.17
CA PRO D 318 -4.40 -0.85 -36.75
C PRO D 318 -3.73 0.47 -37.07
N VAL D 319 -2.41 0.60 -36.83
CA VAL D 319 -1.77 1.88 -37.15
C VAL D 319 -1.78 2.12 -38.65
N ILE D 320 -1.71 1.06 -39.46
CA ILE D 320 -1.83 1.22 -40.90
C ILE D 320 -3.21 1.79 -41.24
N LEU D 321 -4.27 1.21 -40.66
CA LEU D 321 -5.60 1.70 -40.95
C LEU D 321 -5.82 3.10 -40.36
N ALA D 322 -5.31 3.35 -39.15
CA ALA D 322 -5.59 4.62 -38.50
C ALA D 322 -4.84 5.77 -39.14
N ARG D 323 -3.61 5.52 -39.61
CA ARG D 323 -2.79 6.57 -40.21
C ARG D 323 -2.66 6.48 -41.72
N GLY D 324 -3.11 5.39 -42.33
CA GLY D 324 -3.06 5.29 -43.77
C GLY D 324 -1.88 4.45 -44.25
N ALA D 325 -2.08 3.79 -45.40
CA ALA D 325 -1.06 2.91 -45.97
C ALA D 325 0.21 3.66 -46.33
N GLN D 326 0.09 4.85 -46.93
CA GLN D 326 1.27 5.55 -47.38
C GLN D 326 2.09 6.09 -46.22
N TYR D 327 1.43 6.51 -45.13
CA TYR D 327 2.18 6.93 -43.95
C TYR D 327 3.13 5.83 -43.48
N TYR D 328 2.64 4.58 -43.45
CA TYR D 328 3.48 3.46 -43.05
C TYR D 328 4.56 3.16 -44.08
N ARG D 329 4.19 3.15 -45.37
CA ARG D 329 5.16 2.78 -46.40
C ARG D 329 6.34 3.76 -46.47
N ASP D 330 6.14 5.00 -46.02
CA ASP D 330 7.23 5.99 -46.07
C ASP D 330 8.44 5.54 -45.27
N TYR D 331 8.23 4.79 -44.19
CA TYR D 331 9.31 4.28 -43.37
C TYR D 331 9.97 3.09 -44.03
N GLY D 332 11.28 2.95 -43.81
CA GLY D 332 12.03 1.79 -44.19
C GLY D 332 12.95 2.03 -45.39
N MET D 333 13.33 0.94 -46.03
CA MET D 333 14.19 1.04 -47.20
C MET D 333 13.93 -0.14 -48.13
N GLY D 334 14.32 0.03 -49.41
CA GLY D 334 14.12 -1.04 -50.38
C GLY D 334 12.67 -1.51 -50.37
N ARG D 335 12.48 -2.83 -50.28
CA ARG D 335 11.15 -3.42 -50.14
C ARG D 335 10.79 -3.69 -48.69
N SER D 336 11.65 -3.28 -47.74
CA SER D 336 11.42 -3.51 -46.33
C SER D 336 10.78 -2.24 -45.78
N ARG D 337 9.47 -2.13 -45.97
CA ARG D 337 8.76 -0.91 -45.64
C ARG D 337 8.21 -1.01 -44.23
N GLY D 338 8.17 0.12 -43.54
CA GLY D 338 7.67 0.19 -42.19
C GLY D 338 8.78 0.11 -41.16
N THR D 339 8.40 -0.34 -39.97
CA THR D 339 9.35 -0.50 -38.89
C THR D 339 9.28 -1.93 -38.38
N LEU D 340 10.31 -2.31 -37.64
CA LEU D 340 10.31 -3.59 -36.97
C LEU D 340 10.70 -3.40 -35.51
N PRO D 341 9.98 -4.05 -34.57
CA PRO D 341 10.44 -4.07 -33.19
C PRO D 341 11.62 -5.02 -33.02
N PHE D 342 12.83 -4.47 -33.10
CA PHE D 342 14.02 -5.29 -32.85
C PHE D 342 14.13 -5.58 -31.37
N GLN D 343 14.63 -6.78 -31.04
CA GLN D 343 14.74 -7.23 -29.66
C GLN D 343 16.21 -7.51 -29.39
N LEU D 344 16.81 -6.67 -28.53
CA LEU D 344 18.21 -6.80 -28.18
C LEU D 344 18.32 -7.73 -26.99
N ALA D 345 19.04 -8.84 -27.15
CA ALA D 345 18.98 -9.90 -26.16
C ALA D 345 20.35 -10.52 -25.95
N GLY D 346 20.42 -11.35 -24.92
CA GLY D 346 21.64 -12.09 -24.67
C GLY D 346 22.66 -11.31 -23.86
N ASN D 347 23.93 -11.35 -24.28
CA ASN D 347 25.02 -10.69 -23.55
C ASN D 347 25.09 -9.23 -24.01
N ILE D 348 24.11 -8.46 -23.56
CA ILE D 348 23.88 -7.09 -23.99
C ILE D 348 23.72 -6.22 -22.74
N LYS D 349 24.38 -5.06 -22.74
CA LYS D 349 24.33 -4.20 -21.55
C LYS D 349 22.95 -3.58 -21.36
N GLN D 350 22.33 -3.09 -22.43
CA GLN D 350 21.04 -2.40 -22.37
C GLN D 350 20.09 -3.13 -23.30
N GLY D 351 19.50 -4.22 -22.79
CA GLY D 351 18.64 -5.05 -23.60
C GLY D 351 17.20 -4.58 -23.56
N GLY D 352 16.45 -4.97 -24.58
CA GLY D 352 15.04 -4.67 -24.66
C GLY D 352 14.60 -4.43 -26.09
N LEU D 353 13.63 -3.55 -26.22
CA LEU D 353 12.79 -3.42 -27.41
C LEU D 353 13.15 -2.12 -28.12
N VAL D 354 13.62 -2.22 -29.36
CA VAL D 354 13.99 -1.04 -30.14
C VAL D 354 13.24 -1.12 -31.46
N GLU D 355 12.15 -0.37 -31.60
CA GLU D 355 11.42 -0.33 -32.85
C GLU D 355 12.06 0.72 -33.77
N LYS D 356 12.48 0.29 -34.95
CA LYS D 356 13.13 1.20 -35.87
C LYS D 356 12.70 0.90 -37.31
N ALA D 357 12.68 1.94 -38.13
CA ALA D 357 12.52 1.74 -39.57
C ALA D 357 13.60 0.78 -40.07
N PHE D 358 13.22 -0.10 -41.00
CA PHE D 358 14.23 -0.90 -41.69
C PHE D 358 15.30 0.00 -42.29
N GLY D 359 16.54 -0.47 -42.25
CA GLY D 359 17.68 0.28 -42.73
C GLY D 359 18.70 0.59 -41.66
N VAL D 360 18.30 0.59 -40.38
CA VAL D 360 19.27 0.70 -39.30
C VAL D 360 20.20 -0.49 -39.37
N THR D 361 21.47 -0.28 -39.02
CA THR D 361 22.44 -1.35 -39.05
C THR D 361 22.51 -2.04 -37.70
N LEU D 362 23.02 -3.28 -37.72
CA LEU D 362 23.21 -3.97 -36.46
C LEU D 362 24.17 -3.21 -35.55
N ARG D 363 25.25 -2.66 -36.12
CA ARG D 363 26.20 -1.92 -35.30
C ARG D 363 25.51 -0.78 -34.55
N GLU D 364 24.63 -0.02 -35.21
CA GLU D 364 23.89 1.03 -34.53
C GLU D 364 23.09 0.48 -33.36
N LEU D 365 22.38 -0.64 -33.56
CA LEU D 365 21.58 -1.21 -32.49
C LEU D 365 22.45 -1.72 -31.36
N LEU D 366 23.57 -2.38 -31.70
CA LEU D 366 24.46 -2.97 -30.70
C LEU D 366 25.14 -1.90 -29.85
N VAL D 367 25.58 -0.82 -30.47
CA VAL D 367 26.43 0.15 -29.81
C VAL D 367 25.61 1.33 -29.33
N ASP D 368 24.87 1.98 -30.22
CA ASP D 368 24.14 3.18 -29.83
C ASP D 368 23.00 2.84 -28.87
N TYR D 369 22.36 1.68 -29.04
CA TYR D 369 21.26 1.32 -28.13
C TYR D 369 21.67 0.31 -27.07
N GLY D 370 22.26 -0.81 -27.48
CA GLY D 370 22.61 -1.86 -26.52
C GLY D 370 23.77 -1.50 -25.61
N GLY D 371 24.64 -0.58 -26.03
CA GLY D 371 25.80 -0.22 -25.24
C GLY D 371 26.81 -1.34 -25.07
N GLY D 372 26.88 -2.25 -26.02
CA GLY D 372 27.84 -3.34 -25.92
C GLY D 372 27.34 -4.48 -25.05
N THR D 373 28.29 -5.36 -24.69
CA THR D 373 27.95 -6.57 -23.95
C THR D 373 27.67 -6.27 -22.48
N ARG D 374 26.95 -7.20 -21.84
CA ARG D 374 26.80 -7.14 -20.39
C ARG D 374 28.14 -7.39 -19.71
N SER D 375 28.93 -8.30 -20.27
CA SER D 375 30.21 -8.66 -19.66
C SER D 375 31.24 -7.55 -19.77
N GLY D 376 31.10 -6.66 -20.75
CA GLY D 376 32.15 -5.70 -21.06
C GLY D 376 33.18 -6.20 -22.05
N ARG D 377 33.17 -7.49 -22.38
CA ARG D 377 34.10 -8.02 -23.35
C ARG D 377 33.65 -7.66 -24.76
N ALA D 378 34.56 -7.86 -25.72
CA ALA D 378 34.24 -7.59 -27.11
C ALA D 378 33.12 -8.50 -27.59
N ILE D 379 32.22 -7.95 -28.42
CA ILE D 379 31.26 -8.78 -29.13
C ILE D 379 32.02 -9.66 -30.10
N ARG D 380 31.68 -10.95 -30.13
CA ARG D 380 32.34 -11.84 -31.10
C ARG D 380 31.40 -12.36 -32.16
N ALA D 381 30.15 -12.68 -31.81
CA ALA D 381 29.21 -13.25 -32.75
C ALA D 381 27.79 -12.87 -32.32
N VAL D 382 26.94 -12.57 -33.30
CA VAL D 382 25.56 -12.18 -33.01
C VAL D 382 24.65 -13.05 -33.86
N GLN D 383 23.74 -13.76 -33.22
CA GLN D 383 22.75 -14.52 -33.98
C GLN D 383 21.53 -13.64 -34.16
N VAL D 384 21.21 -13.35 -35.41
CA VAL D 384 20.03 -12.57 -35.76
C VAL D 384 19.00 -13.52 -36.37
N GLY D 385 17.74 -13.32 -36.02
CA GLY D 385 16.63 -14.06 -36.59
C GLY D 385 16.28 -15.35 -35.87
N GLY D 386 16.87 -15.63 -34.72
CA GLY D 386 16.49 -16.77 -33.93
C GLY D 386 17.45 -17.94 -34.07
N PRO D 387 17.09 -19.08 -33.48
CA PRO D 387 17.94 -20.28 -33.59
C PRO D 387 18.17 -20.73 -35.02
N LEU D 388 17.28 -20.39 -35.95
CA LEU D 388 17.47 -20.76 -37.34
C LEU D 388 18.18 -19.67 -38.12
N GLY D 389 18.60 -18.59 -37.47
CA GLY D 389 19.35 -17.56 -38.17
C GLY D 389 20.83 -17.83 -38.20
N ALA D 390 21.52 -17.13 -39.10
CA ALA D 390 22.98 -17.20 -39.15
C ALA D 390 23.60 -16.37 -38.02
N TYR D 391 24.77 -16.81 -37.56
CA TYR D 391 25.65 -15.99 -36.74
C TYR D 391 26.34 -14.96 -37.62
N LEU D 392 26.37 -13.72 -37.17
CA LEU D 392 27.05 -12.64 -37.88
C LEU D 392 28.35 -12.29 -37.18
N PRO D 393 29.46 -12.20 -37.91
CA PRO D 393 30.69 -11.64 -37.35
C PRO D 393 30.65 -10.12 -37.45
N GLU D 394 31.63 -9.50 -36.79
CA GLU D 394 31.72 -8.04 -36.82
C GLU D 394 31.74 -7.49 -38.25
N SER D 395 32.32 -8.23 -39.20
CA SER D 395 32.37 -7.75 -40.58
C SER D 395 31.00 -7.58 -41.23
N ARG D 396 29.93 -8.13 -40.63
CA ARG D 396 28.58 -7.97 -41.15
C ARG D 396 27.76 -6.93 -40.40
N PHE D 397 28.33 -6.27 -39.39
CA PHE D 397 27.50 -5.40 -38.56
C PHE D 397 27.06 -4.14 -39.29
N ASP D 398 27.59 -3.85 -40.47
CA ASP D 398 27.19 -2.62 -41.14
C ASP D 398 26.21 -2.86 -42.27
N VAL D 399 25.83 -4.10 -42.53
CA VAL D 399 24.73 -4.36 -43.47
C VAL D 399 23.45 -3.77 -42.89
N PRO D 400 22.68 -3.02 -43.68
CA PRO D 400 21.38 -2.51 -43.19
C PRO D 400 20.45 -3.67 -42.88
N LEU D 401 19.73 -3.53 -41.76
CA LEU D 401 18.74 -4.54 -41.40
C LEU D 401 17.56 -4.39 -42.34
N ASP D 402 17.53 -5.25 -43.35
CA ASP D 402 16.59 -5.18 -44.46
C ASP D 402 16.53 -6.61 -44.97
N TYR D 403 15.31 -7.12 -45.24
CA TYR D 403 15.18 -8.54 -45.56
C TYR D 403 16.11 -8.94 -46.71
N GLU D 404 16.16 -8.13 -47.76
CA GLU D 404 16.94 -8.49 -48.96
C GLU D 404 18.44 -8.33 -48.74
N ALA D 405 18.87 -7.28 -48.04
CA ALA D 405 20.29 -7.07 -47.83
C ALA D 405 20.89 -8.16 -46.94
N TYR D 406 20.12 -8.67 -45.97
CA TYR D 406 20.57 -9.79 -45.15
C TYR D 406 20.60 -11.09 -45.96
N ALA D 407 19.54 -11.35 -46.74
CA ALA D 407 19.46 -12.57 -47.54
C ALA D 407 20.66 -12.68 -48.47
N ALA D 408 21.14 -11.55 -48.97
CA ALA D 408 22.22 -11.57 -49.95
C ALA D 408 23.45 -12.29 -49.44
N PHE D 409 23.75 -12.20 -48.13
CA PHE D 409 24.93 -12.88 -47.59
C PHE D 409 24.57 -14.10 -46.73
N GLY D 410 23.30 -14.49 -46.69
CA GLY D 410 22.89 -15.58 -45.85
C GLY D 410 22.44 -15.18 -44.46
N GLY D 411 22.36 -13.88 -44.18
CA GLY D 411 21.77 -13.46 -42.94
C GLY D 411 20.26 -13.61 -42.95
N VAL D 412 19.67 -13.63 -41.75
CA VAL D 412 18.25 -13.80 -41.55
C VAL D 412 17.78 -12.69 -40.59
N VAL D 413 16.95 -11.77 -41.07
CA VAL D 413 16.35 -10.80 -40.15
C VAL D 413 15.33 -11.50 -39.27
N GLY D 414 14.49 -12.33 -39.88
CA GLY D 414 13.48 -13.05 -39.14
C GLY D 414 12.60 -12.10 -38.38
N HIS D 415 12.30 -12.48 -37.14
CA HIS D 415 11.46 -11.69 -36.27
C HIS D 415 12.16 -10.45 -35.71
N GLY D 416 13.42 -10.21 -36.07
CA GLY D 416 14.14 -9.07 -35.52
C GLY D 416 14.80 -9.29 -34.17
N GLY D 417 14.90 -10.54 -33.71
CA GLY D 417 15.65 -10.81 -32.49
C GLY D 417 17.15 -10.88 -32.74
N ILE D 418 17.89 -10.43 -31.73
CA ILE D 418 19.32 -10.17 -31.81
C ILE D 418 19.95 -10.71 -30.53
N VAL D 419 20.72 -11.79 -30.64
CA VAL D 419 21.34 -12.46 -29.50
C VAL D 419 22.84 -12.24 -29.56
N VAL D 420 23.39 -11.57 -28.55
CA VAL D 420 24.79 -11.14 -28.57
C VAL D 420 25.64 -12.13 -27.79
N PHE D 421 26.73 -12.59 -28.40
CA PHE D 421 27.74 -13.37 -27.70
C PHE D 421 29.05 -12.60 -27.66
N ASP D 422 29.72 -12.63 -26.52
CA ASP D 422 31.01 -11.98 -26.38
C ASP D 422 32.12 -12.95 -26.77
N GLU D 423 33.37 -12.52 -26.58
CA GLU D 423 34.53 -13.26 -27.07
C GLU D 423 34.68 -14.64 -26.45
N THR D 424 34.01 -14.94 -25.35
CA THR D 424 34.13 -16.26 -24.73
C THR D 424 33.36 -17.34 -25.47
N VAL D 425 32.54 -16.96 -26.46
CA VAL D 425 31.67 -17.94 -27.10
C VAL D 425 32.52 -19.00 -27.80
N ASP D 426 32.08 -20.26 -27.68
CA ASP D 426 32.71 -21.38 -28.38
C ASP D 426 31.78 -21.73 -29.53
N MET D 427 32.18 -21.40 -30.76
CA MET D 427 31.29 -21.55 -31.89
C MET D 427 31.09 -23.02 -32.28
N ALA D 428 32.02 -23.91 -31.88
CA ALA D 428 31.79 -25.33 -32.07
C ALA D 428 30.67 -25.83 -31.16
N LYS D 429 30.63 -25.37 -29.91
CA LYS D 429 29.51 -25.70 -29.05
C LYS D 429 28.21 -25.06 -29.52
N GLN D 430 28.27 -23.86 -30.08
CA GLN D 430 27.05 -23.28 -30.64
C GLN D 430 26.53 -24.13 -31.80
N ALA D 431 27.43 -24.57 -32.70
CA ALA D 431 27.00 -25.43 -33.80
C ALA D 431 26.41 -26.73 -33.29
N ARG D 432 27.07 -27.35 -32.31
CA ARG D 432 26.54 -28.56 -31.70
C ARG D 432 25.12 -28.32 -31.15
N TYR D 433 24.92 -27.17 -30.50
CA TYR D 433 23.60 -26.87 -29.94
C TYR D 433 22.55 -26.76 -31.03
N ALA D 434 22.91 -26.15 -32.17
CA ALA D 434 21.92 -26.02 -33.25
C ALA D 434 21.41 -27.39 -33.67
N MET D 435 22.31 -28.37 -33.76
CA MET D 435 21.94 -29.74 -34.10
C MET D 435 21.14 -30.39 -32.98
N GLU D 436 21.55 -30.19 -31.74
CA GLU D 436 20.83 -30.74 -30.59
C GLU D 436 19.41 -30.20 -30.52
N PHE D 437 19.24 -28.90 -30.76
CA PHE D 437 17.90 -28.30 -30.70
C PHE D 437 17.02 -28.88 -31.80
N CYS D 438 17.58 -29.06 -32.99
CA CYS D 438 16.81 -29.66 -34.08
C CYS D 438 16.39 -31.08 -33.74
N ALA D 439 17.29 -31.86 -33.13
CA ALA D 439 16.94 -33.22 -32.74
C ALA D 439 15.82 -33.21 -31.69
N ILE D 440 15.85 -32.24 -30.77
CA ILE D 440 14.82 -32.14 -29.74
C ILE D 440 13.48 -31.78 -30.36
N GLU D 441 13.48 -30.79 -31.26
CA GLU D 441 12.23 -30.21 -31.74
C GLU D 441 11.69 -30.82 -33.02
N SER D 442 12.45 -31.70 -33.67
CA SER D 442 12.01 -32.26 -34.95
C SER D 442 10.64 -32.91 -34.82
N CYS D 443 9.72 -32.58 -35.73
CA CYS D 443 8.42 -33.21 -35.72
C CYS D 443 8.48 -34.68 -36.14
N GLY D 444 9.58 -35.13 -36.76
CA GLY D 444 9.80 -36.54 -37.06
C GLY D 444 9.51 -36.95 -38.49
N LYS D 445 8.96 -36.07 -39.31
CA LYS D 445 8.55 -36.43 -40.65
C LYS D 445 9.74 -36.66 -41.58
N CYS D 446 10.88 -36.03 -41.30
CA CYS D 446 12.02 -36.02 -42.22
C CYS D 446 13.23 -36.68 -41.57
N THR D 447 13.89 -37.57 -42.31
CA THR D 447 15.09 -38.25 -41.81
C THR D 447 16.25 -37.29 -41.55
N PRO D 448 16.62 -36.37 -42.46
CA PRO D 448 17.76 -35.49 -42.15
C PRO D 448 17.53 -34.68 -40.89
N CYS D 449 16.28 -34.21 -40.71
CA CYS D 449 15.95 -33.42 -39.55
C CYS D 449 15.89 -34.29 -38.28
N ARG D 450 15.26 -35.46 -38.37
CA ARG D 450 15.03 -36.29 -37.18
C ARG D 450 16.28 -37.02 -36.73
N ILE D 451 17.02 -37.57 -37.68
CA ILE D 451 18.17 -38.44 -37.41
C ILE D 451 19.48 -37.78 -37.80
N GLY D 452 19.51 -37.04 -38.91
CA GLY D 452 20.74 -36.37 -39.30
C GLY D 452 21.21 -35.38 -38.26
N SER D 453 20.26 -34.71 -37.60
CA SER D 453 20.61 -33.80 -36.51
C SER D 453 21.37 -34.53 -35.40
N THR D 454 20.88 -35.70 -34.99
CA THR D 454 21.56 -36.43 -33.93
C THR D 454 22.95 -36.88 -34.35
N ARG D 455 23.10 -37.30 -35.62
CA ARG D 455 24.43 -37.65 -36.10
C ARG D 455 25.34 -36.43 -36.12
N GLY D 456 24.79 -35.26 -36.48
CA GLY D 456 25.54 -34.02 -36.44
C GLY D 456 25.99 -33.63 -35.04
N VAL D 457 25.16 -33.90 -34.03
CA VAL D 457 25.58 -33.68 -32.65
C VAL D 457 26.80 -34.54 -32.36
N GLU D 458 26.72 -35.82 -32.70
CA GLU D 458 27.81 -36.75 -32.44
C GLU D 458 29.09 -36.34 -33.17
N VAL D 459 28.98 -35.96 -34.44
CA VAL D 459 30.17 -35.53 -35.17
C VAL D 459 30.76 -34.26 -34.56
N MET D 460 29.90 -33.30 -34.20
CA MET D 460 30.38 -32.12 -33.48
C MET D 460 31.09 -32.50 -32.19
N ASP D 461 30.59 -33.52 -31.48
CA ASP D 461 31.27 -33.99 -30.27
C ASP D 461 32.70 -34.44 -30.56
N ARG D 462 32.92 -35.14 -31.68
CA ARG D 462 34.28 -35.53 -32.05
C ARG D 462 35.15 -34.29 -32.31
N ILE D 463 34.59 -33.28 -33.00
CA ILE D 463 35.32 -32.06 -33.31
C ILE D 463 35.68 -31.33 -32.03
N ILE D 464 34.73 -31.24 -31.09
CA ILE D 464 34.97 -30.56 -29.84
C ILE D 464 36.04 -31.29 -29.03
N ALA D 465 36.09 -32.61 -29.13
CA ALA D 465 37.18 -33.37 -28.52
C ALA D 465 38.47 -33.30 -29.34
N GLY D 466 38.48 -32.61 -30.47
CA GLY D 466 39.70 -32.47 -31.25
C GLY D 466 40.01 -33.65 -32.14
N GLU D 467 39.05 -34.52 -32.43
CA GLU D 467 39.30 -35.71 -33.22
C GLU D 467 39.09 -35.40 -34.71
N GLN D 468 40.15 -35.51 -35.51
CA GLN D 468 40.13 -35.38 -36.96
C GLN D 468 39.26 -34.19 -37.43
N PRO D 469 39.67 -32.96 -37.08
CA PRO D 469 38.77 -31.82 -37.37
C PRO D 469 38.45 -31.66 -38.86
N VAL D 470 39.42 -31.80 -39.75
CA VAL D 470 39.17 -31.57 -41.17
C VAL D 470 38.16 -32.57 -41.73
N LYS D 471 38.39 -33.86 -41.51
CA LYS D 471 37.45 -34.89 -41.95
C LYS D 471 36.06 -34.66 -41.39
N HIS D 472 35.96 -34.33 -40.09
CA HIS D 472 34.64 -34.30 -39.48
C HIS D 472 33.89 -33.02 -39.81
N VAL D 473 34.60 -31.91 -40.01
CA VAL D 473 33.93 -30.71 -40.52
C VAL D 473 33.34 -30.98 -41.89
N ALA D 474 34.07 -31.73 -42.75
CA ALA D 474 33.51 -32.11 -44.04
C ALA D 474 32.23 -32.94 -43.88
N LEU D 475 32.22 -33.86 -42.89
CA LEU D 475 30.99 -34.63 -42.63
C LEU D 475 29.86 -33.73 -42.18
N VAL D 476 30.15 -32.72 -41.35
CA VAL D 476 29.10 -31.82 -40.89
C VAL D 476 28.54 -31.02 -42.06
N ARG D 477 29.41 -30.50 -42.94
CA ARG D 477 28.92 -29.75 -44.08
C ARG D 477 28.12 -30.64 -45.02
N ASP D 478 28.55 -31.89 -45.21
CA ASP D 478 27.78 -32.84 -45.99
C ASP D 478 26.41 -33.06 -45.37
N LEU D 479 26.36 -33.26 -44.06
CA LEU D 479 25.08 -33.43 -43.38
C LEU D 479 24.22 -32.17 -43.53
N CYS D 480 24.86 -31.00 -43.45
CA CYS D 480 24.12 -29.75 -43.63
C CYS D 480 23.49 -29.69 -45.00
N ASP D 481 24.23 -30.12 -46.03
CA ASP D 481 23.69 -30.14 -47.38
C ASP D 481 22.48 -31.06 -47.47
N THR D 482 22.52 -32.23 -46.81
CA THR D 482 21.37 -33.14 -46.82
C THR D 482 20.15 -32.51 -46.13
N MET D 483 20.38 -31.73 -45.07
CA MET D 483 19.25 -31.07 -44.40
C MET D 483 18.70 -29.94 -45.26
N LEU D 484 19.57 -29.19 -45.94
CA LEU D 484 19.12 -28.14 -46.85
C LEU D 484 18.25 -28.70 -47.96
N ASN D 485 18.47 -29.94 -48.38
CA ASN D 485 17.82 -30.50 -49.54
C ASN D 485 16.72 -31.49 -49.22
N GLY D 486 16.64 -31.96 -47.99
CA GLY D 486 15.72 -33.03 -47.66
C GLY D 486 14.82 -32.72 -46.48
N SER D 487 14.55 -31.44 -46.23
CA SER D 487 13.74 -30.99 -45.10
C SER D 487 12.44 -30.39 -45.62
N LEU D 488 11.31 -30.82 -45.05
CA LEU D 488 10.01 -30.34 -45.54
C LEU D 488 9.62 -28.99 -44.95
N CYS D 489 10.31 -28.51 -43.93
CA CYS D 489 10.09 -27.16 -43.44
C CYS D 489 11.42 -26.60 -42.95
N ALA D 490 11.40 -25.34 -42.52
CA ALA D 490 12.62 -24.64 -42.17
C ALA D 490 13.26 -25.13 -40.88
N MET D 491 12.56 -25.92 -40.07
CA MET D 491 13.23 -26.49 -38.89
C MET D 491 14.48 -27.24 -39.33
N GLY D 492 14.31 -28.29 -40.14
CA GLY D 492 15.45 -28.99 -40.68
C GLY D 492 16.21 -28.18 -41.73
N GLY D 493 15.47 -27.40 -42.53
CA GLY D 493 16.05 -26.71 -43.66
C GLY D 493 16.91 -25.52 -43.27
N MET D 494 16.65 -24.94 -42.11
CA MET D 494 17.45 -23.81 -41.69
C MET D 494 18.36 -24.11 -40.52
N THR D 495 18.28 -25.32 -39.95
CA THR D 495 19.28 -25.69 -38.94
C THR D 495 20.70 -25.56 -39.48
N PRO D 496 20.99 -25.83 -40.75
CA PRO D 496 22.35 -25.57 -41.25
C PRO D 496 22.78 -24.11 -41.20
N TYR D 497 21.86 -23.14 -41.06
CA TYR D 497 22.28 -21.75 -41.14
C TYR D 497 23.21 -21.36 -39.99
N PRO D 498 22.88 -21.61 -38.71
CA PRO D 498 23.87 -21.30 -37.67
C PRO D 498 25.12 -22.17 -37.75
N VAL D 499 24.99 -23.41 -38.21
CA VAL D 499 26.14 -24.32 -38.28
C VAL D 499 27.11 -23.84 -39.37
N LEU D 500 26.59 -23.59 -40.57
CA LEU D 500 27.47 -23.22 -41.67
C LEU D 500 28.07 -21.82 -41.49
N SER D 501 27.32 -20.89 -40.90
CA SER D 501 27.89 -19.57 -40.66
C SER D 501 28.94 -19.62 -39.56
N ALA D 502 28.68 -20.39 -38.49
CA ALA D 502 29.71 -20.60 -37.48
C ALA D 502 30.98 -21.16 -38.11
N LEU D 503 30.84 -22.18 -38.96
CA LEU D 503 32.00 -22.78 -39.63
C LEU D 503 32.70 -21.79 -40.54
N ASN D 504 31.94 -21.00 -41.29
CA ASN D 504 32.56 -20.08 -42.24
C ASN D 504 33.31 -18.96 -41.53
N GLU D 505 32.71 -18.41 -40.47
CA GLU D 505 33.28 -17.22 -39.84
C GLU D 505 34.21 -17.50 -38.68
N PHE D 506 34.13 -18.68 -38.05
CA PHE D 506 34.94 -19.00 -36.88
C PHE D 506 35.56 -20.39 -37.02
N PRO D 507 36.29 -20.64 -38.12
CA PRO D 507 36.83 -21.99 -38.32
C PRO D 507 37.81 -22.43 -37.24
N GLU D 508 38.48 -21.48 -36.57
CA GLU D 508 39.43 -21.82 -35.52
C GLU D 508 38.77 -22.50 -34.33
N ASP D 509 37.49 -22.20 -34.06
CA ASP D 509 36.80 -22.87 -32.95
C ASP D 509 36.57 -24.34 -33.22
N PHE D 510 36.71 -24.77 -34.47
CA PHE D 510 36.51 -26.16 -34.87
C PHE D 510 37.84 -26.90 -35.08
N GLY D 511 38.95 -26.29 -34.67
CA GLY D 511 40.25 -26.90 -34.90
C GLY D 511 40.75 -26.83 -36.32
N LEU D 512 40.25 -25.91 -37.13
CA LEU D 512 40.76 -25.71 -38.48
C LEU D 512 41.70 -24.50 -38.52
N ALA D 513 42.43 -24.37 -39.62
CA ALA D 513 43.13 -23.13 -39.92
C ALA D 513 42.12 -22.02 -40.25
N SER D 514 42.42 -20.81 -39.80
CA SER D 514 41.50 -19.68 -39.97
C SER D 514 41.55 -19.09 -41.38
FE1 FES E . -5.61 4.95 31.87
FE2 FES E . -7.13 7.07 31.13
S1 FES E . -5.74 5.87 29.85
S2 FES E . -7.11 5.97 33.10
N1 FMN F . -10.29 22.80 33.60
C2 FMN F . -10.11 22.23 32.24
O2 FMN F . -10.64 22.69 31.31
N3 FMN F . -9.27 21.03 31.99
C4 FMN F . -8.60 20.46 33.13
O4 FMN F . -7.95 19.51 33.01
C4A FMN F . -8.78 21.03 34.52
N5 FMN F . -8.07 20.36 35.59
C5A FMN F . -8.18 20.89 36.97
C6 FMN F . -7.46 20.22 37.97
C7 FMN F . -7.55 20.68 39.28
C7M FMN F . -6.73 19.85 40.30
C8 FMN F . -8.33 21.81 39.55
C8M FMN F . -8.40 22.31 41.00
C9 FMN F . -9.05 22.49 38.56
C9A FMN F . -8.98 22.03 37.23
N10 FMN F . -9.71 22.72 36.09
C10 FMN F . -9.59 22.19 34.74
C1' FMN F . -10.57 23.90 36.28
C2' FMN F . -9.87 25.25 36.01
O2' FMN F . -9.33 25.68 37.23
C3' FMN F . -10.90 26.30 35.54
O3' FMN F . -12.21 25.96 35.94
C4' FMN F . -10.85 26.58 34.02
O4' FMN F . -10.88 27.97 33.83
C5' FMN F . -12.01 25.94 33.27
O5' FMN F . -12.48 26.74 32.19
P FMN F . -14.07 26.54 31.72
O1P FMN F . -14.23 26.57 30.22
O2P FMN F . -14.85 27.72 32.25
O3P FMN F . -14.59 25.24 32.29
FE1 SF4 G . -4.25 22.88 45.52
FE2 SF4 G . -3.09 23.40 47.95
FE3 SF4 G . -1.52 22.99 45.77
FE4 SF4 G . -2.99 20.96 46.88
S1 SF4 G . -1.22 22.08 47.81
S2 SF4 G . -2.71 21.39 44.65
S3 SF4 G . -4.90 22.05 47.54
S4 SF4 G . -3.00 24.70 46.13
PA NAI H . -14.39 28.85 40.20
O1A NAI H . -15.84 28.42 40.33
O2A NAI H . -13.58 29.75 41.07
O5B NAI H . -14.60 29.83 38.76
C5B NAI H . -14.46 29.01 37.64
C4B NAI H . -14.13 29.84 36.40
O4B NAI H . -14.92 31.05 36.43
C3B NAI H . -12.64 30.24 36.50
O3B NAI H . -12.21 30.30 35.16
C2B NAI H . -12.72 31.62 37.22
O2B NAI H . -11.63 32.44 36.96
C1B NAI H . -14.00 32.18 36.49
N9A NAI H . -14.77 33.27 37.17
C8A NAI H . -15.48 33.31 38.39
N7A NAI H . -16.07 34.49 38.60
C5A NAI H . -15.76 35.28 37.47
C6A NAI H . -16.09 36.61 37.07
N6A NAI H . -16.85 37.41 37.86
N1A NAI H . -15.64 37.11 35.88
C2A NAI H . -14.88 36.27 35.13
N3A NAI H . -14.50 35.00 35.37
C4A NAI H . -14.96 34.53 36.56
O3 NAI H . -13.75 27.41 39.75
PN NAI H . -12.14 27.33 39.64
O1N NAI H . -11.93 27.34 38.16
O2N NAI H . -11.26 27.92 40.72
O5D NAI H . -11.74 25.60 39.87
FE1 FES I . 16.25 -17.86 -22.31
FE2 FES I . 14.88 -16.41 -24.20
S1 FES I . 14.54 -16.51 -22.01
S2 FES I . 16.72 -17.62 -24.42
N1 FMN J . 6.02 -17.57 -37.29
C2 FMN J . 5.61 -16.75 -36.11
O2 FMN J . 4.97 -15.77 -36.27
N3 FMN J . 6.00 -17.15 -34.74
C4 FMN J . 6.78 -18.36 -34.55
O4 FMN J . 7.12 -18.70 -33.49
C4A FMN J . 7.20 -19.19 -35.76
N5 FMN J . 7.99 -20.39 -35.55
C5A FMN J . 8.40 -21.23 -36.71
C6 FMN J . 9.16 -22.41 -36.46
C7 FMN J . 9.54 -23.19 -37.56
C7M FMN J . 10.37 -24.44 -37.16
C8 FMN J . 9.17 -22.82 -38.86
C8M FMN J . 9.58 -23.66 -40.08
C9 FMN J . 8.42 -21.66 -39.10
C9A FMN J . 8.02 -20.86 -38.02
N10 FMN J . 7.22 -19.60 -38.24
C10 FMN J . 6.82 -18.79 -37.09
C1' FMN J . 6.80 -19.14 -39.58
C2' FMN J . 5.36 -19.56 -39.89
O2' FMN J . 5.42 -20.78 -40.57
C3' FMN J . 4.67 -18.51 -40.78
O3' FMN J . 5.49 -18.19 -41.88
C4' FMN J . 4.31 -17.20 -40.04
O4' FMN J . 3.54 -17.41 -38.86
C5' FMN J . 3.51 -16.39 -41.07
O5' FMN J . 2.95 -15.21 -40.52
P FMN J . 3.56 -13.77 -41.08
O1P FMN J . 3.36 -13.70 -42.56
O2P FMN J . 5.03 -13.73 -40.73
O3P FMN J . 2.83 -12.61 -40.41
FE1 SF4 K . 10.14 -29.77 -40.58
FE2 SF4 K . 10.66 -32.28 -41.50
FE3 SF4 K . 9.23 -32.03 -39.26
FE4 SF4 K . 11.88 -31.35 -39.27
S1 SF4 K . 10.97 -33.44 -39.57
S2 SF4 K . 10.20 -30.16 -38.30
S3 SF4 K . 12.13 -30.51 -41.39
S4 SF4 K . 8.63 -31.29 -41.33
PA NAI L . 6.92 -19.46 -46.50
O1A NAI L . 6.11 -20.48 -47.24
O2A NAI L . 7.64 -18.24 -47.02
O5B NAI L . 5.71 -18.64 -45.57
C5B NAI L . 5.13 -17.68 -46.37
C4B NAI L . 3.91 -17.16 -45.65
O4B NAI L . 3.04 -16.60 -46.63
C3B NAI L . 3.20 -18.38 -45.07
O3B NAI L . 2.24 -17.85 -44.21
C2B NAI L . 2.59 -18.93 -46.37
O2B NAI L . 1.46 -19.72 -46.14
C1B NAI L . 2.08 -17.59 -46.98
N9A NAI L . 2.09 -17.63 -48.45
C8A NAI L . 3.08 -18.01 -49.36
N7A NAI L . 2.70 -17.87 -50.62
C5A NAI L . 1.38 -17.37 -50.54
C6A NAI L . 0.43 -17.00 -51.52
N6A NAI L . 0.74 -17.13 -52.85
N1A NAI L . -0.81 -16.51 -51.15
C2A NAI L . -1.04 -16.41 -49.80
N3A NAI L . -0.23 -16.72 -48.76
C4A NAI L . 0.99 -17.20 -49.18
O3 NAI L . 8.06 -20.01 -45.46
PN NAI L . 7.57 -20.33 -43.96
O1N NAI L . 6.57 -21.43 -43.69
O2N NAI L . 7.69 -18.98 -43.33
O5D NAI L . 9.00 -21.04 -43.15
#